data_1MRS
# 
_entry.id   1MRS 
# 
_audit_conform.dict_name       mmcif_pdbx.dic 
_audit_conform.dict_version    5.386 
_audit_conform.dict_location   http://mmcif.pdb.org/dictionaries/ascii/mmcif_pdbx.dic 
# 
loop_
_database_2.database_id 
_database_2.database_code 
_database_2.pdbx_database_accession 
_database_2.pdbx_DOI 
PDB   1MRS         pdb_00001mrs 10.2210/pdb1mrs/pdb 
RCSB  RCSB017133   ?            ?                   
WWPDB D_1000017133 ?            ?                   
# 
loop_
_pdbx_audit_revision_history.ordinal 
_pdbx_audit_revision_history.data_content_type 
_pdbx_audit_revision_history.major_revision 
_pdbx_audit_revision_history.minor_revision 
_pdbx_audit_revision_history.revision_date 
1 'Structure model' 1 0 2003-01-07 
2 'Structure model' 1 1 2008-04-28 
3 'Structure model' 1 2 2011-07-13 
4 'Structure model' 1 3 2024-02-14 
# 
_pdbx_audit_revision_details.ordinal             1 
_pdbx_audit_revision_details.revision_ordinal    1 
_pdbx_audit_revision_details.data_content_type   'Structure model' 
_pdbx_audit_revision_details.provider            repository 
_pdbx_audit_revision_details.type                'Initial release' 
_pdbx_audit_revision_details.description         ? 
_pdbx_audit_revision_details.details             ? 
# 
loop_
_pdbx_audit_revision_group.ordinal 
_pdbx_audit_revision_group.revision_ordinal 
_pdbx_audit_revision_group.data_content_type 
_pdbx_audit_revision_group.group 
1 2 'Structure model' 'Version format compliance' 
2 3 'Structure model' 'Version format compliance' 
3 4 'Structure model' 'Data collection'           
4 4 'Structure model' 'Database references'       
5 4 'Structure model' 'Derived calculations'      
6 4 'Structure model' 'Refinement description'    
# 
loop_
_pdbx_audit_revision_category.ordinal 
_pdbx_audit_revision_category.revision_ordinal 
_pdbx_audit_revision_category.data_content_type 
_pdbx_audit_revision_category.category 
1 4 'Structure model' chem_comp_atom                
2 4 'Structure model' chem_comp_bond                
3 4 'Structure model' database_2                    
4 4 'Structure model' pdbx_initial_refinement_model 
5 4 'Structure model' pdbx_struct_conn_angle        
6 4 'Structure model' struct_conn                   
7 4 'Structure model' struct_site                   
# 
loop_
_pdbx_audit_revision_item.ordinal 
_pdbx_audit_revision_item.revision_ordinal 
_pdbx_audit_revision_item.data_content_type 
_pdbx_audit_revision_item.item 
1  4 'Structure model' '_database_2.pdbx_DOI'                        
2  4 'Structure model' '_database_2.pdbx_database_accession'         
3  4 'Structure model' '_pdbx_struct_conn_angle.ptnr1_auth_comp_id'  
4  4 'Structure model' '_pdbx_struct_conn_angle.ptnr1_auth_seq_id'   
5  4 'Structure model' '_pdbx_struct_conn_angle.ptnr1_label_asym_id' 
6  4 'Structure model' '_pdbx_struct_conn_angle.ptnr1_label_atom_id' 
7  4 'Structure model' '_pdbx_struct_conn_angle.ptnr1_label_comp_id' 
8  4 'Structure model' '_pdbx_struct_conn_angle.ptnr1_label_seq_id'  
9  4 'Structure model' '_pdbx_struct_conn_angle.ptnr3_auth_comp_id'  
10 4 'Structure model' '_pdbx_struct_conn_angle.ptnr3_auth_seq_id'   
11 4 'Structure model' '_pdbx_struct_conn_angle.ptnr3_label_asym_id' 
12 4 'Structure model' '_pdbx_struct_conn_angle.ptnr3_label_atom_id' 
13 4 'Structure model' '_pdbx_struct_conn_angle.ptnr3_label_comp_id' 
14 4 'Structure model' '_pdbx_struct_conn_angle.ptnr3_label_seq_id'  
15 4 'Structure model' '_pdbx_struct_conn_angle.value'               
16 4 'Structure model' '_struct_conn.pdbx_dist_value'                
17 4 'Structure model' '_struct_conn.ptnr1_auth_comp_id'             
18 4 'Structure model' '_struct_conn.ptnr1_auth_seq_id'              
19 4 'Structure model' '_struct_conn.ptnr1_label_asym_id'            
20 4 'Structure model' '_struct_conn.ptnr1_label_atom_id'            
21 4 'Structure model' '_struct_conn.ptnr1_label_comp_id'            
22 4 'Structure model' '_struct_conn.ptnr1_label_seq_id'             
23 4 'Structure model' '_struct_conn.ptnr2_auth_comp_id'             
24 4 'Structure model' '_struct_conn.ptnr2_auth_seq_id'              
25 4 'Structure model' '_struct_conn.ptnr2_label_asym_id'            
26 4 'Structure model' '_struct_conn.ptnr2_label_atom_id'            
27 4 'Structure model' '_struct_conn.ptnr2_label_comp_id'            
28 4 'Structure model' '_struct_conn.ptnr2_label_seq_id'             
29 4 'Structure model' '_struct_site.pdbx_auth_asym_id'              
30 4 'Structure model' '_struct_site.pdbx_auth_comp_id'              
31 4 'Structure model' '_struct_site.pdbx_auth_seq_id'               
# 
_pdbx_database_status.status_code                     REL 
_pdbx_database_status.entry_id                        1MRS 
_pdbx_database_status.recvd_initial_deposition_date   2002-09-18 
_pdbx_database_status.deposit_site                    RCSB 
_pdbx_database_status.process_site                    RCSB 
_pdbx_database_status.status_code_sf                  REL 
_pdbx_database_status.SG_entry                        . 
_pdbx_database_status.pdb_format_compatible           Y 
_pdbx_database_status.status_code_mr                  ? 
_pdbx_database_status.status_code_cs                  ? 
_pdbx_database_status.status_code_nmr_data            ? 
_pdbx_database_status.methods_development_category    ? 
# 
loop_
_pdbx_database_related.db_name 
_pdbx_database_related.db_id 
_pdbx_database_related.details 
_pdbx_database_related.content_type 
PDB 1G3U 'Crystal Structure Of Mycobacterium Tuberculosis Thymidylate Kinase Complexed With Thymidine Monophosphate (Tmp)' 
unspecified 
PDB 1MRN 'CRYSTAL STRUCTURE OF MYCOBACTERIUM TUBERCULOSIS THYMIDYLATE KINASE COMPLEXED WITH BISUBSTRATE INHIBITOR (TP5A)'  
unspecified 
# 
loop_
_audit_author.name 
_audit_author.pdbx_ordinal 
'Haouz, A.'          1 
'Vanheusden, V.'     2 
'Munier-Lehmann, H.' 3 
'Froeyen, M.'        4 
'Herdewijn, P.'      5 
'Van Calenbergh, S.' 6 
'Delarue, M.'        7 
# 
_citation.id                        primary 
_citation.title                     
;Enzymatic and structural analysis of inhibitors designed against Mycobacterium tuberculosis thymidylate kinase. New insights into the phosphoryl transfer mechanism.
;
_citation.journal_abbrev            J.Biol.Chem. 
_citation.journal_volume            278 
_citation.page_first                4963 
_citation.page_last                 4971 
_citation.year                      2003 
_citation.journal_id_ASTM           JBCHA3 
_citation.country                   US 
_citation.journal_id_ISSN           0021-9258 
_citation.journal_id_CSD            0071 
_citation.book_publisher            ? 
_citation.pdbx_database_id_PubMed   12454011 
_citation.pdbx_database_id_DOI      10.1074/jbc.M209630200 
# 
loop_
_citation_author.citation_id 
_citation_author.name 
_citation_author.ordinal 
_citation_author.identifier_ORCID 
primary 'Haouz, A.'          1 ? 
primary 'Vanheusden, V.'     2 ? 
primary 'Munier-Lehmann, H.' 3 ? 
primary 'Froeyen, M.'        4 ? 
# 
loop_
_entity.id 
_entity.type 
_entity.src_method 
_entity.pdbx_description 
_entity.formula_weight 
_entity.pdbx_number_of_molecules 
_entity.pdbx_ec 
_entity.pdbx_mutation 
_entity.pdbx_fragment 
_entity.details 
1 polymer     man 'THYMIDYLATE KINASE'                               22662.525 1  2.7.4.9 ? ? ? 
2 non-polymer syn 'SULFATE ION'                                      96.063    2  ?       ? ? ? 
3 non-polymer syn 'MAGNESIUM ION'                                    24.305    1  ?       ? ? ? 
4 non-polymer syn "5-HYDROXYMETHYLURIDINE-2'-DEOXY-5'-MONOPHOSPHATE" 338.208   1  ?       ? ? ? 
5 water       nat water                                              18.015    77 ?       ? ? ? 
# 
_entity_name_com.entity_id   1 
_entity_name_com.name        'dTMP kinase, Thymidylic acid kinase, TMPK' 
# 
_entity_poly.entity_id                      1 
_entity_poly.type                           'polypeptide(L)' 
_entity_poly.nstd_linkage                   no 
_entity_poly.nstd_monomer                   no 
_entity_poly.pdbx_seq_one_letter_code       
;MLIAIEGVDGAGKRTLVEKLSGAFRAAGRSVATLAFPRYGQSVAADIAAEALHGEHGDLASSVYAMATLFALDRAGAVHT
IQGLCRGYDVVILDRYVASNAAYSAARLHENAAGKAAAWVQRIEFARLGLPKPDWQVLLAVSAELAGERSRGRAQRDPGR
ARDNYERDAELQQRTGAVYAELAAQGWGGRWLVVGADVDPGRLAATLAPPDVPS
;
_entity_poly.pdbx_seq_one_letter_code_can   
;MLIAIEGVDGAGKRTLVEKLSGAFRAAGRSVATLAFPRYGQSVAADIAAEALHGEHGDLASSVYAMATLFALDRAGAVHT
IQGLCRGYDVVILDRYVASNAAYSAARLHENAAGKAAAWVQRIEFARLGLPKPDWQVLLAVSAELAGERSRGRAQRDPGR
ARDNYERDAELQQRTGAVYAELAAQGWGGRWLVVGADVDPGRLAATLAPPDVPS
;
_entity_poly.pdbx_strand_id                 A 
_entity_poly.pdbx_target_identifier         ? 
# 
loop_
_pdbx_entity_nonpoly.entity_id 
_pdbx_entity_nonpoly.name 
_pdbx_entity_nonpoly.comp_id 
2 'SULFATE ION'                                      SO4 
3 'MAGNESIUM ION'                                    MG  
4 "5-HYDROXYMETHYLURIDINE-2'-DEOXY-5'-MONOPHOSPHATE" 5HU 
5 water                                              HOH 
# 
loop_
_entity_poly_seq.entity_id 
_entity_poly_seq.num 
_entity_poly_seq.mon_id 
_entity_poly_seq.hetero 
1 1   MET n 
1 2   LEU n 
1 3   ILE n 
1 4   ALA n 
1 5   ILE n 
1 6   GLU n 
1 7   GLY n 
1 8   VAL n 
1 9   ASP n 
1 10  GLY n 
1 11  ALA n 
1 12  GLY n 
1 13  LYS n 
1 14  ARG n 
1 15  THR n 
1 16  LEU n 
1 17  VAL n 
1 18  GLU n 
1 19  LYS n 
1 20  LEU n 
1 21  SER n 
1 22  GLY n 
1 23  ALA n 
1 24  PHE n 
1 25  ARG n 
1 26  ALA n 
1 27  ALA n 
1 28  GLY n 
1 29  ARG n 
1 30  SER n 
1 31  VAL n 
1 32  ALA n 
1 33  THR n 
1 34  LEU n 
1 35  ALA n 
1 36  PHE n 
1 37  PRO n 
1 38  ARG n 
1 39  TYR n 
1 40  GLY n 
1 41  GLN n 
1 42  SER n 
1 43  VAL n 
1 44  ALA n 
1 45  ALA n 
1 46  ASP n 
1 47  ILE n 
1 48  ALA n 
1 49  ALA n 
1 50  GLU n 
1 51  ALA n 
1 52  LEU n 
1 53  HIS n 
1 54  GLY n 
1 55  GLU n 
1 56  HIS n 
1 57  GLY n 
1 58  ASP n 
1 59  LEU n 
1 60  ALA n 
1 61  SER n 
1 62  SER n 
1 63  VAL n 
1 64  TYR n 
1 65  ALA n 
1 66  MET n 
1 67  ALA n 
1 68  THR n 
1 69  LEU n 
1 70  PHE n 
1 71  ALA n 
1 72  LEU n 
1 73  ASP n 
1 74  ARG n 
1 75  ALA n 
1 76  GLY n 
1 77  ALA n 
1 78  VAL n 
1 79  HIS n 
1 80  THR n 
1 81  ILE n 
1 82  GLN n 
1 83  GLY n 
1 84  LEU n 
1 85  CYS n 
1 86  ARG n 
1 87  GLY n 
1 88  TYR n 
1 89  ASP n 
1 90  VAL n 
1 91  VAL n 
1 92  ILE n 
1 93  LEU n 
1 94  ASP n 
1 95  ARG n 
1 96  TYR n 
1 97  VAL n 
1 98  ALA n 
1 99  SER n 
1 100 ASN n 
1 101 ALA n 
1 102 ALA n 
1 103 TYR n 
1 104 SER n 
1 105 ALA n 
1 106 ALA n 
1 107 ARG n 
1 108 LEU n 
1 109 HIS n 
1 110 GLU n 
1 111 ASN n 
1 112 ALA n 
1 113 ALA n 
1 114 GLY n 
1 115 LYS n 
1 116 ALA n 
1 117 ALA n 
1 118 ALA n 
1 119 TRP n 
1 120 VAL n 
1 121 GLN n 
1 122 ARG n 
1 123 ILE n 
1 124 GLU n 
1 125 PHE n 
1 126 ALA n 
1 127 ARG n 
1 128 LEU n 
1 129 GLY n 
1 130 LEU n 
1 131 PRO n 
1 132 LYS n 
1 133 PRO n 
1 134 ASP n 
1 135 TRP n 
1 136 GLN n 
1 137 VAL n 
1 138 LEU n 
1 139 LEU n 
1 140 ALA n 
1 141 VAL n 
1 142 SER n 
1 143 ALA n 
1 144 GLU n 
1 145 LEU n 
1 146 ALA n 
1 147 GLY n 
1 148 GLU n 
1 149 ARG n 
1 150 SER n 
1 151 ARG n 
1 152 GLY n 
1 153 ARG n 
1 154 ALA n 
1 155 GLN n 
1 156 ARG n 
1 157 ASP n 
1 158 PRO n 
1 159 GLY n 
1 160 ARG n 
1 161 ALA n 
1 162 ARG n 
1 163 ASP n 
1 164 ASN n 
1 165 TYR n 
1 166 GLU n 
1 167 ARG n 
1 168 ASP n 
1 169 ALA n 
1 170 GLU n 
1 171 LEU n 
1 172 GLN n 
1 173 GLN n 
1 174 ARG n 
1 175 THR n 
1 176 GLY n 
1 177 ALA n 
1 178 VAL n 
1 179 TYR n 
1 180 ALA n 
1 181 GLU n 
1 182 LEU n 
1 183 ALA n 
1 184 ALA n 
1 185 GLN n 
1 186 GLY n 
1 187 TRP n 
1 188 GLY n 
1 189 GLY n 
1 190 ARG n 
1 191 TRP n 
1 192 LEU n 
1 193 VAL n 
1 194 VAL n 
1 195 GLY n 
1 196 ALA n 
1 197 ASP n 
1 198 VAL n 
1 199 ASP n 
1 200 PRO n 
1 201 GLY n 
1 202 ARG n 
1 203 LEU n 
1 204 ALA n 
1 205 ALA n 
1 206 THR n 
1 207 LEU n 
1 208 ALA n 
1 209 PRO n 
1 210 PRO n 
1 211 ASP n 
1 212 VAL n 
1 213 PRO n 
1 214 SER n 
# 
_entity_src_gen.entity_id                          1 
_entity_src_gen.pdbx_src_id                        1 
_entity_src_gen.pdbx_alt_source_flag               sample 
_entity_src_gen.pdbx_seq_type                      ? 
_entity_src_gen.pdbx_beg_seq_num                   ? 
_entity_src_gen.pdbx_end_seq_num                   ? 
_entity_src_gen.gene_src_common_name               ? 
_entity_src_gen.gene_src_genus                     Mycobacterium 
_entity_src_gen.pdbx_gene_src_gene                 ? 
_entity_src_gen.gene_src_species                   ? 
_entity_src_gen.gene_src_strain                    ? 
_entity_src_gen.gene_src_tissue                    ? 
_entity_src_gen.gene_src_tissue_fraction           ? 
_entity_src_gen.gene_src_details                   ? 
_entity_src_gen.pdbx_gene_src_fragment             ? 
_entity_src_gen.pdbx_gene_src_scientific_name      'Mycobacterium tuberculosis' 
_entity_src_gen.pdbx_gene_src_ncbi_taxonomy_id     1773 
_entity_src_gen.pdbx_gene_src_variant              ? 
_entity_src_gen.pdbx_gene_src_cell_line            ? 
_entity_src_gen.pdbx_gene_src_atcc                 ? 
_entity_src_gen.pdbx_gene_src_organ                ? 
_entity_src_gen.pdbx_gene_src_organelle            ? 
_entity_src_gen.pdbx_gene_src_cell                 ? 
_entity_src_gen.pdbx_gene_src_cellular_location    ? 
_entity_src_gen.host_org_common_name               ? 
_entity_src_gen.pdbx_host_org_scientific_name      'Escherichia coli' 
_entity_src_gen.pdbx_host_org_ncbi_taxonomy_id     562 
_entity_src_gen.host_org_genus                     Escherichia 
_entity_src_gen.pdbx_host_org_gene                 ? 
_entity_src_gen.pdbx_host_org_organ                ? 
_entity_src_gen.host_org_species                   ? 
_entity_src_gen.pdbx_host_org_tissue               ? 
_entity_src_gen.pdbx_host_org_tissue_fraction      ? 
_entity_src_gen.pdbx_host_org_strain               ? 
_entity_src_gen.pdbx_host_org_variant              ? 
_entity_src_gen.pdbx_host_org_cell_line            ? 
_entity_src_gen.pdbx_host_org_atcc                 ? 
_entity_src_gen.pdbx_host_org_culture_collection   ? 
_entity_src_gen.pdbx_host_org_cell                 ? 
_entity_src_gen.pdbx_host_org_organelle            ? 
_entity_src_gen.pdbx_host_org_cellular_location    ? 
_entity_src_gen.pdbx_host_org_vector_type          Plasmid 
_entity_src_gen.pdbx_host_org_vector               ? 
_entity_src_gen.host_org_details                   ? 
_entity_src_gen.expression_system_id               ? 
_entity_src_gen.plasmid_name                       PET22B 
_entity_src_gen.plasmid_details                    ? 
_entity_src_gen.pdbx_description                   ? 
# 
loop_
_chem_comp.id 
_chem_comp.type 
_chem_comp.mon_nstd_flag 
_chem_comp.name 
_chem_comp.pdbx_synonyms 
_chem_comp.formula 
_chem_comp.formula_weight 
5HU 'DNA linking'       n "5-HYDROXYMETHYLURIDINE-2'-DEOXY-5'-MONOPHOSPHATE" ? 'C10 H15 N2 O9 P' 338.208 
ALA 'L-peptide linking' y ALANINE                                            ? 'C3 H7 N O2'      89.093  
ARG 'L-peptide linking' y ARGININE                                           ? 'C6 H15 N4 O2 1'  175.209 
ASN 'L-peptide linking' y ASPARAGINE                                         ? 'C4 H8 N2 O3'     132.118 
ASP 'L-peptide linking' y 'ASPARTIC ACID'                                    ? 'C4 H7 N O4'      133.103 
CYS 'L-peptide linking' y CYSTEINE                                           ? 'C3 H7 N O2 S'    121.158 
GLN 'L-peptide linking' y GLUTAMINE                                          ? 'C5 H10 N2 O3'    146.144 
GLU 'L-peptide linking' y 'GLUTAMIC ACID'                                    ? 'C5 H9 N O4'      147.129 
GLY 'peptide linking'   y GLYCINE                                            ? 'C2 H5 N O2'      75.067  
HIS 'L-peptide linking' y HISTIDINE                                          ? 'C6 H10 N3 O2 1'  156.162 
HOH non-polymer         . WATER                                              ? 'H2 O'            18.015  
ILE 'L-peptide linking' y ISOLEUCINE                                         ? 'C6 H13 N O2'     131.173 
LEU 'L-peptide linking' y LEUCINE                                            ? 'C6 H13 N O2'     131.173 
LYS 'L-peptide linking' y LYSINE                                             ? 'C6 H15 N2 O2 1'  147.195 
MET 'L-peptide linking' y METHIONINE                                         ? 'C5 H11 N O2 S'   149.211 
MG  non-polymer         . 'MAGNESIUM ION'                                    ? 'Mg 2'            24.305  
PHE 'L-peptide linking' y PHENYLALANINE                                      ? 'C9 H11 N O2'     165.189 
PRO 'L-peptide linking' y PROLINE                                            ? 'C5 H9 N O2'      115.130 
SER 'L-peptide linking' y SERINE                                             ? 'C3 H7 N O3'      105.093 
SO4 non-polymer         . 'SULFATE ION'                                      ? 'O4 S -2'         96.063  
THR 'L-peptide linking' y THREONINE                                          ? 'C4 H9 N O3'      119.119 
TRP 'L-peptide linking' y TRYPTOPHAN                                         ? 'C11 H12 N2 O2'   204.225 
TYR 'L-peptide linking' y TYROSINE                                           ? 'C9 H11 N O3'     181.189 
VAL 'L-peptide linking' y VALINE                                             ? 'C5 H11 N O2'     117.146 
# 
loop_
_pdbx_poly_seq_scheme.asym_id 
_pdbx_poly_seq_scheme.entity_id 
_pdbx_poly_seq_scheme.seq_id 
_pdbx_poly_seq_scheme.mon_id 
_pdbx_poly_seq_scheme.ndb_seq_num 
_pdbx_poly_seq_scheme.pdb_seq_num 
_pdbx_poly_seq_scheme.auth_seq_num 
_pdbx_poly_seq_scheme.pdb_mon_id 
_pdbx_poly_seq_scheme.auth_mon_id 
_pdbx_poly_seq_scheme.pdb_strand_id 
_pdbx_poly_seq_scheme.pdb_ins_code 
_pdbx_poly_seq_scheme.hetero 
A 1 1   MET 1   1   1   MET MET A . n 
A 1 2   LEU 2   2   2   LEU LEU A . n 
A 1 3   ILE 3   3   3   ILE ILE A . n 
A 1 4   ALA 4   4   4   ALA ALA A . n 
A 1 5   ILE 5   5   5   ILE ILE A . n 
A 1 6   GLU 6   6   6   GLU GLU A . n 
A 1 7   GLY 7   7   7   GLY GLY A . n 
A 1 8   VAL 8   8   8   VAL VAL A . n 
A 1 9   ASP 9   9   9   ASP ASP A . n 
A 1 10  GLY 10  10  10  GLY GLY A . n 
A 1 11  ALA 11  11  11  ALA ALA A . n 
A 1 12  GLY 12  12  12  GLY GLY A . n 
A 1 13  LYS 13  13  13  LYS LYS A . n 
A 1 14  ARG 14  14  14  ARG ARG A . n 
A 1 15  THR 15  15  15  THR THR A . n 
A 1 16  LEU 16  16  16  LEU LEU A . n 
A 1 17  VAL 17  17  17  VAL VAL A . n 
A 1 18  GLU 18  18  18  GLU ALA A . n 
A 1 19  LYS 19  19  19  LYS LYS A . n 
A 1 20  LEU 20  20  20  LEU LEU A . n 
A 1 21  SER 21  21  21  SER SER A . n 
A 1 22  GLY 22  22  22  GLY GLY A . n 
A 1 23  ALA 23  23  23  ALA ALA A . n 
A 1 24  PHE 24  24  24  PHE PHE A . n 
A 1 25  ARG 25  25  25  ARG ARG A . n 
A 1 26  ALA 26  26  26  ALA ALA A . n 
A 1 27  ALA 27  27  27  ALA ALA A . n 
A 1 28  GLY 28  28  28  GLY GLY A . n 
A 1 29  ARG 29  29  29  ARG ARG A . n 
A 1 30  SER 30  30  30  SER SER A . n 
A 1 31  VAL 31  31  31  VAL VAL A . n 
A 1 32  ALA 32  32  32  ALA ALA A . n 
A 1 33  THR 33  33  33  THR THR A . n 
A 1 34  LEU 34  34  34  LEU LEU A . n 
A 1 35  ALA 35  35  35  ALA ALA A . n 
A 1 36  PHE 36  36  36  PHE PHE A . n 
A 1 37  PRO 37  37  37  PRO PRO A . n 
A 1 38  ARG 38  38  38  ARG ARG A . n 
A 1 39  TYR 39  39  39  TYR TYR A . n 
A 1 40  GLY 40  40  40  GLY GLY A . n 
A 1 41  GLN 41  41  41  GLN GLN A . n 
A 1 42  SER 42  42  42  SER SER A . n 
A 1 43  VAL 43  43  43  VAL VAL A . n 
A 1 44  ALA 44  44  44  ALA ALA A . n 
A 1 45  ALA 45  45  45  ALA ALA A . n 
A 1 46  ASP 46  46  46  ASP ALA A . n 
A 1 47  ILE 47  47  47  ILE ILE A . n 
A 1 48  ALA 48  48  48  ALA ALA A . n 
A 1 49  ALA 49  49  49  ALA ALA A . n 
A 1 50  GLU 50  50  50  GLU GLU A . n 
A 1 51  ALA 51  51  51  ALA ALA A . n 
A 1 52  LEU 52  52  52  LEU LEU A . n 
A 1 53  HIS 53  53  53  HIS HIS A . n 
A 1 54  GLY 54  54  54  GLY GLY A . n 
A 1 55  GLU 55  55  55  GLU GLU A . n 
A 1 56  HIS 56  56  56  HIS HIS A . n 
A 1 57  GLY 57  57  57  GLY GLY A . n 
A 1 58  ASP 58  58  58  ASP ASP A . n 
A 1 59  LEU 59  59  59  LEU LEU A . n 
A 1 60  ALA 60  60  60  ALA ALA A . n 
A 1 61  SER 61  61  61  SER SER A . n 
A 1 62  SER 62  62  62  SER SER A . n 
A 1 63  VAL 63  63  63  VAL VAL A . n 
A 1 64  TYR 64  64  64  TYR TYR A . n 
A 1 65  ALA 65  65  65  ALA ALA A . n 
A 1 66  MET 66  66  66  MET MET A . n 
A 1 67  ALA 67  67  67  ALA ALA A . n 
A 1 68  THR 68  68  68  THR THR A . n 
A 1 69  LEU 69  69  69  LEU LEU A . n 
A 1 70  PHE 70  70  70  PHE PHE A . n 
A 1 71  ALA 71  71  71  ALA ALA A . n 
A 1 72  LEU 72  72  72  LEU LEU A . n 
A 1 73  ASP 73  73  73  ASP ASP A . n 
A 1 74  ARG 74  74  74  ARG ARG A . n 
A 1 75  ALA 75  75  75  ALA ALA A . n 
A 1 76  GLY 76  76  76  GLY GLY A . n 
A 1 77  ALA 77  77  77  ALA ALA A . n 
A 1 78  VAL 78  78  78  VAL VAL A . n 
A 1 79  HIS 79  79  79  HIS HIS A . n 
A 1 80  THR 80  80  80  THR THR A . n 
A 1 81  ILE 81  81  81  ILE ILE A . n 
A 1 82  GLN 82  82  82  GLN GLN A . n 
A 1 83  GLY 83  83  83  GLY GLY A . n 
A 1 84  LEU 84  84  84  LEU LEU A . n 
A 1 85  CYS 85  85  85  CYS CYS A . n 
A 1 86  ARG 86  86  86  ARG ALA A . n 
A 1 87  GLY 87  87  87  GLY GLY A . n 
A 1 88  TYR 88  88  88  TYR TYR A . n 
A 1 89  ASP 89  89  89  ASP ASP A . n 
A 1 90  VAL 90  90  90  VAL VAL A . n 
A 1 91  VAL 91  91  91  VAL VAL A . n 
A 1 92  ILE 92  92  92  ILE ILE A . n 
A 1 93  LEU 93  93  93  LEU LEU A . n 
A 1 94  ASP 94  94  94  ASP ASP A . n 
A 1 95  ARG 95  95  95  ARG ARG A . n 
A 1 96  TYR 96  96  96  TYR TYR A . n 
A 1 97  VAL 97  97  97  VAL VAL A . n 
A 1 98  ALA 98  98  98  ALA ALA A . n 
A 1 99  SER 99  99  99  SER SER A . n 
A 1 100 ASN 100 100 100 ASN ASN A . n 
A 1 101 ALA 101 101 101 ALA ALA A . n 
A 1 102 ALA 102 102 102 ALA ALA A . n 
A 1 103 TYR 103 103 103 TYR TYR A . n 
A 1 104 SER 104 104 104 SER SER A . n 
A 1 105 ALA 105 105 105 ALA ALA A . n 
A 1 106 ALA 106 106 106 ALA ALA A . n 
A 1 107 ARG 107 107 107 ARG ARG A . n 
A 1 108 LEU 108 108 108 LEU LEU A . n 
A 1 109 HIS 109 109 109 HIS HIS A . n 
A 1 110 GLU 110 110 110 GLU GLU A . n 
A 1 111 ASN 111 111 111 ASN ASN A . n 
A 1 112 ALA 112 112 112 ALA ALA A . n 
A 1 113 ALA 113 113 113 ALA ALA A . n 
A 1 114 GLY 114 114 114 GLY GLY A . n 
A 1 115 LYS 115 115 115 LYS LYS A . n 
A 1 116 ALA 116 116 116 ALA ALA A . n 
A 1 117 ALA 117 117 117 ALA ALA A . n 
A 1 118 ALA 118 118 118 ALA ALA A . n 
A 1 119 TRP 119 119 119 TRP TRP A . n 
A 1 120 VAL 120 120 120 VAL VAL A . n 
A 1 121 GLN 121 121 121 GLN GLN A . n 
A 1 122 ARG 122 122 122 ARG ARG A . n 
A 1 123 ILE 123 123 123 ILE ILE A . n 
A 1 124 GLU 124 124 124 GLU GLU A . n 
A 1 125 PHE 125 125 125 PHE PHE A . n 
A 1 126 ALA 126 126 126 ALA ALA A . n 
A 1 127 ARG 127 127 127 ARG ARG A . n 
A 1 128 LEU 128 128 128 LEU LEU A . n 
A 1 129 GLY 129 129 129 GLY GLY A . n 
A 1 130 LEU 130 130 130 LEU LEU A . n 
A 1 131 PRO 131 131 131 PRO PRO A . n 
A 1 132 LYS 132 132 132 LYS LYS A . n 
A 1 133 PRO 133 133 133 PRO PRO A . n 
A 1 134 ASP 134 134 134 ASP ASP A . n 
A 1 135 TRP 135 135 135 TRP TRP A . n 
A 1 136 GLN 136 136 136 GLN GLN A . n 
A 1 137 VAL 137 137 137 VAL VAL A . n 
A 1 138 LEU 138 138 138 LEU LEU A . n 
A 1 139 LEU 139 139 139 LEU LEU A . n 
A 1 140 ALA 140 140 140 ALA ALA A . n 
A 1 141 VAL 141 141 141 VAL VAL A . n 
A 1 142 SER 142 142 142 SER SER A . n 
A 1 143 ALA 143 143 143 ALA ALA A . n 
A 1 144 GLU 144 144 144 GLU ALA A . n 
A 1 145 LEU 145 145 145 LEU ALA A . n 
A 1 146 ALA 146 146 146 ALA ALA A . n 
A 1 147 GLY 147 147 147 GLY GLY A . n 
A 1 148 GLU 148 148 148 GLU GLU A . n 
A 1 149 ARG 149 149 149 ARG ARG A . n 
A 1 150 SER 150 150 150 SER SER A . n 
A 1 151 ARG 151 151 151 ARG ARG A . n 
A 1 152 GLY 152 152 152 GLY GLY A . n 
A 1 153 ARG 153 153 153 ARG ARG A . n 
A 1 154 ALA 154 154 154 ALA ALA A . n 
A 1 155 GLN 155 155 155 GLN GLN A . n 
A 1 156 ARG 156 156 156 ARG ARG A . n 
A 1 157 ASP 157 157 157 ASP ASP A . n 
A 1 158 PRO 158 158 158 PRO PRO A . n 
A 1 159 GLY 159 159 159 GLY GLY A . n 
A 1 160 ARG 160 160 160 ARG ARG A . n 
A 1 161 ALA 161 161 161 ALA ALA A . n 
A 1 162 ARG 162 162 162 ARG ARG A . n 
A 1 163 ASP 163 163 163 ASP ASP A . n 
A 1 164 ASN 164 164 164 ASN ASN A . n 
A 1 165 TYR 165 165 165 TYR TYR A . n 
A 1 166 GLU 166 166 166 GLU GLU A . n 
A 1 167 ARG 167 167 167 ARG ARG A . n 
A 1 168 ASP 168 168 168 ASP ASP A . n 
A 1 169 ALA 169 169 169 ALA ALA A . n 
A 1 170 GLU 170 170 170 GLU GLU A . n 
A 1 171 LEU 171 171 171 LEU LEU A . n 
A 1 172 GLN 172 172 172 GLN GLN A . n 
A 1 173 GLN 173 173 173 GLN GLN A . n 
A 1 174 ARG 174 174 174 ARG ARG A . n 
A 1 175 THR 175 175 175 THR THR A . n 
A 1 176 GLY 176 176 176 GLY GLY A . n 
A 1 177 ALA 177 177 177 ALA ALA A . n 
A 1 178 VAL 178 178 178 VAL VAL A . n 
A 1 179 TYR 179 179 179 TYR TYR A . n 
A 1 180 ALA 180 180 180 ALA ALA A . n 
A 1 181 GLU 181 181 181 GLU GLU A . n 
A 1 182 LEU 182 182 182 LEU LEU A . n 
A 1 183 ALA 183 183 183 ALA ALA A . n 
A 1 184 ALA 184 184 184 ALA ALA A . n 
A 1 185 GLN 185 185 185 GLN GLN A . n 
A 1 186 GLY 186 186 186 GLY GLY A . n 
A 1 187 TRP 187 187 187 TRP TRP A . n 
A 1 188 GLY 188 188 188 GLY GLY A . n 
A 1 189 GLY 189 189 189 GLY GLY A . n 
A 1 190 ARG 190 190 190 ARG ARG A . n 
A 1 191 TRP 191 191 191 TRP TRP A . n 
A 1 192 LEU 192 192 192 LEU LEU A . n 
A 1 193 VAL 193 193 193 VAL VAL A . n 
A 1 194 VAL 194 194 194 VAL VAL A . n 
A 1 195 GLY 195 195 195 GLY GLY A . n 
A 1 196 ALA 196 196 196 ALA ALA A . n 
A 1 197 ASP 197 197 197 ASP ASP A . n 
A 1 198 VAL 198 198 198 VAL VAL A . n 
A 1 199 ASP 199 199 199 ASP ASP A . n 
A 1 200 PRO 200 200 200 PRO PRO A . n 
A 1 201 GLY 201 201 201 GLY GLY A . n 
A 1 202 ARG 202 202 202 ARG ARG A . n 
A 1 203 LEU 203 203 203 LEU LEU A . n 
A 1 204 ALA 204 204 204 ALA ALA A . n 
A 1 205 ALA 205 205 205 ALA ALA A . n 
A 1 206 THR 206 206 206 THR THR A . n 
A 1 207 LEU 207 207 207 LEU LEU A . n 
A 1 208 ALA 208 208 208 ALA ALA A . n 
A 1 209 PRO 209 209 ?   ?   ?   A . n 
A 1 210 PRO 210 210 ?   ?   ?   A . n 
A 1 211 ASP 211 211 ?   ?   ?   A . n 
A 1 212 VAL 212 212 ?   ?   ?   A . n 
A 1 213 PRO 213 213 ?   ?   ?   A . n 
A 1 214 SER 214 214 ?   ?   ?   A . n 
# 
loop_
_pdbx_nonpoly_scheme.asym_id 
_pdbx_nonpoly_scheme.entity_id 
_pdbx_nonpoly_scheme.mon_id 
_pdbx_nonpoly_scheme.ndb_seq_num 
_pdbx_nonpoly_scheme.pdb_seq_num 
_pdbx_nonpoly_scheme.auth_seq_num 
_pdbx_nonpoly_scheme.pdb_mon_id 
_pdbx_nonpoly_scheme.auth_mon_id 
_pdbx_nonpoly_scheme.pdb_strand_id 
_pdbx_nonpoly_scheme.pdb_ins_code 
B 2 SO4 1  219 219 SO4 SO4 A . 
C 2 SO4 1  220 220 SO4 SO4 A . 
D 3 MG  1  300 300 MG  MG  A . 
E 4 5HU 1  217 217 5HU 5HU A . 
F 5 HOH 1  301 1   HOH HOH A . 
F 5 HOH 2  302 2   HOH HOH A . 
F 5 HOH 3  303 3   HOH HOH A . 
F 5 HOH 4  304 4   HOH HOH A . 
F 5 HOH 5  305 5   HOH HOH A . 
F 5 HOH 6  306 6   HOH HOH A . 
F 5 HOH 7  307 7   HOH HOH A . 
F 5 HOH 8  308 8   HOH HOH A . 
F 5 HOH 9  309 9   HOH HOH A . 
F 5 HOH 10 310 10  HOH HOH A . 
F 5 HOH 11 311 11  HOH HOH A . 
F 5 HOH 12 312 12  HOH HOH A . 
F 5 HOH 13 313 13  HOH HOH A . 
F 5 HOH 14 314 14  HOH HOH A . 
F 5 HOH 15 315 15  HOH HOH A . 
F 5 HOH 16 316 16  HOH HOH A . 
F 5 HOH 17 317 17  HOH HOH A . 
F 5 HOH 18 318 18  HOH HOH A . 
F 5 HOH 19 319 19  HOH HOH A . 
F 5 HOH 20 320 20  HOH HOH A . 
F 5 HOH 21 321 21  HOH HOH A . 
F 5 HOH 22 322 22  HOH HOH A . 
F 5 HOH 23 323 23  HOH HOH A . 
F 5 HOH 24 324 24  HOH HOH A . 
F 5 HOH 25 325 25  HOH HOH A . 
F 5 HOH 26 326 26  HOH HOH A . 
F 5 HOH 27 327 27  HOH HOH A . 
F 5 HOH 28 328 28  HOH HOH A . 
F 5 HOH 29 329 29  HOH HOH A . 
F 5 HOH 30 330 30  HOH HOH A . 
F 5 HOH 31 331 31  HOH HOH A . 
F 5 HOH 32 332 32  HOH HOH A . 
F 5 HOH 33 333 33  HOH HOH A . 
F 5 HOH 34 334 34  HOH HOH A . 
F 5 HOH 35 335 35  HOH HOH A . 
F 5 HOH 36 336 36  HOH HOH A . 
F 5 HOH 37 337 37  HOH HOH A . 
F 5 HOH 38 338 38  HOH HOH A . 
F 5 HOH 39 339 39  HOH HOH A . 
F 5 HOH 40 340 40  HOH HOH A . 
F 5 HOH 41 341 41  HOH HOH A . 
F 5 HOH 42 342 42  HOH HOH A . 
F 5 HOH 43 343 43  HOH HOH A . 
F 5 HOH 44 344 44  HOH HOH A . 
F 5 HOH 45 345 45  HOH HOH A . 
F 5 HOH 46 346 46  HOH HOH A . 
F 5 HOH 47 347 47  HOH HOH A . 
F 5 HOH 48 348 48  HOH HOH A . 
F 5 HOH 49 349 49  HOH HOH A . 
F 5 HOH 50 350 50  HOH HOH A . 
F 5 HOH 51 351 51  HOH HOH A . 
F 5 HOH 52 352 52  HOH HOH A . 
F 5 HOH 53 353 53  HOH HOH A . 
F 5 HOH 54 354 54  HOH HOH A . 
F 5 HOH 55 355 55  HOH HOH A . 
F 5 HOH 56 356 56  HOH HOH A . 
F 5 HOH 57 357 57  HOH HOH A . 
F 5 HOH 58 358 58  HOH HOH A . 
F 5 HOH 59 359 59  HOH HOH A . 
F 5 HOH 60 360 60  HOH HOH A . 
F 5 HOH 61 361 61  HOH HOH A . 
F 5 HOH 62 362 62  HOH HOH A . 
F 5 HOH 63 363 63  HOH HOH A . 
F 5 HOH 64 364 64  HOH HOH A . 
F 5 HOH 65 365 65  HOH HOH A . 
F 5 HOH 66 366 66  HOH HOH A . 
F 5 HOH 67 367 67  HOH HOH A . 
F 5 HOH 68 368 68  HOH HOH A . 
F 5 HOH 69 369 69  HOH HOH A . 
F 5 HOH 70 370 70  HOH HOH A . 
F 5 HOH 71 371 71  HOH HOH A . 
F 5 HOH 72 372 72  HOH HOH A . 
F 5 HOH 73 373 73  HOH HOH A . 
F 5 HOH 74 374 74  HOH HOH A . 
F 5 HOH 75 375 75  HOH HOH A . 
F 5 HOH 76 376 76  HOH HOH A . 
F 5 HOH 77 377 77  HOH HOH A . 
# 
loop_
_pdbx_unobs_or_zero_occ_atoms.id 
_pdbx_unobs_or_zero_occ_atoms.PDB_model_num 
_pdbx_unobs_or_zero_occ_atoms.polymer_flag 
_pdbx_unobs_or_zero_occ_atoms.occupancy_flag 
_pdbx_unobs_or_zero_occ_atoms.auth_asym_id 
_pdbx_unobs_or_zero_occ_atoms.auth_comp_id 
_pdbx_unobs_or_zero_occ_atoms.auth_seq_id 
_pdbx_unobs_or_zero_occ_atoms.PDB_ins_code 
_pdbx_unobs_or_zero_occ_atoms.auth_atom_id 
_pdbx_unobs_or_zero_occ_atoms.label_alt_id 
_pdbx_unobs_or_zero_occ_atoms.label_asym_id 
_pdbx_unobs_or_zero_occ_atoms.label_comp_id 
_pdbx_unobs_or_zero_occ_atoms.label_seq_id 
_pdbx_unobs_or_zero_occ_atoms.label_atom_id 
1  1 Y 1 A GLU 18  ? CG  ? A GLU 18  CG  
2  1 Y 1 A GLU 18  ? CD  ? A GLU 18  CD  
3  1 Y 1 A GLU 18  ? OE1 ? A GLU 18  OE1 
4  1 Y 1 A GLU 18  ? OE2 ? A GLU 18  OE2 
5  1 Y 1 A ASP 46  ? CG  ? A ASP 46  CG  
6  1 Y 1 A ASP 46  ? OD1 ? A ASP 46  OD1 
7  1 Y 1 A ASP 46  ? OD2 ? A ASP 46  OD2 
8  1 Y 1 A ARG 86  ? CG  ? A ARG 86  CG  
9  1 Y 1 A ARG 86  ? CD  ? A ARG 86  CD  
10 1 Y 1 A ARG 86  ? NE  ? A ARG 86  NE  
11 1 Y 1 A ARG 86  ? CZ  ? A ARG 86  CZ  
12 1 Y 1 A ARG 86  ? NH1 ? A ARG 86  NH1 
13 1 Y 1 A ARG 86  ? NH2 ? A ARG 86  NH2 
14 1 Y 1 A GLU 144 ? CG  ? A GLU 144 CG  
15 1 Y 1 A GLU 144 ? CD  ? A GLU 144 CD  
16 1 Y 1 A GLU 144 ? OE1 ? A GLU 144 OE1 
17 1 Y 1 A GLU 144 ? OE2 ? A GLU 144 OE2 
18 1 Y 1 A LEU 145 ? CG  ? A LEU 145 CG  
19 1 Y 1 A LEU 145 ? CD1 ? A LEU 145 CD1 
20 1 Y 1 A LEU 145 ? CD2 ? A LEU 145 CD2 
# 
loop_
_software.name 
_software.classification 
_software.version 
_software.citation_id 
_software.pdbx_ordinal 
DENZO     'data reduction' . ? 1 
SCALEPACK 'data scaling'   . ? 2 
CNS       refinement       . ? 3 
CNS       phasing          . ? 4 
# 
_cell.entry_id           1MRS 
_cell.length_a           76.400 
_cell.length_b           76.400 
_cell.length_c           134.400 
_cell.angle_alpha        90.00 
_cell.angle_beta         90.00 
_cell.angle_gamma        120.00 
_cell.Z_PDB              12 
_cell.pdbx_unique_axis   ? 
# 
_symmetry.entry_id                         1MRS 
_symmetry.space_group_name_H-M             'P 65 2 2' 
_symmetry.pdbx_full_space_group_name_H-M   ? 
_symmetry.cell_setting                     ? 
_symmetry.Int_Tables_number                179 
_symmetry.space_group_name_Hall            ? 
# 
_exptl.entry_id          1MRS 
_exptl.method            'X-RAY DIFFRACTION' 
_exptl.crystals_number   1 
# 
_exptl_crystal.id                    1 
_exptl_crystal.density_meas          ? 
_exptl_crystal.density_percent_sol   50.76 
_exptl_crystal.density_Matthews      2.50 
_exptl_crystal.description           ? 
_exptl_crystal.F_000                 ? 
_exptl_crystal.preparation           ? 
# 
_exptl_crystal_grow.crystal_id      1 
_exptl_crystal_grow.method          'VAPOR DIFFUSION, HANGING DROP' 
_exptl_crystal_grow.temp            290 
_exptl_crystal_grow.temp_details    ? 
_exptl_crystal_grow.pH              6.0 
_exptl_crystal_grow.pdbx_details    
'Ammonium sulfate, PEG600, MES, magnesium acetate, pH 6.0, VAPOR DIFFUSION, HANGING DROP, temperature 290K' 
_exptl_crystal_grow.pdbx_pH_range   . 
# 
_diffrn.id                     1 
_diffrn.ambient_temp           110 
_diffrn.ambient_temp_details   ? 
_diffrn.crystal_id             1 
# 
_diffrn_detector.diffrn_id              1 
_diffrn_detector.detector               CCD 
_diffrn_detector.type                   'ADSC QUANTUM 4' 
_diffrn_detector.pdbx_collection_date   2001-06-10 
_diffrn_detector.details                ? 
# 
_diffrn_radiation.diffrn_id                        1 
_diffrn_radiation.wavelength_id                    1 
_diffrn_radiation.pdbx_monochromatic_or_laue_m_l   M 
_diffrn_radiation.monochromator                    'Si 111' 
_diffrn_radiation.pdbx_diffrn_protocol             'SINGLE WAVELENGTH' 
_diffrn_radiation.pdbx_scattering_type             x-ray 
# 
_diffrn_radiation_wavelength.id           1 
_diffrn_radiation_wavelength.wavelength   0.934 
_diffrn_radiation_wavelength.wt           1.0 
# 
_diffrn_source.diffrn_id                   1 
_diffrn_source.source                      SYNCHROTRON 
_diffrn_source.type                        'ESRF BEAMLINE ID14-1' 
_diffrn_source.pdbx_synchrotron_site       ESRF 
_diffrn_source.pdbx_synchrotron_beamline   ID14-1 
_diffrn_source.pdbx_wavelength             ? 
_diffrn_source.pdbx_wavelength_list        0.934 
# 
_reflns.entry_id                     1MRS 
_reflns.observed_criterion_sigma_F   0.00 
_reflns.observed_criterion_sigma_I   0.00 
_reflns.d_resolution_high            2.00 
_reflns.d_resolution_low             25.0 
_reflns.number_all                   14739 
_reflns.number_obs                   14739 
_reflns.percent_possible_obs         89.5 
_reflns.pdbx_Rmerge_I_obs            0.082 
_reflns.pdbx_Rsym_value              0.082 
_reflns.pdbx_netI_over_sigmaI        27.8 
_reflns.B_iso_Wilson_estimate        ? 
_reflns.pdbx_redundancy              6.0 
_reflns.R_free_details               ? 
_reflns.limit_h_max                  ? 
_reflns.limit_h_min                  ? 
_reflns.limit_k_max                  ? 
_reflns.limit_k_min                  ? 
_reflns.limit_l_max                  ? 
_reflns.limit_l_min                  ? 
_reflns.observed_criterion_F_max     ? 
_reflns.observed_criterion_F_min     ? 
_reflns.pdbx_chi_squared             ? 
_reflns.pdbx_scaling_rejects         ? 
_reflns.pdbx_diffrn_id               1 
_reflns.pdbx_ordinal                 1 
# 
_reflns_shell.d_res_high             2.00 
_reflns_shell.d_res_low              2.07 
_reflns_shell.percent_possible_all   98.6 
_reflns_shell.Rmerge_I_obs           0.271 
_reflns_shell.pdbx_Rsym_value        0.271 
_reflns_shell.meanI_over_sigI_obs    18.8 
_reflns_shell.pdbx_redundancy        5.9 
_reflns_shell.percent_possible_obs   ? 
_reflns_shell.number_unique_all      ? 
_reflns_shell.number_measured_all    ? 
_reflns_shell.number_measured_obs    ? 
_reflns_shell.number_unique_obs      ? 
_reflns_shell.pdbx_chi_squared       ? 
_reflns_shell.pdbx_diffrn_id         ? 
_reflns_shell.pdbx_ordinal           1 
# 
_refine.entry_id                                 1MRS 
_refine.ls_number_reflns_obs                     13041 
_refine.ls_number_reflns_all                     14739 
_refine.pdbx_ls_sigma_I                          ? 
_refine.pdbx_ls_sigma_F                          1.0 
_refine.pdbx_data_cutoff_high_absF               ? 
_refine.pdbx_data_cutoff_low_absF                ? 
_refine.ls_d_res_low                             25.0 
_refine.ls_d_res_high                            2.00 
_refine.ls_percent_reflns_obs                    79.8 
_refine.ls_R_factor_obs                          0.232 
_refine.ls_R_factor_all                          0.232 
_refine.ls_R_factor_R_work                       0.228 
_refine.ls_R_factor_R_free                       0.265 
_refine.ls_R_factor_R_free_error                 ? 
_refine.ls_R_factor_R_free_error_details         ? 
_refine.ls_percent_reflns_R_free                 5.000 
_refine.ls_number_reflns_R_free                  641 
_refine.ls_number_parameters                     ? 
_refine.ls_number_restraints                     ? 
_refine.occupancy_min                            ? 
_refine.occupancy_max                            ? 
_refine.correlation_coeff_Fo_to_Fc               ? 
_refine.correlation_coeff_Fo_to_Fc_free          ? 
_refine.B_iso_mean                               36.1318 
_refine.aniso_B[1][1]                            ? 
_refine.aniso_B[2][2]                            ? 
_refine.aniso_B[3][3]                            ? 
_refine.aniso_B[1][2]                            ? 
_refine.aniso_B[1][3]                            ? 
_refine.aniso_B[2][3]                            ? 
_refine.solvent_model_details                    ? 
_refine.solvent_model_param_ksol                 ? 
_refine.solvent_model_param_bsol                 ? 
_refine.pdbx_solvent_vdw_probe_radii             ? 
_refine.pdbx_solvent_ion_probe_radii             ? 
_refine.pdbx_solvent_shrinkage_radii             ? 
_refine.pdbx_ls_cross_valid_method               THROUGHOUT 
_refine.details                                  ? 
_refine.pdbx_starting_model                      'PDB ENTRY 1G3U' 
_refine.pdbx_method_to_determine_struct          'MOLECULAR REPLACEMENT' 
_refine.pdbx_isotropic_thermal_model             isotropic 
_refine.pdbx_stereochemistry_target_values       'Engh & Huber' 
_refine.pdbx_stereochem_target_val_spec_case     ? 
_refine.pdbx_R_Free_selection_details            RANDOM 
_refine.pdbx_overall_ESU_R_Free                  ? 
_refine.overall_SU_B                             ? 
_refine.ls_redundancy_reflns_obs                 ? 
_refine.B_iso_min                                ? 
_refine.B_iso_max                                ? 
_refine.overall_SU_R_Cruickshank_DPI             ? 
_refine.overall_SU_R_free                        ? 
_refine.overall_SU_ML                            ? 
_refine.pdbx_overall_ESU_R                       ? 
_refine.pdbx_data_cutoff_high_rms_absF           ? 
_refine.ls_wR_factor_R_free                      ? 
_refine.ls_wR_factor_R_work                      ? 
_refine.overall_FOM_free_R_set                   ? 
_refine.overall_FOM_work_R_set                   ? 
_refine.pdbx_refine_id                           'X-RAY DIFFRACTION' 
_refine.pdbx_diffrn_id                           1 
_refine.pdbx_TLS_residual_ADP_flag               ? 
_refine.pdbx_overall_phase_error                 ? 
_refine.pdbx_overall_SU_R_free_Cruickshank_DPI   ? 
_refine.pdbx_overall_SU_R_Blow_DPI               ? 
_refine.pdbx_overall_SU_R_free_Blow_DPI          ? 
# 
_refine_analyze.entry_id                        1MRS 
_refine_analyze.Luzzati_coordinate_error_obs    0.30 
_refine_analyze.Luzzati_sigma_a_obs             0.21 
_refine_analyze.Luzzati_d_res_low_obs           5.00 
_refine_analyze.Luzzati_coordinate_error_free   0.30 
_refine_analyze.Luzzati_sigma_a_free            0.24 
_refine_analyze.Luzzati_d_res_low_free          ? 
_refine_analyze.number_disordered_residues      ? 
_refine_analyze.occupancy_sum_non_hydrogen      ? 
_refine_analyze.occupancy_sum_hydrogen          ? 
_refine_analyze.pdbx_Luzzati_d_res_high_obs     ? 
_refine_analyze.pdbx_refine_id                  'X-RAY DIFFRACTION' 
# 
_refine_hist.pdbx_refine_id                   'X-RAY DIFFRACTION' 
_refine_hist.cycle_id                         LAST 
_refine_hist.pdbx_number_atoms_protein        1535 
_refine_hist.pdbx_number_atoms_nucleic_acid   0 
_refine_hist.pdbx_number_atoms_ligand         33 
_refine_hist.number_atoms_solvent             77 
_refine_hist.number_atoms_total               1645 
_refine_hist.d_res_high                       2.00 
_refine_hist.d_res_low                        25.0 
# 
loop_
_refine_ls_restr.type 
_refine_ls_restr.dev_ideal 
_refine_ls_restr.dev_ideal_target 
_refine_ls_restr.weight 
_refine_ls_restr.number 
_refine_ls_restr.pdbx_refine_id 
_refine_ls_restr.pdbx_restraint_function 
c_angle_d          0.007    ? ? ? 'X-RAY DIFFRACTION' ? 
c_angle_deg        1.20     ? ? ? 'X-RAY DIFFRACTION' ? 
c_dihedral_angle_d 20.67    ? ? ? 'X-RAY DIFFRACTION' ? 
c_bond_d           0.006853 ? ? ? 'X-RAY DIFFRACTION' ? 
c_improper_angle_d 0.78227  ? ? ? 'X-RAY DIFFRACTION' ? 
# 
_refine_ls_shell.pdbx_total_number_of_bins_used   ? 
_refine_ls_shell.d_res_high                       2.00 
_refine_ls_shell.d_res_low                        2.07 
_refine_ls_shell.number_reflns_R_work             ? 
_refine_ls_shell.R_factor_R_work                  0.3018 
_refine_ls_shell.percent_reflns_obs               ? 
_refine_ls_shell.R_factor_R_free                  0.3357 
_refine_ls_shell.R_factor_R_free_error            ? 
_refine_ls_shell.percent_reflns_R_free            ? 
_refine_ls_shell.number_reflns_R_free             64 
_refine_ls_shell.number_reflns_obs                1403 
_refine_ls_shell.redundancy_reflns_obs            ? 
_refine_ls_shell.number_reflns_all                ? 
_refine_ls_shell.pdbx_refine_id                   'X-RAY DIFFRACTION' 
_refine_ls_shell.R_factor_all                     ? 
# 
_struct.entry_id                  1MRS 
_struct.title                     
'CRYSTAL STRUCTURE OF MYCOBACTERIUM TUBERCULOSIS THYMIDYLATE KINASE COMPLEXED WITH 5-CH2OH DEOXYURIDINE MONOPHOSPHATE' 
_struct.pdbx_model_details        ? 
_struct.pdbx_CASP_flag            ? 
_struct.pdbx_model_type_details   ? 
# 
_struct_keywords.entry_id        1MRS 
_struct_keywords.pdbx_keywords   TRANSFERASE 
_struct_keywords.text            'TRANSFERASE (ATP:TMP PHOSPHOTRANSFERASE), KINASE, TRANSFERASE' 
# 
loop_
_struct_asym.id 
_struct_asym.pdbx_blank_PDB_chainid_flag 
_struct_asym.pdbx_modified 
_struct_asym.entity_id 
_struct_asym.details 
A N N 1 ? 
B N N 2 ? 
C N N 2 ? 
D N N 3 ? 
E N N 4 ? 
F N N 5 ? 
# 
_struct_ref.id                         1 
_struct_ref.db_name                    UNP 
_struct_ref.db_code                    KTHY_MYCTU 
_struct_ref.entity_id                  1 
_struct_ref.pdbx_seq_one_letter_code   
;MLIAIEGVDGAGKRTLVEKLSGAFRAAGRSVATLAFPRYGQSVAADIAAEALHGEHGDLASSVYAMATLFALDRAGAVHT
IQGLCRGYDVVILDRYVASNAAYSAARLHENAAGKAAAWVQRIEFARLGLPKPDWQVLLAVSAELAGERSRGRAQRDPGR
ARDNYERDAELQQRTGAVYAELAAQGWGGRWLVVGADVDPGRLAATLAPPDVPS
;
_struct_ref.pdbx_align_begin           1 
_struct_ref.pdbx_db_accession          O05891 
_struct_ref.pdbx_db_isoform            ? 
# 
_struct_ref_seq.align_id                      1 
_struct_ref_seq.ref_id                        1 
_struct_ref_seq.pdbx_PDB_id_code              1MRS 
_struct_ref_seq.pdbx_strand_id                A 
_struct_ref_seq.seq_align_beg                 1 
_struct_ref_seq.pdbx_seq_align_beg_ins_code   ? 
_struct_ref_seq.seq_align_end                 214 
_struct_ref_seq.pdbx_seq_align_end_ins_code   ? 
_struct_ref_seq.pdbx_db_accession             O05891 
_struct_ref_seq.db_align_beg                  1 
_struct_ref_seq.pdbx_db_align_beg_ins_code    ? 
_struct_ref_seq.db_align_end                  214 
_struct_ref_seq.pdbx_db_align_end_ins_code    ? 
_struct_ref_seq.pdbx_auth_seq_align_beg       1 
_struct_ref_seq.pdbx_auth_seq_align_end       214 
# 
_pdbx_struct_assembly.id                   1 
_pdbx_struct_assembly.details              author_defined_assembly 
_pdbx_struct_assembly.method_details       ? 
_pdbx_struct_assembly.oligomeric_details   dimeric 
_pdbx_struct_assembly.oligomeric_count     2 
# 
_pdbx_struct_assembly_gen.assembly_id       1 
_pdbx_struct_assembly_gen.oper_expression   1,2 
_pdbx_struct_assembly_gen.asym_id_list      A,B,C,D,E,F 
# 
loop_
_pdbx_struct_oper_list.id 
_pdbx_struct_oper_list.type 
_pdbx_struct_oper_list.name 
_pdbx_struct_oper_list.symmetry_operation 
_pdbx_struct_oper_list.matrix[1][1] 
_pdbx_struct_oper_list.matrix[1][2] 
_pdbx_struct_oper_list.matrix[1][3] 
_pdbx_struct_oper_list.vector[1] 
_pdbx_struct_oper_list.matrix[2][1] 
_pdbx_struct_oper_list.matrix[2][2] 
_pdbx_struct_oper_list.matrix[2][3] 
_pdbx_struct_oper_list.vector[2] 
_pdbx_struct_oper_list.matrix[3][1] 
_pdbx_struct_oper_list.matrix[3][2] 
_pdbx_struct_oper_list.matrix[3][3] 
_pdbx_struct_oper_list.vector[3] 
1 'identity operation'         1_555 x,y,z     1.0000000000  0.0000000000  0.0000000000 0.0000000000   0.0000000000  1.0000000000  0.0000000000  0.0000000000  0.0000000000 0.0000000000  1.0000000000 0.0000000000  
2 'crystal symmetry operation' 8_555 x-y,-y,-z -0.9577386950 -0.1563434593 0.2414400854 -12.2240776811 -0.1563434593 -0.4216156534 -0.8931948071 28.0457719902 0.2414400854 -0.8931948071 0.3793543484 20.3005995479 
# 
_struct_biol.id                    1 
_struct_biol.details               
;The molecule is a dimer in solution. Monomer B can be generated from monomer A through the
transformation X, -Y, -Z
;
_struct_biol.pdbx_parent_biol_id   ? 
# 
loop_
_struct_conf.conf_type_id 
_struct_conf.id 
_struct_conf.pdbx_PDB_helix_id 
_struct_conf.beg_label_comp_id 
_struct_conf.beg_label_asym_id 
_struct_conf.beg_label_seq_id 
_struct_conf.pdbx_beg_PDB_ins_code 
_struct_conf.end_label_comp_id 
_struct_conf.end_label_asym_id 
_struct_conf.end_label_seq_id 
_struct_conf.pdbx_end_PDB_ins_code 
_struct_conf.beg_auth_comp_id 
_struct_conf.beg_auth_asym_id 
_struct_conf.beg_auth_seq_id 
_struct_conf.end_auth_comp_id 
_struct_conf.end_auth_asym_id 
_struct_conf.end_auth_seq_id 
_struct_conf.pdbx_PDB_helix_class 
_struct_conf.details 
_struct_conf.pdbx_PDB_helix_length 
HELX_P HELX_P1  1  GLY A 12  ? ALA A 26  ? GLY A 12  ALA A 26  1 ? 15 
HELX_P HELX_P2  2  SER A 42  ? HIS A 53  ? SER A 42  HIS A 53  1 ? 12 
HELX_P HELX_P3  3  ASP A 58  ? SER A 61  ? ASP A 58  SER A 61  5 ? 4  
HELX_P HELX_P4  4  SER A 62  ? GLY A 76  ? SER A 62  GLY A 76  1 ? 15 
HELX_P HELX_P5  5  ALA A 77  ? TYR A 88  ? ALA A 77  TYR A 88  1 ? 12 
HELX_P HELX_P6  6  TYR A 96  ? LEU A 108 ? TYR A 96  LEU A 108 1 ? 13 
HELX_P HELX_P7  7  GLY A 114 ? PHE A 125 ? GLY A 114 PHE A 125 1 ? 12 
HELX_P HELX_P8  8  SER A 142 ? ASP A 157 ? SER A 142 ASP A 157 1 ? 16 
HELX_P HELX_P9  9  PRO A 158 ? ALA A 161 ? PRO A 158 ALA A 161 5 ? 4  
HELX_P HELX_P10 10 ASP A 163 ? ASP A 168 ? ASP A 163 ASP A 168 1 ? 6  
HELX_P HELX_P11 11 ASP A 168 ? GLY A 186 ? ASP A 168 GLY A 186 1 ? 19 
HELX_P HELX_P12 12 ASP A 199 ? ALA A 208 ? ASP A 199 ALA A 208 1 ? 10 
# 
_struct_conf_type.id          HELX_P 
_struct_conf_type.criteria    ? 
_struct_conf_type.reference   ? 
# 
loop_
_struct_conn.id 
_struct_conn.conn_type_id 
_struct_conn.pdbx_leaving_atom_flag 
_struct_conn.pdbx_PDB_id 
_struct_conn.ptnr1_label_asym_id 
_struct_conn.ptnr1_label_comp_id 
_struct_conn.ptnr1_label_seq_id 
_struct_conn.ptnr1_label_atom_id 
_struct_conn.pdbx_ptnr1_label_alt_id 
_struct_conn.pdbx_ptnr1_PDB_ins_code 
_struct_conn.pdbx_ptnr1_standard_comp_id 
_struct_conn.ptnr1_symmetry 
_struct_conn.ptnr2_label_asym_id 
_struct_conn.ptnr2_label_comp_id 
_struct_conn.ptnr2_label_seq_id 
_struct_conn.ptnr2_label_atom_id 
_struct_conn.pdbx_ptnr2_label_alt_id 
_struct_conn.pdbx_ptnr2_PDB_ins_code 
_struct_conn.ptnr1_auth_asym_id 
_struct_conn.ptnr1_auth_comp_id 
_struct_conn.ptnr1_auth_seq_id 
_struct_conn.ptnr2_auth_asym_id 
_struct_conn.ptnr2_auth_comp_id 
_struct_conn.ptnr2_auth_seq_id 
_struct_conn.ptnr2_symmetry 
_struct_conn.pdbx_ptnr3_label_atom_id 
_struct_conn.pdbx_ptnr3_label_seq_id 
_struct_conn.pdbx_ptnr3_label_comp_id 
_struct_conn.pdbx_ptnr3_label_asym_id 
_struct_conn.pdbx_ptnr3_label_alt_id 
_struct_conn.pdbx_ptnr3_PDB_ins_code 
_struct_conn.details 
_struct_conn.pdbx_dist_value 
_struct_conn.pdbx_value_order 
_struct_conn.pdbx_role 
metalc1 metalc ? ? A ASP 9   OD1 ? ? ? 1_555 D MG  . MG ? ? A ASP 9   A MG  300 1_555 ? ? ? ? ? ? ? 2.254 ? ? 
metalc2 metalc ? ? A GLU 166 OE2 ? ? ? 1_555 D MG  . MG ? ? A GLU 166 A MG  300 1_555 ? ? ? ? ? ? ? 2.115 ? ? 
metalc3 metalc ? ? E 5HU .   OP2 ? ? ? 1_555 D MG  . MG ? ? A 5HU 217 A MG  300 1_555 ? ? ? ? ? ? ? 2.127 ? ? 
metalc4 metalc ? ? D MG  .   MG  ? ? ? 1_555 F HOH . O  ? ? A MG  300 A HOH 301 1_555 ? ? ? ? ? ? ? 2.267 ? ? 
metalc5 metalc ? ? D MG  .   MG  ? ? ? 1_555 F HOH . O  ? ? A MG  300 A HOH 317 1_555 ? ? ? ? ? ? ? 1.976 ? ? 
metalc6 metalc ? ? D MG  .   MG  ? ? ? 1_555 F HOH . O  ? ? A MG  300 A HOH 320 1_555 ? ? ? ? ? ? ? 2.523 ? ? 
# 
_struct_conn_type.id          metalc 
_struct_conn_type.criteria    ? 
_struct_conn_type.reference   ? 
# 
loop_
_pdbx_struct_conn_angle.id 
_pdbx_struct_conn_angle.ptnr1_label_atom_id 
_pdbx_struct_conn_angle.ptnr1_label_alt_id 
_pdbx_struct_conn_angle.ptnr1_label_asym_id 
_pdbx_struct_conn_angle.ptnr1_label_comp_id 
_pdbx_struct_conn_angle.ptnr1_label_seq_id 
_pdbx_struct_conn_angle.ptnr1_auth_atom_id 
_pdbx_struct_conn_angle.ptnr1_auth_asym_id 
_pdbx_struct_conn_angle.ptnr1_auth_comp_id 
_pdbx_struct_conn_angle.ptnr1_auth_seq_id 
_pdbx_struct_conn_angle.ptnr1_PDB_ins_code 
_pdbx_struct_conn_angle.ptnr1_symmetry 
_pdbx_struct_conn_angle.ptnr2_label_atom_id 
_pdbx_struct_conn_angle.ptnr2_label_alt_id 
_pdbx_struct_conn_angle.ptnr2_label_asym_id 
_pdbx_struct_conn_angle.ptnr2_label_comp_id 
_pdbx_struct_conn_angle.ptnr2_label_seq_id 
_pdbx_struct_conn_angle.ptnr2_auth_atom_id 
_pdbx_struct_conn_angle.ptnr2_auth_asym_id 
_pdbx_struct_conn_angle.ptnr2_auth_comp_id 
_pdbx_struct_conn_angle.ptnr2_auth_seq_id 
_pdbx_struct_conn_angle.ptnr2_PDB_ins_code 
_pdbx_struct_conn_angle.ptnr2_symmetry 
_pdbx_struct_conn_angle.ptnr3_label_atom_id 
_pdbx_struct_conn_angle.ptnr3_label_alt_id 
_pdbx_struct_conn_angle.ptnr3_label_asym_id 
_pdbx_struct_conn_angle.ptnr3_label_comp_id 
_pdbx_struct_conn_angle.ptnr3_label_seq_id 
_pdbx_struct_conn_angle.ptnr3_auth_atom_id 
_pdbx_struct_conn_angle.ptnr3_auth_asym_id 
_pdbx_struct_conn_angle.ptnr3_auth_comp_id 
_pdbx_struct_conn_angle.ptnr3_auth_seq_id 
_pdbx_struct_conn_angle.ptnr3_PDB_ins_code 
_pdbx_struct_conn_angle.ptnr3_symmetry 
_pdbx_struct_conn_angle.value 
_pdbx_struct_conn_angle.value_esd 
1  OD1 ? A ASP 9   ? A ASP 9   ? 1_555 MG ? D MG . ? A MG 300 ? 1_555 OE2 ? A GLU 166 ? A GLU 166 ? 1_555 104.0 ? 
2  OD1 ? A ASP 9   ? A ASP 9   ? 1_555 MG ? D MG . ? A MG 300 ? 1_555 OP2 ? E 5HU .   ? A 5HU 217 ? 1_555 93.0  ? 
3  OE2 ? A GLU 166 ? A GLU 166 ? 1_555 MG ? D MG . ? A MG 300 ? 1_555 OP2 ? E 5HU .   ? A 5HU 217 ? 1_555 148.7 ? 
4  OD1 ? A ASP 9   ? A ASP 9   ? 1_555 MG ? D MG . ? A MG 300 ? 1_555 O   ? F HOH .   ? A HOH 301 ? 1_555 169.6 ? 
5  OE2 ? A GLU 166 ? A GLU 166 ? 1_555 MG ? D MG . ? A MG 300 ? 1_555 O   ? F HOH .   ? A HOH 301 ? 1_555 86.3  ? 
6  OP2 ? E 5HU .   ? A 5HU 217 ? 1_555 MG ? D MG . ? A MG 300 ? 1_555 O   ? F HOH .   ? A HOH 301 ? 1_555 78.3  ? 
7  OD1 ? A ASP 9   ? A ASP 9   ? 1_555 MG ? D MG . ? A MG 300 ? 1_555 O   ? F HOH .   ? A HOH 317 ? 1_555 82.5  ? 
8  OE2 ? A GLU 166 ? A GLU 166 ? 1_555 MG ? D MG . ? A MG 300 ? 1_555 O   ? F HOH .   ? A HOH 317 ? 1_555 82.1  ? 
9  OP2 ? E 5HU .   ? A 5HU 217 ? 1_555 MG ? D MG . ? A MG 300 ? 1_555 O   ? F HOH .   ? A HOH 317 ? 1_555 126.6 ? 
10 O   ? F HOH .   ? A HOH 301 ? 1_555 MG ? D MG . ? A MG 300 ? 1_555 O   ? F HOH .   ? A HOH 317 ? 1_555 98.0  ? 
11 OD1 ? A ASP 9   ? A ASP 9   ? 1_555 MG ? D MG . ? A MG 300 ? 1_555 O   ? F HOH .   ? A HOH 320 ? 1_555 86.7  ? 
12 OE2 ? A GLU 166 ? A GLU 166 ? 1_555 MG ? D MG . ? A MG 300 ? 1_555 O   ? F HOH .   ? A HOH 320 ? 1_555 81.4  ? 
13 OP2 ? E 5HU .   ? A 5HU 217 ? 1_555 MG ? D MG . ? A MG 300 ? 1_555 O   ? F HOH .   ? A HOH 320 ? 1_555 73.5  ? 
14 O   ? F HOH .   ? A HOH 301 ? 1_555 MG ? D MG . ? A MG 300 ? 1_555 O   ? F HOH .   ? A HOH 320 ? 1_555 96.1  ? 
15 O   ? F HOH .   ? A HOH 317 ? 1_555 MG ? D MG . ? A MG 300 ? 1_555 O   ? F HOH .   ? A HOH 320 ? 1_555 157.4 ? 
# 
_struct_mon_prot_cis.pdbx_id                1 
_struct_mon_prot_cis.label_comp_id          PHE 
_struct_mon_prot_cis.label_seq_id           36 
_struct_mon_prot_cis.label_asym_id          A 
_struct_mon_prot_cis.label_alt_id           . 
_struct_mon_prot_cis.pdbx_PDB_ins_code      ? 
_struct_mon_prot_cis.auth_comp_id           PHE 
_struct_mon_prot_cis.auth_seq_id            36 
_struct_mon_prot_cis.auth_asym_id           A 
_struct_mon_prot_cis.pdbx_label_comp_id_2   PRO 
_struct_mon_prot_cis.pdbx_label_seq_id_2    37 
_struct_mon_prot_cis.pdbx_label_asym_id_2   A 
_struct_mon_prot_cis.pdbx_PDB_ins_code_2    ? 
_struct_mon_prot_cis.pdbx_auth_comp_id_2    PRO 
_struct_mon_prot_cis.pdbx_auth_seq_id_2     37 
_struct_mon_prot_cis.pdbx_auth_asym_id_2    A 
_struct_mon_prot_cis.pdbx_PDB_model_num     1 
_struct_mon_prot_cis.pdbx_omega_angle       1.04 
# 
_struct_sheet.id               A 
_struct_sheet.type             ? 
_struct_sheet.number_strands   5 
_struct_sheet.details          ? 
# 
loop_
_struct_sheet_order.sheet_id 
_struct_sheet_order.range_id_1 
_struct_sheet_order.range_id_2 
_struct_sheet_order.offset 
_struct_sheet_order.sense 
A 1 2 ? parallel 
A 2 3 ? parallel 
A 3 4 ? parallel 
A 4 5 ? parallel 
# 
loop_
_struct_sheet_range.sheet_id 
_struct_sheet_range.id 
_struct_sheet_range.beg_label_comp_id 
_struct_sheet_range.beg_label_asym_id 
_struct_sheet_range.beg_label_seq_id 
_struct_sheet_range.pdbx_beg_PDB_ins_code 
_struct_sheet_range.end_label_comp_id 
_struct_sheet_range.end_label_asym_id 
_struct_sheet_range.end_label_seq_id 
_struct_sheet_range.pdbx_end_PDB_ins_code 
_struct_sheet_range.beg_auth_comp_id 
_struct_sheet_range.beg_auth_asym_id 
_struct_sheet_range.beg_auth_seq_id 
_struct_sheet_range.end_auth_comp_id 
_struct_sheet_range.end_auth_asym_id 
_struct_sheet_range.end_auth_seq_id 
A 1 VAL A 31  ? ALA A 35  ? VAL A 31  ALA A 35  
A 2 VAL A 90  ? ASP A 94  ? VAL A 90  ASP A 94  
A 3 LEU A 2   ? GLU A 6   ? LEU A 2   GLU A 6   
A 4 TRP A 135 ? LEU A 139 ? TRP A 135 LEU A 139 
A 5 ARG A 190 ? VAL A 194 ? ARG A 190 VAL A 194 
# 
loop_
_pdbx_struct_sheet_hbond.sheet_id 
_pdbx_struct_sheet_hbond.range_id_1 
_pdbx_struct_sheet_hbond.range_id_2 
_pdbx_struct_sheet_hbond.range_1_label_atom_id 
_pdbx_struct_sheet_hbond.range_1_label_comp_id 
_pdbx_struct_sheet_hbond.range_1_label_asym_id 
_pdbx_struct_sheet_hbond.range_1_label_seq_id 
_pdbx_struct_sheet_hbond.range_1_PDB_ins_code 
_pdbx_struct_sheet_hbond.range_1_auth_atom_id 
_pdbx_struct_sheet_hbond.range_1_auth_comp_id 
_pdbx_struct_sheet_hbond.range_1_auth_asym_id 
_pdbx_struct_sheet_hbond.range_1_auth_seq_id 
_pdbx_struct_sheet_hbond.range_2_label_atom_id 
_pdbx_struct_sheet_hbond.range_2_label_comp_id 
_pdbx_struct_sheet_hbond.range_2_label_asym_id 
_pdbx_struct_sheet_hbond.range_2_label_seq_id 
_pdbx_struct_sheet_hbond.range_2_PDB_ins_code 
_pdbx_struct_sheet_hbond.range_2_auth_atom_id 
_pdbx_struct_sheet_hbond.range_2_auth_comp_id 
_pdbx_struct_sheet_hbond.range_2_auth_asym_id 
_pdbx_struct_sheet_hbond.range_2_auth_seq_id 
A 1 2 N ALA A 32  ? N ALA A 32  O ILE A 92  ? O ILE A 92  
A 2 3 O VAL A 91  ? O VAL A 91  N ILE A 3   ? N ILE A 3   
A 3 4 N GLU A 6   ? N GLU A 6   O VAL A 137 ? O VAL A 137 
A 4 5 N LEU A 138 ? N LEU A 138 O LEU A 192 ? O LEU A 192 
# 
loop_
_struct_site.id 
_struct_site.pdbx_evidence_code 
_struct_site.pdbx_auth_asym_id 
_struct_site.pdbx_auth_comp_id 
_struct_site.pdbx_auth_seq_id 
_struct_site.pdbx_auth_ins_code 
_struct_site.pdbx_num_residues 
_struct_site.details 
AC1 Software A SO4 219 ? 8  'BINDING SITE FOR RESIDUE SO4 A 219' 
AC2 Software A SO4 220 ? 8  'BINDING SITE FOR RESIDUE SO4 A 220' 
AC3 Software A MG  300 ? 6  'BINDING SITE FOR RESIDUE MG A 300'  
AC4 Software A 5HU 217 ? 17 'BINDING SITE FOR RESIDUE 5HU A 217' 
# 
loop_
_struct_site_gen.id 
_struct_site_gen.site_id 
_struct_site_gen.pdbx_num_res 
_struct_site_gen.label_comp_id 
_struct_site_gen.label_asym_id 
_struct_site_gen.label_seq_id 
_struct_site_gen.pdbx_auth_ins_code 
_struct_site_gen.auth_comp_id 
_struct_site_gen.auth_asym_id 
_struct_site_gen.auth_seq_id 
_struct_site_gen.label_atom_id 
_struct_site_gen.label_alt_id 
_struct_site_gen.symmetry 
_struct_site_gen.details 
1  AC1 8  GLN A 121 ? GLN A 121 . ? 6_554 ? 
2  AC1 8  LYS A 132 ? LYS A 132 . ? 6_554 ? 
3  AC1 8  ALA A 154 ? ALA A 154 . ? 1_555 ? 
4  AC1 8  ARG A 162 ? ARG A 162 . ? 1_555 ? 
5  AC1 8  ARG A 167 ? ARG A 167 . ? 1_555 ? 
6  AC1 8  TRP A 187 ? TRP A 187 . ? 6_554 ? 
7  AC1 8  GLY A 188 ? GLY A 188 . ? 6_554 ? 
8  AC1 8  HOH F .   ? HOH A 323 . ? 1_555 ? 
9  AC2 8  GLY A 10  ? GLY A 10  . ? 1_555 ? 
10 AC2 8  ALA A 11  ? ALA A 11  . ? 1_555 ? 
11 AC2 8  GLY A 12  ? GLY A 12  . ? 1_555 ? 
12 AC2 8  LYS A 13  ? LYS A 13  . ? 1_555 ? 
13 AC2 8  ARG A 14  ? ARG A 14  . ? 1_555 ? 
14 AC2 8  ARG A 153 ? ARG A 153 . ? 1_555 ? 
15 AC2 8  HOH F .   ? HOH A 309 . ? 1_555 ? 
16 AC2 8  HOH F .   ? HOH A 315 . ? 1_555 ? 
17 AC3 6  ASP A 9   ? ASP A 9   . ? 1_555 ? 
18 AC3 6  GLU A 166 ? GLU A 166 . ? 1_555 ? 
19 AC3 6  5HU E .   ? 5HU A 217 . ? 1_555 ? 
20 AC3 6  HOH F .   ? HOH A 301 . ? 1_555 ? 
21 AC3 6  HOH F .   ? HOH A 317 . ? 1_555 ? 
22 AC3 6  HOH F .   ? HOH A 320 . ? 1_555 ? 
23 AC4 17 ASP A 9   ? ASP A 9   . ? 1_555 ? 
24 AC4 17 PRO A 37  ? PRO A 37  . ? 1_555 ? 
25 AC4 17 TYR A 39  ? TYR A 39  . ? 1_555 ? 
26 AC4 17 PHE A 70  ? PHE A 70  . ? 1_555 ? 
27 AC4 17 ARG A 74  ? ARG A 74  . ? 1_555 ? 
28 AC4 17 ARG A 95  ? ARG A 95  . ? 1_555 ? 
29 AC4 17 ASN A 100 ? ASN A 100 . ? 1_555 ? 
30 AC4 17 TYR A 103 ? TYR A 103 . ? 1_555 ? 
31 AC4 17 TYR A 165 ? TYR A 165 . ? 1_555 ? 
32 AC4 17 MG  D .   ? MG  A 300 . ? 1_555 ? 
33 AC4 17 HOH F .   ? HOH A 301 . ? 1_555 ? 
34 AC4 17 HOH F .   ? HOH A 310 . ? 1_555 ? 
35 AC4 17 HOH F .   ? HOH A 316 . ? 1_555 ? 
36 AC4 17 HOH F .   ? HOH A 317 . ? 1_555 ? 
37 AC4 17 HOH F .   ? HOH A 320 . ? 1_555 ? 
38 AC4 17 HOH F .   ? HOH A 325 . ? 1_555 ? 
39 AC4 17 HOH F .   ? HOH A 359 . ? 1_555 ? 
# 
loop_
_pdbx_validate_torsion.id 
_pdbx_validate_torsion.PDB_model_num 
_pdbx_validate_torsion.auth_comp_id 
_pdbx_validate_torsion.auth_asym_id 
_pdbx_validate_torsion.auth_seq_id 
_pdbx_validate_torsion.PDB_ins_code 
_pdbx_validate_torsion.label_alt_id 
_pdbx_validate_torsion.phi 
_pdbx_validate_torsion.psi 
1 1 ARG A 95 ? ? 84.08   143.09  
2 1 TYR A 96 ? ? -153.29 -156.08 
# 
loop_
_pdbx_unobs_or_zero_occ_residues.id 
_pdbx_unobs_or_zero_occ_residues.PDB_model_num 
_pdbx_unobs_or_zero_occ_residues.polymer_flag 
_pdbx_unobs_or_zero_occ_residues.occupancy_flag 
_pdbx_unobs_or_zero_occ_residues.auth_asym_id 
_pdbx_unobs_or_zero_occ_residues.auth_comp_id 
_pdbx_unobs_or_zero_occ_residues.auth_seq_id 
_pdbx_unobs_or_zero_occ_residues.PDB_ins_code 
_pdbx_unobs_or_zero_occ_residues.label_asym_id 
_pdbx_unobs_or_zero_occ_residues.label_comp_id 
_pdbx_unobs_or_zero_occ_residues.label_seq_id 
1 1 Y 1 A PRO 209 ? A PRO 209 
2 1 Y 1 A PRO 210 ? A PRO 210 
3 1 Y 1 A ASP 211 ? A ASP 211 
4 1 Y 1 A VAL 212 ? A VAL 212 
5 1 Y 1 A PRO 213 ? A PRO 213 
6 1 Y 1 A SER 214 ? A SER 214 
# 
loop_
_chem_comp_atom.comp_id 
_chem_comp_atom.atom_id 
_chem_comp_atom.type_symbol 
_chem_comp_atom.pdbx_aromatic_flag 
_chem_comp_atom.pdbx_stereo_config 
_chem_comp_atom.pdbx_ordinal 
5HU P      P  N N 1   
5HU OP1    O  N N 2   
5HU OP2    O  N N 3   
5HU OP3    O  N N 4   
5HU "O5'"  O  N N 5   
5HU "C5'"  C  N N 6   
5HU "C4'"  C  N R 7   
5HU "O4'"  O  N N 8   
5HU "C3'"  C  N S 9   
5HU "O3'"  O  N N 10  
5HU "C2'"  C  N N 11  
5HU "C1'"  C  N R 12  
5HU N1     N  N N 13  
5HU C2     C  N N 14  
5HU O2     O  N N 15  
5HU N3     N  N N 16  
5HU C4     C  N N 17  
5HU O4     O  N N 18  
5HU C5     C  N N 19  
5HU C5A    C  N N 20  
5HU C6     C  N N 21  
5HU O5B    O  N N 22  
5HU HO2P   H  N N 23  
5HU HO3P   H  N N 24  
5HU "H5'"  H  N N 25  
5HU "H5''" H  N N 26  
5HU "HC4'" H  N N 27  
5HU "HC3'" H  N N 28  
5HU "HO3'" H  N N 29  
5HU "H2'"  H  N N 30  
5HU "H2''" H  N N 31  
5HU "HC1'" H  N N 32  
5HU HN3    H  N N 33  
5HU H5A1   H  N N 34  
5HU H5A2   H  N N 35  
5HU HC6    H  N N 36  
5HU HO5B   H  N N 37  
ALA N      N  N N 38  
ALA CA     C  N S 39  
ALA C      C  N N 40  
ALA O      O  N N 41  
ALA CB     C  N N 42  
ALA OXT    O  N N 43  
ALA H      H  N N 44  
ALA H2     H  N N 45  
ALA HA     H  N N 46  
ALA HB1    H  N N 47  
ALA HB2    H  N N 48  
ALA HB3    H  N N 49  
ALA HXT    H  N N 50  
ARG N      N  N N 51  
ARG CA     C  N S 52  
ARG C      C  N N 53  
ARG O      O  N N 54  
ARG CB     C  N N 55  
ARG CG     C  N N 56  
ARG CD     C  N N 57  
ARG NE     N  N N 58  
ARG CZ     C  N N 59  
ARG NH1    N  N N 60  
ARG NH2    N  N N 61  
ARG OXT    O  N N 62  
ARG H      H  N N 63  
ARG H2     H  N N 64  
ARG HA     H  N N 65  
ARG HB2    H  N N 66  
ARG HB3    H  N N 67  
ARG HG2    H  N N 68  
ARG HG3    H  N N 69  
ARG HD2    H  N N 70  
ARG HD3    H  N N 71  
ARG HE     H  N N 72  
ARG HH11   H  N N 73  
ARG HH12   H  N N 74  
ARG HH21   H  N N 75  
ARG HH22   H  N N 76  
ARG HXT    H  N N 77  
ASN N      N  N N 78  
ASN CA     C  N S 79  
ASN C      C  N N 80  
ASN O      O  N N 81  
ASN CB     C  N N 82  
ASN CG     C  N N 83  
ASN OD1    O  N N 84  
ASN ND2    N  N N 85  
ASN OXT    O  N N 86  
ASN H      H  N N 87  
ASN H2     H  N N 88  
ASN HA     H  N N 89  
ASN HB2    H  N N 90  
ASN HB3    H  N N 91  
ASN HD21   H  N N 92  
ASN HD22   H  N N 93  
ASN HXT    H  N N 94  
ASP N      N  N N 95  
ASP CA     C  N S 96  
ASP C      C  N N 97  
ASP O      O  N N 98  
ASP CB     C  N N 99  
ASP CG     C  N N 100 
ASP OD1    O  N N 101 
ASP OD2    O  N N 102 
ASP OXT    O  N N 103 
ASP H      H  N N 104 
ASP H2     H  N N 105 
ASP HA     H  N N 106 
ASP HB2    H  N N 107 
ASP HB3    H  N N 108 
ASP HD2    H  N N 109 
ASP HXT    H  N N 110 
CYS N      N  N N 111 
CYS CA     C  N R 112 
CYS C      C  N N 113 
CYS O      O  N N 114 
CYS CB     C  N N 115 
CYS SG     S  N N 116 
CYS OXT    O  N N 117 
CYS H      H  N N 118 
CYS H2     H  N N 119 
CYS HA     H  N N 120 
CYS HB2    H  N N 121 
CYS HB3    H  N N 122 
CYS HG     H  N N 123 
CYS HXT    H  N N 124 
GLN N      N  N N 125 
GLN CA     C  N S 126 
GLN C      C  N N 127 
GLN O      O  N N 128 
GLN CB     C  N N 129 
GLN CG     C  N N 130 
GLN CD     C  N N 131 
GLN OE1    O  N N 132 
GLN NE2    N  N N 133 
GLN OXT    O  N N 134 
GLN H      H  N N 135 
GLN H2     H  N N 136 
GLN HA     H  N N 137 
GLN HB2    H  N N 138 
GLN HB3    H  N N 139 
GLN HG2    H  N N 140 
GLN HG3    H  N N 141 
GLN HE21   H  N N 142 
GLN HE22   H  N N 143 
GLN HXT    H  N N 144 
GLU N      N  N N 145 
GLU CA     C  N S 146 
GLU C      C  N N 147 
GLU O      O  N N 148 
GLU CB     C  N N 149 
GLU CG     C  N N 150 
GLU CD     C  N N 151 
GLU OE1    O  N N 152 
GLU OE2    O  N N 153 
GLU OXT    O  N N 154 
GLU H      H  N N 155 
GLU H2     H  N N 156 
GLU HA     H  N N 157 
GLU HB2    H  N N 158 
GLU HB3    H  N N 159 
GLU HG2    H  N N 160 
GLU HG3    H  N N 161 
GLU HE2    H  N N 162 
GLU HXT    H  N N 163 
GLY N      N  N N 164 
GLY CA     C  N N 165 
GLY C      C  N N 166 
GLY O      O  N N 167 
GLY OXT    O  N N 168 
GLY H      H  N N 169 
GLY H2     H  N N 170 
GLY HA2    H  N N 171 
GLY HA3    H  N N 172 
GLY HXT    H  N N 173 
HIS N      N  N N 174 
HIS CA     C  N S 175 
HIS C      C  N N 176 
HIS O      O  N N 177 
HIS CB     C  N N 178 
HIS CG     C  Y N 179 
HIS ND1    N  Y N 180 
HIS CD2    C  Y N 181 
HIS CE1    C  Y N 182 
HIS NE2    N  Y N 183 
HIS OXT    O  N N 184 
HIS H      H  N N 185 
HIS H2     H  N N 186 
HIS HA     H  N N 187 
HIS HB2    H  N N 188 
HIS HB3    H  N N 189 
HIS HD1    H  N N 190 
HIS HD2    H  N N 191 
HIS HE1    H  N N 192 
HIS HE2    H  N N 193 
HIS HXT    H  N N 194 
HOH O      O  N N 195 
HOH H1     H  N N 196 
HOH H2     H  N N 197 
ILE N      N  N N 198 
ILE CA     C  N S 199 
ILE C      C  N N 200 
ILE O      O  N N 201 
ILE CB     C  N S 202 
ILE CG1    C  N N 203 
ILE CG2    C  N N 204 
ILE CD1    C  N N 205 
ILE OXT    O  N N 206 
ILE H      H  N N 207 
ILE H2     H  N N 208 
ILE HA     H  N N 209 
ILE HB     H  N N 210 
ILE HG12   H  N N 211 
ILE HG13   H  N N 212 
ILE HG21   H  N N 213 
ILE HG22   H  N N 214 
ILE HG23   H  N N 215 
ILE HD11   H  N N 216 
ILE HD12   H  N N 217 
ILE HD13   H  N N 218 
ILE HXT    H  N N 219 
LEU N      N  N N 220 
LEU CA     C  N S 221 
LEU C      C  N N 222 
LEU O      O  N N 223 
LEU CB     C  N N 224 
LEU CG     C  N N 225 
LEU CD1    C  N N 226 
LEU CD2    C  N N 227 
LEU OXT    O  N N 228 
LEU H      H  N N 229 
LEU H2     H  N N 230 
LEU HA     H  N N 231 
LEU HB2    H  N N 232 
LEU HB3    H  N N 233 
LEU HG     H  N N 234 
LEU HD11   H  N N 235 
LEU HD12   H  N N 236 
LEU HD13   H  N N 237 
LEU HD21   H  N N 238 
LEU HD22   H  N N 239 
LEU HD23   H  N N 240 
LEU HXT    H  N N 241 
LYS N      N  N N 242 
LYS CA     C  N S 243 
LYS C      C  N N 244 
LYS O      O  N N 245 
LYS CB     C  N N 246 
LYS CG     C  N N 247 
LYS CD     C  N N 248 
LYS CE     C  N N 249 
LYS NZ     N  N N 250 
LYS OXT    O  N N 251 
LYS H      H  N N 252 
LYS H2     H  N N 253 
LYS HA     H  N N 254 
LYS HB2    H  N N 255 
LYS HB3    H  N N 256 
LYS HG2    H  N N 257 
LYS HG3    H  N N 258 
LYS HD2    H  N N 259 
LYS HD3    H  N N 260 
LYS HE2    H  N N 261 
LYS HE3    H  N N 262 
LYS HZ1    H  N N 263 
LYS HZ2    H  N N 264 
LYS HZ3    H  N N 265 
LYS HXT    H  N N 266 
MET N      N  N N 267 
MET CA     C  N S 268 
MET C      C  N N 269 
MET O      O  N N 270 
MET CB     C  N N 271 
MET CG     C  N N 272 
MET SD     S  N N 273 
MET CE     C  N N 274 
MET OXT    O  N N 275 
MET H      H  N N 276 
MET H2     H  N N 277 
MET HA     H  N N 278 
MET HB2    H  N N 279 
MET HB3    H  N N 280 
MET HG2    H  N N 281 
MET HG3    H  N N 282 
MET HE1    H  N N 283 
MET HE2    H  N N 284 
MET HE3    H  N N 285 
MET HXT    H  N N 286 
MG  MG     MG N N 287 
PHE N      N  N N 288 
PHE CA     C  N S 289 
PHE C      C  N N 290 
PHE O      O  N N 291 
PHE CB     C  N N 292 
PHE CG     C  Y N 293 
PHE CD1    C  Y N 294 
PHE CD2    C  Y N 295 
PHE CE1    C  Y N 296 
PHE CE2    C  Y N 297 
PHE CZ     C  Y N 298 
PHE OXT    O  N N 299 
PHE H      H  N N 300 
PHE H2     H  N N 301 
PHE HA     H  N N 302 
PHE HB2    H  N N 303 
PHE HB3    H  N N 304 
PHE HD1    H  N N 305 
PHE HD2    H  N N 306 
PHE HE1    H  N N 307 
PHE HE2    H  N N 308 
PHE HZ     H  N N 309 
PHE HXT    H  N N 310 
PRO N      N  N N 311 
PRO CA     C  N S 312 
PRO C      C  N N 313 
PRO O      O  N N 314 
PRO CB     C  N N 315 
PRO CG     C  N N 316 
PRO CD     C  N N 317 
PRO OXT    O  N N 318 
PRO H      H  N N 319 
PRO HA     H  N N 320 
PRO HB2    H  N N 321 
PRO HB3    H  N N 322 
PRO HG2    H  N N 323 
PRO HG3    H  N N 324 
PRO HD2    H  N N 325 
PRO HD3    H  N N 326 
PRO HXT    H  N N 327 
SER N      N  N N 328 
SER CA     C  N S 329 
SER C      C  N N 330 
SER O      O  N N 331 
SER CB     C  N N 332 
SER OG     O  N N 333 
SER OXT    O  N N 334 
SER H      H  N N 335 
SER H2     H  N N 336 
SER HA     H  N N 337 
SER HB2    H  N N 338 
SER HB3    H  N N 339 
SER HG     H  N N 340 
SER HXT    H  N N 341 
SO4 S      S  N N 342 
SO4 O1     O  N N 343 
SO4 O2     O  N N 344 
SO4 O3     O  N N 345 
SO4 O4     O  N N 346 
THR N      N  N N 347 
THR CA     C  N S 348 
THR C      C  N N 349 
THR O      O  N N 350 
THR CB     C  N R 351 
THR OG1    O  N N 352 
THR CG2    C  N N 353 
THR OXT    O  N N 354 
THR H      H  N N 355 
THR H2     H  N N 356 
THR HA     H  N N 357 
THR HB     H  N N 358 
THR HG1    H  N N 359 
THR HG21   H  N N 360 
THR HG22   H  N N 361 
THR HG23   H  N N 362 
THR HXT    H  N N 363 
TRP N      N  N N 364 
TRP CA     C  N S 365 
TRP C      C  N N 366 
TRP O      O  N N 367 
TRP CB     C  N N 368 
TRP CG     C  Y N 369 
TRP CD1    C  Y N 370 
TRP CD2    C  Y N 371 
TRP NE1    N  Y N 372 
TRP CE2    C  Y N 373 
TRP CE3    C  Y N 374 
TRP CZ2    C  Y N 375 
TRP CZ3    C  Y N 376 
TRP CH2    C  Y N 377 
TRP OXT    O  N N 378 
TRP H      H  N N 379 
TRP H2     H  N N 380 
TRP HA     H  N N 381 
TRP HB2    H  N N 382 
TRP HB3    H  N N 383 
TRP HD1    H  N N 384 
TRP HE1    H  N N 385 
TRP HE3    H  N N 386 
TRP HZ2    H  N N 387 
TRP HZ3    H  N N 388 
TRP HH2    H  N N 389 
TRP HXT    H  N N 390 
TYR N      N  N N 391 
TYR CA     C  N S 392 
TYR C      C  N N 393 
TYR O      O  N N 394 
TYR CB     C  N N 395 
TYR CG     C  Y N 396 
TYR CD1    C  Y N 397 
TYR CD2    C  Y N 398 
TYR CE1    C  Y N 399 
TYR CE2    C  Y N 400 
TYR CZ     C  Y N 401 
TYR OH     O  N N 402 
TYR OXT    O  N N 403 
TYR H      H  N N 404 
TYR H2     H  N N 405 
TYR HA     H  N N 406 
TYR HB2    H  N N 407 
TYR HB3    H  N N 408 
TYR HD1    H  N N 409 
TYR HD2    H  N N 410 
TYR HE1    H  N N 411 
TYR HE2    H  N N 412 
TYR HH     H  N N 413 
TYR HXT    H  N N 414 
VAL N      N  N N 415 
VAL CA     C  N S 416 
VAL C      C  N N 417 
VAL O      O  N N 418 
VAL CB     C  N N 419 
VAL CG1    C  N N 420 
VAL CG2    C  N N 421 
VAL OXT    O  N N 422 
VAL H      H  N N 423 
VAL H2     H  N N 424 
VAL HA     H  N N 425 
VAL HB     H  N N 426 
VAL HG11   H  N N 427 
VAL HG12   H  N N 428 
VAL HG13   H  N N 429 
VAL HG21   H  N N 430 
VAL HG22   H  N N 431 
VAL HG23   H  N N 432 
VAL HXT    H  N N 433 
# 
loop_
_chem_comp_bond.comp_id 
_chem_comp_bond.atom_id_1 
_chem_comp_bond.atom_id_2 
_chem_comp_bond.value_order 
_chem_comp_bond.pdbx_aromatic_flag 
_chem_comp_bond.pdbx_stereo_config 
_chem_comp_bond.pdbx_ordinal 
5HU P     OP1    doub N N 1   
5HU P     OP2    sing N N 2   
5HU P     OP3    sing N N 3   
5HU P     "O5'"  sing N N 4   
5HU OP2   HO2P   sing N N 5   
5HU OP3   HO3P   sing N N 6   
5HU "O5'" "C5'"  sing N N 7   
5HU "C5'" "C4'"  sing N N 8   
5HU "C5'" "H5'"  sing N N 9   
5HU "C5'" "H5''" sing N N 10  
5HU "C4'" "O4'"  sing N N 11  
5HU "C4'" "C3'"  sing N N 12  
5HU "C4'" "HC4'" sing N N 13  
5HU "O4'" "C1'"  sing N N 14  
5HU "C3'" "O3'"  sing N N 15  
5HU "C3'" "C2'"  sing N N 16  
5HU "C3'" "HC3'" sing N N 17  
5HU "O3'" "HO3'" sing N N 18  
5HU "C2'" "C1'"  sing N N 19  
5HU "C2'" "H2'"  sing N N 20  
5HU "C2'" "H2''" sing N N 21  
5HU "C1'" N1     sing N N 22  
5HU "C1'" "HC1'" sing N N 23  
5HU N1    C2     sing N N 24  
5HU N1    C6     sing N N 25  
5HU C2    O2     doub N N 26  
5HU C2    N3     sing N N 27  
5HU N3    C4     sing N N 28  
5HU N3    HN3    sing N N 29  
5HU C4    O4     doub N N 30  
5HU C4    C5     sing N N 31  
5HU C5    C5A    sing N N 32  
5HU C5    C6     doub N N 33  
5HU C5A   O5B    sing N N 34  
5HU C5A   H5A1   sing N N 35  
5HU C5A   H5A2   sing N N 36  
5HU C6    HC6    sing N N 37  
5HU O5B   HO5B   sing N N 38  
ALA N     CA     sing N N 39  
ALA N     H      sing N N 40  
ALA N     H2     sing N N 41  
ALA CA    C      sing N N 42  
ALA CA    CB     sing N N 43  
ALA CA    HA     sing N N 44  
ALA C     O      doub N N 45  
ALA C     OXT    sing N N 46  
ALA CB    HB1    sing N N 47  
ALA CB    HB2    sing N N 48  
ALA CB    HB3    sing N N 49  
ALA OXT   HXT    sing N N 50  
ARG N     CA     sing N N 51  
ARG N     H      sing N N 52  
ARG N     H2     sing N N 53  
ARG CA    C      sing N N 54  
ARG CA    CB     sing N N 55  
ARG CA    HA     sing N N 56  
ARG C     O      doub N N 57  
ARG C     OXT    sing N N 58  
ARG CB    CG     sing N N 59  
ARG CB    HB2    sing N N 60  
ARG CB    HB3    sing N N 61  
ARG CG    CD     sing N N 62  
ARG CG    HG2    sing N N 63  
ARG CG    HG3    sing N N 64  
ARG CD    NE     sing N N 65  
ARG CD    HD2    sing N N 66  
ARG CD    HD3    sing N N 67  
ARG NE    CZ     sing N N 68  
ARG NE    HE     sing N N 69  
ARG CZ    NH1    sing N N 70  
ARG CZ    NH2    doub N N 71  
ARG NH1   HH11   sing N N 72  
ARG NH1   HH12   sing N N 73  
ARG NH2   HH21   sing N N 74  
ARG NH2   HH22   sing N N 75  
ARG OXT   HXT    sing N N 76  
ASN N     CA     sing N N 77  
ASN N     H      sing N N 78  
ASN N     H2     sing N N 79  
ASN CA    C      sing N N 80  
ASN CA    CB     sing N N 81  
ASN CA    HA     sing N N 82  
ASN C     O      doub N N 83  
ASN C     OXT    sing N N 84  
ASN CB    CG     sing N N 85  
ASN CB    HB2    sing N N 86  
ASN CB    HB3    sing N N 87  
ASN CG    OD1    doub N N 88  
ASN CG    ND2    sing N N 89  
ASN ND2   HD21   sing N N 90  
ASN ND2   HD22   sing N N 91  
ASN OXT   HXT    sing N N 92  
ASP N     CA     sing N N 93  
ASP N     H      sing N N 94  
ASP N     H2     sing N N 95  
ASP CA    C      sing N N 96  
ASP CA    CB     sing N N 97  
ASP CA    HA     sing N N 98  
ASP C     O      doub N N 99  
ASP C     OXT    sing N N 100 
ASP CB    CG     sing N N 101 
ASP CB    HB2    sing N N 102 
ASP CB    HB3    sing N N 103 
ASP CG    OD1    doub N N 104 
ASP CG    OD2    sing N N 105 
ASP OD2   HD2    sing N N 106 
ASP OXT   HXT    sing N N 107 
CYS N     CA     sing N N 108 
CYS N     H      sing N N 109 
CYS N     H2     sing N N 110 
CYS CA    C      sing N N 111 
CYS CA    CB     sing N N 112 
CYS CA    HA     sing N N 113 
CYS C     O      doub N N 114 
CYS C     OXT    sing N N 115 
CYS CB    SG     sing N N 116 
CYS CB    HB2    sing N N 117 
CYS CB    HB3    sing N N 118 
CYS SG    HG     sing N N 119 
CYS OXT   HXT    sing N N 120 
GLN N     CA     sing N N 121 
GLN N     H      sing N N 122 
GLN N     H2     sing N N 123 
GLN CA    C      sing N N 124 
GLN CA    CB     sing N N 125 
GLN CA    HA     sing N N 126 
GLN C     O      doub N N 127 
GLN C     OXT    sing N N 128 
GLN CB    CG     sing N N 129 
GLN CB    HB2    sing N N 130 
GLN CB    HB3    sing N N 131 
GLN CG    CD     sing N N 132 
GLN CG    HG2    sing N N 133 
GLN CG    HG3    sing N N 134 
GLN CD    OE1    doub N N 135 
GLN CD    NE2    sing N N 136 
GLN NE2   HE21   sing N N 137 
GLN NE2   HE22   sing N N 138 
GLN OXT   HXT    sing N N 139 
GLU N     CA     sing N N 140 
GLU N     H      sing N N 141 
GLU N     H2     sing N N 142 
GLU CA    C      sing N N 143 
GLU CA    CB     sing N N 144 
GLU CA    HA     sing N N 145 
GLU C     O      doub N N 146 
GLU C     OXT    sing N N 147 
GLU CB    CG     sing N N 148 
GLU CB    HB2    sing N N 149 
GLU CB    HB3    sing N N 150 
GLU CG    CD     sing N N 151 
GLU CG    HG2    sing N N 152 
GLU CG    HG3    sing N N 153 
GLU CD    OE1    doub N N 154 
GLU CD    OE2    sing N N 155 
GLU OE2   HE2    sing N N 156 
GLU OXT   HXT    sing N N 157 
GLY N     CA     sing N N 158 
GLY N     H      sing N N 159 
GLY N     H2     sing N N 160 
GLY CA    C      sing N N 161 
GLY CA    HA2    sing N N 162 
GLY CA    HA3    sing N N 163 
GLY C     O      doub N N 164 
GLY C     OXT    sing N N 165 
GLY OXT   HXT    sing N N 166 
HIS N     CA     sing N N 167 
HIS N     H      sing N N 168 
HIS N     H2     sing N N 169 
HIS CA    C      sing N N 170 
HIS CA    CB     sing N N 171 
HIS CA    HA     sing N N 172 
HIS C     O      doub N N 173 
HIS C     OXT    sing N N 174 
HIS CB    CG     sing N N 175 
HIS CB    HB2    sing N N 176 
HIS CB    HB3    sing N N 177 
HIS CG    ND1    sing Y N 178 
HIS CG    CD2    doub Y N 179 
HIS ND1   CE1    doub Y N 180 
HIS ND1   HD1    sing N N 181 
HIS CD2   NE2    sing Y N 182 
HIS CD2   HD2    sing N N 183 
HIS CE1   NE2    sing Y N 184 
HIS CE1   HE1    sing N N 185 
HIS NE2   HE2    sing N N 186 
HIS OXT   HXT    sing N N 187 
HOH O     H1     sing N N 188 
HOH O     H2     sing N N 189 
ILE N     CA     sing N N 190 
ILE N     H      sing N N 191 
ILE N     H2     sing N N 192 
ILE CA    C      sing N N 193 
ILE CA    CB     sing N N 194 
ILE CA    HA     sing N N 195 
ILE C     O      doub N N 196 
ILE C     OXT    sing N N 197 
ILE CB    CG1    sing N N 198 
ILE CB    CG2    sing N N 199 
ILE CB    HB     sing N N 200 
ILE CG1   CD1    sing N N 201 
ILE CG1   HG12   sing N N 202 
ILE CG1   HG13   sing N N 203 
ILE CG2   HG21   sing N N 204 
ILE CG2   HG22   sing N N 205 
ILE CG2   HG23   sing N N 206 
ILE CD1   HD11   sing N N 207 
ILE CD1   HD12   sing N N 208 
ILE CD1   HD13   sing N N 209 
ILE OXT   HXT    sing N N 210 
LEU N     CA     sing N N 211 
LEU N     H      sing N N 212 
LEU N     H2     sing N N 213 
LEU CA    C      sing N N 214 
LEU CA    CB     sing N N 215 
LEU CA    HA     sing N N 216 
LEU C     O      doub N N 217 
LEU C     OXT    sing N N 218 
LEU CB    CG     sing N N 219 
LEU CB    HB2    sing N N 220 
LEU CB    HB3    sing N N 221 
LEU CG    CD1    sing N N 222 
LEU CG    CD2    sing N N 223 
LEU CG    HG     sing N N 224 
LEU CD1   HD11   sing N N 225 
LEU CD1   HD12   sing N N 226 
LEU CD1   HD13   sing N N 227 
LEU CD2   HD21   sing N N 228 
LEU CD2   HD22   sing N N 229 
LEU CD2   HD23   sing N N 230 
LEU OXT   HXT    sing N N 231 
LYS N     CA     sing N N 232 
LYS N     H      sing N N 233 
LYS N     H2     sing N N 234 
LYS CA    C      sing N N 235 
LYS CA    CB     sing N N 236 
LYS CA    HA     sing N N 237 
LYS C     O      doub N N 238 
LYS C     OXT    sing N N 239 
LYS CB    CG     sing N N 240 
LYS CB    HB2    sing N N 241 
LYS CB    HB3    sing N N 242 
LYS CG    CD     sing N N 243 
LYS CG    HG2    sing N N 244 
LYS CG    HG3    sing N N 245 
LYS CD    CE     sing N N 246 
LYS CD    HD2    sing N N 247 
LYS CD    HD3    sing N N 248 
LYS CE    NZ     sing N N 249 
LYS CE    HE2    sing N N 250 
LYS CE    HE3    sing N N 251 
LYS NZ    HZ1    sing N N 252 
LYS NZ    HZ2    sing N N 253 
LYS NZ    HZ3    sing N N 254 
LYS OXT   HXT    sing N N 255 
MET N     CA     sing N N 256 
MET N     H      sing N N 257 
MET N     H2     sing N N 258 
MET CA    C      sing N N 259 
MET CA    CB     sing N N 260 
MET CA    HA     sing N N 261 
MET C     O      doub N N 262 
MET C     OXT    sing N N 263 
MET CB    CG     sing N N 264 
MET CB    HB2    sing N N 265 
MET CB    HB3    sing N N 266 
MET CG    SD     sing N N 267 
MET CG    HG2    sing N N 268 
MET CG    HG3    sing N N 269 
MET SD    CE     sing N N 270 
MET CE    HE1    sing N N 271 
MET CE    HE2    sing N N 272 
MET CE    HE3    sing N N 273 
MET OXT   HXT    sing N N 274 
PHE N     CA     sing N N 275 
PHE N     H      sing N N 276 
PHE N     H2     sing N N 277 
PHE CA    C      sing N N 278 
PHE CA    CB     sing N N 279 
PHE CA    HA     sing N N 280 
PHE C     O      doub N N 281 
PHE C     OXT    sing N N 282 
PHE CB    CG     sing N N 283 
PHE CB    HB2    sing N N 284 
PHE CB    HB3    sing N N 285 
PHE CG    CD1    doub Y N 286 
PHE CG    CD2    sing Y N 287 
PHE CD1   CE1    sing Y N 288 
PHE CD1   HD1    sing N N 289 
PHE CD2   CE2    doub Y N 290 
PHE CD2   HD2    sing N N 291 
PHE CE1   CZ     doub Y N 292 
PHE CE1   HE1    sing N N 293 
PHE CE2   CZ     sing Y N 294 
PHE CE2   HE2    sing N N 295 
PHE CZ    HZ     sing N N 296 
PHE OXT   HXT    sing N N 297 
PRO N     CA     sing N N 298 
PRO N     CD     sing N N 299 
PRO N     H      sing N N 300 
PRO CA    C      sing N N 301 
PRO CA    CB     sing N N 302 
PRO CA    HA     sing N N 303 
PRO C     O      doub N N 304 
PRO C     OXT    sing N N 305 
PRO CB    CG     sing N N 306 
PRO CB    HB2    sing N N 307 
PRO CB    HB3    sing N N 308 
PRO CG    CD     sing N N 309 
PRO CG    HG2    sing N N 310 
PRO CG    HG3    sing N N 311 
PRO CD    HD2    sing N N 312 
PRO CD    HD3    sing N N 313 
PRO OXT   HXT    sing N N 314 
SER N     CA     sing N N 315 
SER N     H      sing N N 316 
SER N     H2     sing N N 317 
SER CA    C      sing N N 318 
SER CA    CB     sing N N 319 
SER CA    HA     sing N N 320 
SER C     O      doub N N 321 
SER C     OXT    sing N N 322 
SER CB    OG     sing N N 323 
SER CB    HB2    sing N N 324 
SER CB    HB3    sing N N 325 
SER OG    HG     sing N N 326 
SER OXT   HXT    sing N N 327 
SO4 S     O1     doub N N 328 
SO4 S     O2     doub N N 329 
SO4 S     O3     sing N N 330 
SO4 S     O4     sing N N 331 
THR N     CA     sing N N 332 
THR N     H      sing N N 333 
THR N     H2     sing N N 334 
THR CA    C      sing N N 335 
THR CA    CB     sing N N 336 
THR CA    HA     sing N N 337 
THR C     O      doub N N 338 
THR C     OXT    sing N N 339 
THR CB    OG1    sing N N 340 
THR CB    CG2    sing N N 341 
THR CB    HB     sing N N 342 
THR OG1   HG1    sing N N 343 
THR CG2   HG21   sing N N 344 
THR CG2   HG22   sing N N 345 
THR CG2   HG23   sing N N 346 
THR OXT   HXT    sing N N 347 
TRP N     CA     sing N N 348 
TRP N     H      sing N N 349 
TRP N     H2     sing N N 350 
TRP CA    C      sing N N 351 
TRP CA    CB     sing N N 352 
TRP CA    HA     sing N N 353 
TRP C     O      doub N N 354 
TRP C     OXT    sing N N 355 
TRP CB    CG     sing N N 356 
TRP CB    HB2    sing N N 357 
TRP CB    HB3    sing N N 358 
TRP CG    CD1    doub Y N 359 
TRP CG    CD2    sing Y N 360 
TRP CD1   NE1    sing Y N 361 
TRP CD1   HD1    sing N N 362 
TRP CD2   CE2    doub Y N 363 
TRP CD2   CE3    sing Y N 364 
TRP NE1   CE2    sing Y N 365 
TRP NE1   HE1    sing N N 366 
TRP CE2   CZ2    sing Y N 367 
TRP CE3   CZ3    doub Y N 368 
TRP CE3   HE3    sing N N 369 
TRP CZ2   CH2    doub Y N 370 
TRP CZ2   HZ2    sing N N 371 
TRP CZ3   CH2    sing Y N 372 
TRP CZ3   HZ3    sing N N 373 
TRP CH2   HH2    sing N N 374 
TRP OXT   HXT    sing N N 375 
TYR N     CA     sing N N 376 
TYR N     H      sing N N 377 
TYR N     H2     sing N N 378 
TYR CA    C      sing N N 379 
TYR CA    CB     sing N N 380 
TYR CA    HA     sing N N 381 
TYR C     O      doub N N 382 
TYR C     OXT    sing N N 383 
TYR CB    CG     sing N N 384 
TYR CB    HB2    sing N N 385 
TYR CB    HB3    sing N N 386 
TYR CG    CD1    doub Y N 387 
TYR CG    CD2    sing Y N 388 
TYR CD1   CE1    sing Y N 389 
TYR CD1   HD1    sing N N 390 
TYR CD2   CE2    doub Y N 391 
TYR CD2   HD2    sing N N 392 
TYR CE1   CZ     doub Y N 393 
TYR CE1   HE1    sing N N 394 
TYR CE2   CZ     sing Y N 395 
TYR CE2   HE2    sing N N 396 
TYR CZ    OH     sing N N 397 
TYR OH    HH     sing N N 398 
TYR OXT   HXT    sing N N 399 
VAL N     CA     sing N N 400 
VAL N     H      sing N N 401 
VAL N     H2     sing N N 402 
VAL CA    C      sing N N 403 
VAL CA    CB     sing N N 404 
VAL CA    HA     sing N N 405 
VAL C     O      doub N N 406 
VAL C     OXT    sing N N 407 
VAL CB    CG1    sing N N 408 
VAL CB    CG2    sing N N 409 
VAL CB    HB     sing N N 410 
VAL CG1   HG11   sing N N 411 
VAL CG1   HG12   sing N N 412 
VAL CG1   HG13   sing N N 413 
VAL CG2   HG21   sing N N 414 
VAL CG2   HG22   sing N N 415 
VAL CG2   HG23   sing N N 416 
VAL OXT   HXT    sing N N 417 
# 
_pdbx_initial_refinement_model.id               1 
_pdbx_initial_refinement_model.entity_id_list   ? 
_pdbx_initial_refinement_model.type             'experimental model' 
_pdbx_initial_refinement_model.source_name      PDB 
_pdbx_initial_refinement_model.accession_code   1G3U 
_pdbx_initial_refinement_model.details          'PDB ENTRY 1G3U' 
# 
_atom_sites.entry_id                    1MRS 
_atom_sites.fract_transf_matrix[1][1]   0.00517492 
_atom_sites.fract_transf_matrix[1][2]   0.00555920 
_atom_sites.fract_transf_matrix[1][3]   -0.01306697 
_atom_sites.fract_transf_matrix[2][1]   0.01415518 
_atom_sites.fract_transf_matrix[2][2]   -0.00295923 
_atom_sites.fract_transf_matrix[2][3]   -0.00439394 
_atom_sites.fract_transf_matrix[3][1]   -0.00237291 
_atom_sites.fract_transf_matrix[3][2]   -0.00610113 
_atom_sites.fract_transf_matrix[3][3]   -0.00353541 
_atom_sites.fract_transf_vector[1]      0.454718 
_atom_sites.fract_transf_vector[2]      0.172614 
_atom_sites.fract_transf_vector[3]      0.106938 
# 
loop_
_atom_type.symbol 
C  
MG 
N  
O  
P  
S  
# 
loop_
_atom_site.group_PDB 
_atom_site.id 
_atom_site.type_symbol 
_atom_site.label_atom_id 
_atom_site.label_alt_id 
_atom_site.label_comp_id 
_atom_site.label_asym_id 
_atom_site.label_entity_id 
_atom_site.label_seq_id 
_atom_site.pdbx_PDB_ins_code 
_atom_site.Cartn_x 
_atom_site.Cartn_y 
_atom_site.Cartn_z 
_atom_site.occupancy 
_atom_site.B_iso_or_equiv 
_atom_site.pdbx_formal_charge 
_atom_site.auth_seq_id 
_atom_site.auth_comp_id 
_atom_site.auth_asym_id 
_atom_site.auth_atom_id 
_atom_site.pdbx_PDB_model_num 
ATOM   1    N  N     . MET A 1 1   ? -7.517  2.188   -16.400 1.00 44.69 ? 1   MET A N     1 
ATOM   2    C  CA    . MET A 1 1   ? -7.447  1.123   -15.366 1.00 43.11 ? 1   MET A CA    1 
ATOM   3    C  C     . MET A 1 1   ? -6.610  1.534   -14.162 1.00 42.21 ? 1   MET A C     1 
ATOM   4    O  O     . MET A 1 1   ? -5.540  2.120   -14.311 1.00 41.22 ? 1   MET A O     1 
ATOM   5    C  CB    . MET A 1 1   ? -6.866  -0.145  -15.965 1.00 46.36 ? 1   MET A CB    1 
ATOM   6    C  CG    . MET A 1 1   ? -6.503  -1.159  -14.910 1.00 50.94 ? 1   MET A CG    1 
ATOM   7    S  SD    . MET A 1 1   ? -6.049  -2.699  -15.638 1.00 57.72 ? 1   MET A SD    1 
ATOM   8    C  CE    . MET A 1 1   ? -4.494  -2.211  -16.495 1.00 56.83 ? 1   MET A CE    1 
ATOM   9    N  N     . LEU A 1 2   ? -7.097  1.203   -12.966 1.00 39.30 ? 2   LEU A N     1 
ATOM   10   C  CA    . LEU A 1 2   ? -6.406  1.547   -11.724 1.00 36.65 ? 2   LEU A CA    1 
ATOM   11   C  C     . LEU A 1 2   ? -5.842  0.289   -11.064 1.00 35.41 ? 2   LEU A C     1 
ATOM   12   O  O     . LEU A 1 2   ? -6.583  -0.631  -10.729 1.00 35.34 ? 2   LEU A O     1 
ATOM   13   C  CB    . LEU A 1 2   ? -7.385  2.256   -10.780 1.00 36.23 ? 2   LEU A CB    1 
ATOM   14   C  CG    . LEU A 1 2   ? -6.909  2.831   -9.444  1.00 36.46 ? 2   LEU A CG    1 
ATOM   15   C  CD1   . LEU A 1 2   ? -5.789  3.833   -9.680  1.00 36.57 ? 2   LEU A CD1   1 
ATOM   16   C  CD2   . LEU A 1 2   ? -8.087  3.510   -8.728  1.00 34.56 ? 2   LEU A CD2   1 
ATOM   17   N  N     . ILE A 1 3   ? -4.525  0.257   -10.887 1.00 35.01 ? 3   ILE A N     1 
ATOM   18   C  CA    . ILE A 1 3   ? -3.841  -0.884  -10.282 1.00 33.98 ? 3   ILE A CA    1 
ATOM   19   C  C     . ILE A 1 3   ? -3.155  -0.469  -8.984  1.00 33.17 ? 3   ILE A C     1 
ATOM   20   O  O     . ILE A 1 3   ? -2.541  0.595   -8.907  1.00 33.68 ? 3   ILE A O     1 
ATOM   21   C  CB    . ILE A 1 3   ? -2.769  -1.460  -11.243 1.00 35.13 ? 3   ILE A CB    1 
ATOM   22   C  CG1   . ILE A 1 3   ? -3.435  -1.899  -12.556 1.00 37.16 ? 3   ILE A CG1   1 
ATOM   23   C  CG2   . ILE A 1 3   ? -2.046  -2.624  -10.590 1.00 34.08 ? 3   ILE A CG2   1 
ATOM   24   C  CD1   . ILE A 1 3   ? -2.469  -2.509  -13.580 1.00 37.97 ? 3   ILE A CD1   1 
ATOM   25   N  N     . ALA A 1 4   ? -3.269  -1.307  -7.962  1.00 32.11 ? 4   ALA A N     1 
ATOM   26   C  CA    . ALA A 1 4   ? -2.654  -1.024  -6.676  1.00 30.58 ? 4   ALA A CA    1 
ATOM   27   C  C     . ALA A 1 4   ? -1.659  -2.130  -6.366  1.00 29.78 ? 4   ALA A C     1 
ATOM   28   O  O     . ALA A 1 4   ? -1.956  -3.311  -6.550  1.00 30.11 ? 4   ALA A O     1 
ATOM   29   C  CB    . ALA A 1 4   ? -3.718  -0.958  -5.574  1.00 31.67 ? 4   ALA A CB    1 
ATOM   30   N  N     . ILE A 1 5   ? -0.468  -1.754  -5.921  1.00 29.10 ? 5   ILE A N     1 
ATOM   31   C  CA    . ILE A 1 5   ? 0.531   -2.762  -5.575  1.00 29.94 ? 5   ILE A CA    1 
ATOM   32   C  C     . ILE A 1 5   ? 0.585   -2.777  -4.053  1.00 28.27 ? 5   ILE A C     1 
ATOM   33   O  O     . ILE A 1 5   ? 0.917   -1.771  -3.429  1.00 30.29 ? 5   ILE A O     1 
ATOM   34   C  CB    . ILE A 1 5   ? 1.938   -2.417  -6.143  1.00 29.71 ? 5   ILE A CB    1 
ATOM   35   C  CG1   . ILE A 1 5   ? 1.862   -2.162  -7.653  1.00 29.02 ? 5   ILE A CG1   1 
ATOM   36   C  CG2   . ILE A 1 5   ? 2.901   -3.555  -5.841  1.00 27.50 ? 5   ILE A CG2   1 
ATOM   37   C  CD1   . ILE A 1 5   ? 1.591   -3.400  -8.508  1.00 31.98 ? 5   ILE A CD1   1 
ATOM   38   N  N     . GLU A 1 6   ? 0.250   -3.919  -3.463  1.00 29.49 ? 6   GLU A N     1 
ATOM   39   C  CA    . GLU A 1 6   ? 0.225   -4.059  -2.009  1.00 30.11 ? 6   GLU A CA    1 
ATOM   40   C  C     . GLU A 1 6   ? 1.277   -5.043  -1.487  1.00 30.04 ? 6   GLU A C     1 
ATOM   41   O  O     . GLU A 1 6   ? 1.789   -5.877  -2.239  1.00 32.45 ? 6   GLU A O     1 
ATOM   42   C  CB    . GLU A 1 6   ? -1.177  -4.505  -1.568  1.00 28.40 ? 6   GLU A CB    1 
ATOM   43   C  CG    . GLU A 1 6   ? -2.293  -3.494  -1.900  1.00 29.88 ? 6   GLU A CG    1 
ATOM   44   C  CD    . GLU A 1 6   ? -2.228  -2.243  -1.037  1.00 32.06 ? 6   GLU A CD    1 
ATOM   45   O  OE1   . GLU A 1 6   ? -1.501  -2.258  -0.017  1.00 32.54 ? 6   GLU A OE1   1 
ATOM   46   O  OE2   . GLU A 1 6   ? -2.909  -1.241  -1.365  1.00 33.91 ? 6   GLU A OE2   1 
ATOM   47   N  N     . GLY A 1 7   ? 1.594   -4.928  -0.198  1.00 29.84 ? 7   GLY A N     1 
ATOM   48   C  CA    . GLY A 1 7   ? 2.580   -5.796  0.418   1.00 28.04 ? 7   GLY A CA    1 
ATOM   49   C  C     . GLY A 1 7   ? 3.217   -5.171  1.647   1.00 28.19 ? 7   GLY A C     1 
ATOM   50   O  O     . GLY A 1 7   ? 3.122   -3.960  1.867   1.00 25.38 ? 7   GLY A O     1 
ATOM   51   N  N     . VAL A 1 8   ? 3.873   -5.999  2.453   1.00 27.29 ? 8   VAL A N     1 
ATOM   52   C  CA    . VAL A 1 8   ? 4.524   -5.524  3.666   1.00 26.14 ? 8   VAL A CA    1 
ATOM   53   C  C     . VAL A 1 8   ? 5.742   -4.680  3.324   1.00 26.81 ? 8   VAL A C     1 
ATOM   54   O  O     . VAL A 1 8   ? 6.167   -4.631  2.167   1.00 25.41 ? 8   VAL A O     1 
ATOM   55   C  CB    . VAL A 1 8   ? 4.962   -6.710  4.553   1.00 27.10 ? 8   VAL A CB    1 
ATOM   56   C  CG1   . VAL A 1 8   ? 3.743   -7.559  4.910   1.00 27.33 ? 8   VAL A CG1   1 
ATOM   57   C  CG2   . VAL A 1 8   ? 6.001   -7.558  3.822   1.00 24.78 ? 8   VAL A CG2   1 
ATOM   58   N  N     . ASP A 1 9   ? 6.299   -4.008  4.331   1.00 28.00 ? 9   ASP A N     1 
ATOM   59   C  CA    . ASP A 1 9   ? 7.477   -3.170  4.134   1.00 28.05 ? 9   ASP A CA    1 
ATOM   60   C  C     . ASP A 1 9   ? 8.648   -4.050  3.740   1.00 29.06 ? 9   ASP A C     1 
ATOM   61   O  O     . ASP A 1 9   ? 8.895   -5.083  4.365   1.00 30.79 ? 9   ASP A O     1 
ATOM   62   C  CB    . ASP A 1 9   ? 7.798   -2.415  5.420   1.00 27.50 ? 9   ASP A CB    1 
ATOM   63   C  CG    . ASP A 1 9   ? 6.697   -1.456  5.810   1.00 29.23 ? 9   ASP A CG    1 
ATOM   64   O  OD1   . ASP A 1 9   ? 6.551   -0.436  5.103   1.00 31.33 ? 9   ASP A OD1   1 
ATOM   65   O  OD2   . ASP A 1 9   ? 5.974   -1.727  6.799   1.00 26.21 ? 9   ASP A OD2   1 
ATOM   66   N  N     . GLY A 1 10  ? 9.357   -3.640  2.693   1.00 30.91 ? 10  GLY A N     1 
ATOM   67   C  CA    . GLY A 1 10  ? 10.499  -4.401  2.219   1.00 31.29 ? 10  GLY A CA    1 
ATOM   68   C  C     . GLY A 1 10  ? 10.114  -5.522  1.275   1.00 32.78 ? 10  GLY A C     1 
ATOM   69   O  O     . GLY A 1 10  ? 10.965  -6.304  0.860   1.00 31.92 ? 10  GLY A O     1 
ATOM   70   N  N     . ALA A 1 11  ? 8.832   -5.606  0.931   1.00 32.07 ? 11  ALA A N     1 
ATOM   71   C  CA    . ALA A 1 11  ? 8.355   -6.658  0.044   1.00 32.85 ? 11  ALA A CA    1 
ATOM   72   C  C     . ALA A 1 11  ? 8.895   -6.475  -1.374  1.00 34.36 ? 11  ALA A C     1 
ATOM   73   O  O     . ALA A 1 11  ? 8.983   -7.439  -2.132  1.00 35.29 ? 11  ALA A O     1 
ATOM   74   C  CB    . ALA A 1 11  ? 6.838   -6.678  0.026   1.00 30.65 ? 11  ALA A CB    1 
ATOM   75   N  N     . GLY A 1 12  ? 9.257   -5.240  -1.717  1.00 33.50 ? 12  GLY A N     1 
ATOM   76   C  CA    . GLY A 1 12  ? 9.782   -4.943  -3.041  1.00 32.96 ? 12  GLY A CA    1 
ATOM   77   C  C     . GLY A 1 12  ? 8.754   -4.303  -3.967  1.00 32.28 ? 12  GLY A C     1 
ATOM   78   O  O     . GLY A 1 12  ? 8.819   -4.479  -5.182  1.00 32.03 ? 12  GLY A O     1 
ATOM   79   N  N     . LYS A 1 13  ? 7.813   -3.546  -3.403  1.00 31.41 ? 13  LYS A N     1 
ATOM   80   C  CA    . LYS A 1 13  ? 6.761   -2.906  -4.194  1.00 30.42 ? 13  LYS A CA    1 
ATOM   81   C  C     . LYS A 1 13  ? 7.231   -1.838  -5.177  1.00 32.35 ? 13  LYS A C     1 
ATOM   82   O  O     . LYS A 1 13  ? 6.823   -1.846  -6.338  1.00 30.52 ? 13  LYS A O     1 
ATOM   83   C  CB    . LYS A 1 13  ? 5.704   -2.285  -3.274  1.00 30.89 ? 13  LYS A CB    1 
ATOM   84   C  CG    . LYS A 1 13  ? 4.944   -3.288  -2.410  1.00 27.40 ? 13  LYS A CG    1 
ATOM   85   C  CD    . LYS A 1 13  ? 3.877   -2.585  -1.564  1.00 28.55 ? 13  LYS A CD    1 
ATOM   86   C  CE    . LYS A 1 13  ? 4.495   -1.548  -0.629  1.00 27.04 ? 13  LYS A CE    1 
ATOM   87   N  NZ    . LYS A 1 13  ? 5.431   -2.161  0.375   1.00 27.49 ? 13  LYS A NZ    1 
ATOM   88   N  N     . ARG A 1 14  ? 8.072   -0.912  -4.722  1.00 32.73 ? 14  ARG A N     1 
ATOM   89   C  CA    . ARG A 1 14  ? 8.526   0.151   -5.610  1.00 36.15 ? 14  ARG A CA    1 
ATOM   90   C  C     . ARG A 1 14  ? 9.257   -0.393  -6.820  1.00 35.23 ? 14  ARG A C     1 
ATOM   91   O  O     . ARG A 1 14  ? 9.127   0.145   -7.921  1.00 36.87 ? 14  ARG A O     1 
ATOM   92   C  CB    . ARG A 1 14  ? 9.384   1.192   -4.866  1.00 39.41 ? 14  ARG A CB    1 
ATOM   93   C  CG    . ARG A 1 14  ? 10.613  0.678   -4.123  1.00 46.75 ? 14  ARG A CG    1 
ATOM   94   C  CD    . ARG A 1 14  ? 11.322  1.857   -3.410  1.00 49.52 ? 14  ARG A CD    1 
ATOM   95   N  NE    . ARG A 1 14  ? 12.612  1.515   -2.802  1.00 52.72 ? 14  ARG A NE    1 
ATOM   96   C  CZ    . ARG A 1 14  ? 13.613  0.904   -3.438  1.00 55.67 ? 14  ARG A CZ    1 
ATOM   97   N  NH1   . ARG A 1 14  ? 13.490  0.545   -4.711  1.00 55.11 ? 14  ARG A NH1   1 
ATOM   98   N  NH2   . ARG A 1 14  ? 14.760  0.676   -2.807  1.00 57.31 ? 14  ARG A NH2   1 
ATOM   99   N  N     . THR A 1 15  ? 10.009  -1.467  -6.637  1.00 34.85 ? 15  THR A N     1 
ATOM   100  C  CA    . THR A 1 15  ? 10.711  -2.061  -7.765  1.00 36.11 ? 15  THR A CA    1 
ATOM   101  C  C     . THR A 1 15  ? 9.711   -2.683  -8.741  1.00 36.66 ? 15  THR A C     1 
ATOM   102  O  O     . THR A 1 15  ? 9.824   -2.483  -9.952  1.00 36.93 ? 15  THR A O     1 
ATOM   103  C  CB    . THR A 1 15  ? 11.733  -3.122  -7.306  1.00 35.85 ? 15  THR A CB    1 
ATOM   104  O  OG1   . THR A 1 15  ? 12.865  -2.458  -6.729  1.00 37.56 ? 15  THR A OG1   1 
ATOM   105  C  CG2   . THR A 1 15  ? 12.199  -3.974  -8.478  1.00 36.21 ? 15  THR A CG2   1 
ATOM   106  N  N     . LEU A 1 16  ? 8.726   -3.420  -8.222  1.00 36.34 ? 16  LEU A N     1 
ATOM   107  C  CA    . LEU A 1 16  ? 7.720   -4.033  -9.092  1.00 37.43 ? 16  LEU A CA    1 
ATOM   108  C  C     . LEU A 1 16  ? 6.991   -2.943  -9.854  1.00 38.24 ? 16  LEU A C     1 
ATOM   109  O  O     . LEU A 1 16  ? 6.567   -3.148  -10.993 1.00 38.91 ? 16  LEU A O     1 
ATOM   110  C  CB    . LEU A 1 16  ? 6.712   -4.867  -8.285  1.00 37.89 ? 16  LEU A CB    1 
ATOM   111  C  CG    . LEU A 1 16  ? 5.556   -5.516  -9.064  1.00 38.64 ? 16  LEU A CG    1 
ATOM   112  C  CD1   . LEU A 1 16  ? 6.058   -6.162  -10.353 1.00 40.47 ? 16  LEU A CD1   1 
ATOM   113  C  CD2   . LEU A 1 16  ? 4.889   -6.560  -8.187  1.00 40.02 ? 16  LEU A CD2   1 
ATOM   114  N  N     . VAL A 1 17  ? 6.848   -1.776  -9.235  1.00 38.77 ? 17  VAL A N     1 
ATOM   115  C  CA    . VAL A 1 17  ? 6.171   -0.667  -9.901  1.00 39.06 ? 17  VAL A CA    1 
ATOM   116  C  C     . VAL A 1 17  ? 6.973   -0.148  -11.092 1.00 41.96 ? 17  VAL A C     1 
ATOM   117  O  O     . VAL A 1 17  ? 6.395   0.184   -12.128 1.00 41.37 ? 17  VAL A O     1 
ATOM   118  C  CB    . VAL A 1 17  ? 5.913   0.507   -8.941  1.00 37.88 ? 17  VAL A CB    1 
ATOM   119  C  CG1   . VAL A 1 17  ? 5.449   1.725   -9.720  1.00 36.31 ? 17  VAL A CG1   1 
ATOM   120  C  CG2   . VAL A 1 17  ? 4.862   0.116   -7.913  1.00 36.50 ? 17  VAL A CG2   1 
ATOM   121  N  N     . GLU A 1 18  ? 8.300   -0.079  -10.954 1.00 44.50 ? 18  GLU A N     1 
ATOM   122  C  CA    . GLU A 1 18  ? 9.139   0.422   -12.046 1.00 47.08 ? 18  GLU A CA    1 
ATOM   123  C  C     . GLU A 1 18  ? 9.225   -0.597  -13.180 1.00 46.41 ? 18  GLU A C     1 
ATOM   124  O  O     . GLU A 1 18  ? 9.297   -0.222  -14.351 1.00 46.99 ? 18  GLU A O     1 
ATOM   125  C  CB    . GLU A 1 18  ? 10.558  0.772   -11.549 1.00 51.18 ? 18  GLU A CB    1 
ATOM   126  N  N     . LYS A 1 19  ? 9.209   -1.880  -12.827 1.00 45.56 ? 19  LYS A N     1 
ATOM   127  C  CA    . LYS A 1 19  ? 9.277   -2.956  -13.810 1.00 45.49 ? 19  LYS A CA    1 
ATOM   128  C  C     . LYS A 1 19  ? 7.936   -3.102  -14.517 1.00 45.17 ? 19  LYS A C     1 
ATOM   129  O  O     . LYS A 1 19  ? 7.884   -3.394  -15.705 1.00 45.10 ? 19  LYS A O     1 
ATOM   130  C  CB    . LYS A 1 19  ? 9.633   -4.287  -13.136 1.00 45.97 ? 19  LYS A CB    1 
ATOM   131  C  CG    . LYS A 1 19  ? 11.032  -4.352  -12.541 1.00 46.90 ? 19  LYS A CG    1 
ATOM   132  C  CD    . LYS A 1 19  ? 11.290  -5.717  -11.909 1.00 48.87 ? 19  LYS A CD    1 
ATOM   133  C  CE    . LYS A 1 19  ? 12.726  -5.844  -11.391 1.00 51.74 ? 19  LYS A CE    1 
ATOM   134  N  NZ    . LYS A 1 19  ? 13.002  -7.181  -10.772 1.00 51.17 ? 19  LYS A NZ    1 
ATOM   135  N  N     . LEU A 1 20  ? 6.849   -2.898  -13.783 1.00 44.80 ? 20  LEU A N     1 
ATOM   136  C  CA    . LEU A 1 20  ? 5.516   -3.013  -14.369 1.00 45.32 ? 20  LEU A CA    1 
ATOM   137  C  C     . LEU A 1 20  ? 5.250   -1.865  -15.349 1.00 45.44 ? 20  LEU A C     1 
ATOM   138  O  O     . LEU A 1 20  ? 4.872   -2.096  -16.498 1.00 46.10 ? 20  LEU A O     1 
ATOM   139  C  CB    . LEU A 1 20  ? 4.459   -3.024  -13.261 1.00 42.25 ? 20  LEU A CB    1 
ATOM   140  C  CG    . LEU A 1 20  ? 3.215   -3.865  -13.533 1.00 42.76 ? 20  LEU A CG    1 
ATOM   141  C  CD1   . LEU A 1 20  ? 3.628   -5.290  -13.854 1.00 42.79 ? 20  LEU A CD1   1 
ATOM   142  C  CD2   . LEU A 1 20  ? 2.297   -3.842  -12.319 1.00 40.89 ? 20  LEU A CD2   1 
ATOM   143  N  N     . SER A 1 21  ? 5.464   -0.634  -14.891 1.00 46.22 ? 21  SER A N     1 
ATOM   144  C  CA    . SER A 1 21  ? 5.264   0.557   -15.710 1.00 46.08 ? 21  SER A CA    1 
ATOM   145  C  C     . SER A 1 21  ? 6.038   0.465   -17.024 1.00 47.52 ? 21  SER A C     1 
ATOM   146  O  O     . SER A 1 21  ? 5.594   0.969   -18.063 1.00 46.78 ? 21  SER A O     1 
ATOM   147  C  CB    . SER A 1 21  ? 5.708   1.798   -14.930 1.00 47.90 ? 21  SER A CB    1 
ATOM   148  O  OG    . SER A 1 21  ? 7.040   1.656   -14.455 1.00 50.65 ? 21  SER A OG    1 
ATOM   149  N  N     . GLY A 1 22  ? 7.205   -0.171  -16.973 1.00 46.63 ? 22  GLY A N     1 
ATOM   150  C  CA    . GLY A 1 22  ? 8.001   -0.328  -18.174 1.00 47.72 ? 22  GLY A CA    1 
ATOM   151  C  C     . GLY A 1 22  ? 7.366   -1.340  -19.117 1.00 47.70 ? 22  GLY A C     1 
ATOM   152  O  O     . GLY A 1 22  ? 7.367   -1.147  -20.331 1.00 47.43 ? 22  GLY A O     1 
ATOM   153  N  N     . ALA A 1 23  ? 6.825   -2.419  -18.554 1.00 47.07 ? 23  ALA A N     1 
ATOM   154  C  CA    . ALA A 1 23  ? 6.181   -3.465  -19.338 1.00 47.35 ? 23  ALA A CA    1 
ATOM   155  C  C     . ALA A 1 23  ? 4.920   -2.950  -20.043 1.00 47.63 ? 23  ALA A C     1 
ATOM   156  O  O     . ALA A 1 23  ? 4.637   -3.337  -21.172 1.00 48.69 ? 23  ALA A O     1 
ATOM   157  C  CB    . ALA A 1 23  ? 5.842   -4.651  -18.440 1.00 46.52 ? 23  ALA A CB    1 
ATOM   158  N  N     . PHE A 1 24  ? 4.159   -2.084  -19.377 1.00 47.41 ? 24  PHE A N     1 
ATOM   159  C  CA    . PHE A 1 24  ? 2.959   -1.524  -19.987 1.00 47.37 ? 24  PHE A CA    1 
ATOM   160  C  C     . PHE A 1 24  ? 3.353   -0.586  -21.117 1.00 48.11 ? 24  PHE A C     1 
ATOM   161  O  O     . PHE A 1 24  ? 2.693   -0.527  -22.160 1.00 47.53 ? 24  PHE A O     1 
ATOM   162  C  CB    . PHE A 1 24  ? 2.133   -0.754  -18.956 1.00 46.40 ? 24  PHE A CB    1 
ATOM   163  C  CG    . PHE A 1 24  ? 1.272   -1.628  -18.098 1.00 46.16 ? 24  PHE A CG    1 
ATOM   164  C  CD1   . PHE A 1 24  ? 0.218   -2.346  -18.657 1.00 45.77 ? 24  PHE A CD1   1 
ATOM   165  C  CD2   . PHE A 1 24  ? 1.516   -1.744  -16.732 1.00 45.03 ? 24  PHE A CD2   1 
ATOM   166  C  CE1   . PHE A 1 24  ? -0.583  -3.168  -17.868 1.00 47.11 ? 24  PHE A CE1   1 
ATOM   167  C  CE2   . PHE A 1 24  ? 0.724   -2.562  -15.936 1.00 45.21 ? 24  PHE A CE2   1 
ATOM   168  C  CZ    . PHE A 1 24  ? -0.327  -3.274  -16.501 1.00 45.80 ? 24  PHE A CZ    1 
ATOM   169  N  N     . ARG A 1 25  ? 4.433   0.156   -20.900 1.00 48.46 ? 25  ARG A N     1 
ATOM   170  C  CA    . ARG A 1 25  ? 4.920   1.093   -21.905 1.00 48.52 ? 25  ARG A CA    1 
ATOM   171  C  C     . ARG A 1 25  ? 5.491   0.369   -23.114 1.00 47.94 ? 25  ARG A C     1 
ATOM   172  O  O     . ARG A 1 25  ? 5.451   0.882   -24.228 1.00 47.72 ? 25  ARG A O     1 
ATOM   173  C  CB    . ARG A 1 25  ? 5.966   2.014   -21.291 1.00 47.65 ? 25  ARG A CB    1 
ATOM   174  C  CG    . ARG A 1 25  ? 5.352   3.111   -20.465 1.00 47.64 ? 25  ARG A CG    1 
ATOM   175  C  CD    . ARG A 1 25  ? 6.383   3.822   -19.626 1.00 47.58 ? 25  ARG A CD    1 
ATOM   176  N  NE    . ARG A 1 25  ? 5.773   4.926   -18.898 1.00 48.90 ? 25  ARG A NE    1 
ATOM   177  C  CZ    . ARG A 1 25  ? 6.152   5.322   -17.690 1.00 48.83 ? 25  ARG A CZ    1 
ATOM   178  N  NH1   . ARG A 1 25  ? 7.144   4.697   -17.066 1.00 48.32 ? 25  ARG A NH1   1 
ATOM   179  N  NH2   . ARG A 1 25  ? 5.542   6.352   -17.111 1.00 49.30 ? 25  ARG A NH2   1 
ATOM   180  N  N     . ALA A 1 26  ? 6.020   -0.825  -22.890 1.00 49.09 ? 26  ALA A N     1 
ATOM   181  C  CA    . ALA A 1 26  ? 6.570   -1.619  -23.977 1.00 49.24 ? 26  ALA A CA    1 
ATOM   182  C  C     . ALA A 1 26  ? 5.407   -2.314  -24.677 1.00 49.94 ? 26  ALA A C     1 
ATOM   183  O  O     . ALA A 1 26  ? 5.607   -3.152  -25.554 1.00 49.55 ? 26  ALA A O     1 
ATOM   184  C  CB    . ALA A 1 26  ? 7.540   -2.648  -23.432 1.00 49.71 ? 26  ALA A CB    1 
ATOM   185  N  N     . ALA A 1 27  ? 4.188   -1.963  -24.273 1.00 49.41 ? 27  ALA A N     1 
ATOM   186  C  CA    . ALA A 1 27  ? 2.987   -2.549  -24.855 1.00 48.58 ? 27  ALA A CA    1 
ATOM   187  C  C     . ALA A 1 27  ? 2.159   -1.473  -25.533 1.00 48.78 ? 27  ALA A C     1 
ATOM   188  O  O     . ALA A 1 27  ? 1.072   -1.742  -26.041 1.00 49.20 ? 27  ALA A O     1 
ATOM   189  C  CB    . ALA A 1 27  ? 2.164   -3.247  -23.780 1.00 48.41 ? 27  ALA A CB    1 
ATOM   190  N  N     . GLY A 1 28  ? 2.674   -0.248  -25.520 1.00 48.27 ? 28  GLY A N     1 
ATOM   191  C  CA    . GLY A 1 28  ? 1.986   0.854   -26.165 1.00 47.75 ? 28  GLY A CA    1 
ATOM   192  C  C     . GLY A 1 28  ? 1.059   1.680   -25.305 1.00 48.44 ? 28  GLY A C     1 
ATOM   193  O  O     . GLY A 1 28  ? 0.478   2.654   -25.786 1.00 48.48 ? 28  GLY A O     1 
ATOM   194  N  N     . ARG A 1 29  ? 0.905   1.315   -24.036 1.00 48.18 ? 29  ARG A N     1 
ATOM   195  C  CA    . ARG A 1 29  ? 0.016   2.075   -23.166 1.00 47.68 ? 29  ARG A CA    1 
ATOM   196  C  C     . ARG A 1 29  ? 0.725   3.132   -22.342 1.00 46.21 ? 29  ARG A C     1 
ATOM   197  O  O     . ARG A 1 29  ? 1.824   2.912   -21.834 1.00 45.37 ? 29  ARG A O     1 
ATOM   198  C  CB    . ARG A 1 29  ? -0.758  1.145   -22.223 1.00 48.45 ? 29  ARG A CB    1 
ATOM   199  C  CG    . ARG A 1 29  ? -0.122  -0.210  -21.991 1.00 51.07 ? 29  ARG A CG    1 
ATOM   200  C  CD    . ARG A 1 29  ? -0.525  -1.188  -23.079 1.00 53.43 ? 29  ARG A CD    1 
ATOM   201  N  NE    . ARG A 1 29  ? -1.973  -1.406  -23.083 1.00 56.64 ? 29  ARG A NE    1 
ATOM   202  C  CZ    . ARG A 1 29  ? -2.628  -2.159  -23.965 1.00 57.66 ? 29  ARG A CZ    1 
ATOM   203  N  NH1   . ARG A 1 29  ? -1.978  -2.785  -24.938 1.00 57.57 ? 29  ARG A NH1   1 
ATOM   204  N  NH2   . ARG A 1 29  ? -3.944  -2.293  -23.870 1.00 59.10 ? 29  ARG A NH2   1 
ATOM   205  N  N     . SER A 1 30  ? 0.089   4.292   -22.224 1.00 44.99 ? 30  SER A N     1 
ATOM   206  C  CA    . SER A 1 30  ? 0.644   5.361   -21.423 1.00 45.29 ? 30  SER A CA    1 
ATOM   207  C  C     . SER A 1 30  ? 0.414   4.920   -19.978 1.00 45.01 ? 30  SER A C     1 
ATOM   208  O  O     . SER A 1 30  ? -0.607  4.297   -19.661 1.00 44.63 ? 30  SER A O     1 
ATOM   209  C  CB    . SER A 1 30  ? -0.072  6.681   -21.714 1.00 46.36 ? 30  SER A CB    1 
ATOM   210  O  OG    . SER A 1 30  ? -1.466  6.574   -21.503 1.00 49.53 ? 30  SER A OG    1 
ATOM   211  N  N     . VAL A 1 31  ? 1.379   5.210   -19.112 1.00 43.28 ? 31  VAL A N     1 
ATOM   212  C  CA    . VAL A 1 31  ? 1.279   4.825   -17.710 1.00 41.06 ? 31  VAL A CA    1 
ATOM   213  C  C     . VAL A 1 31  ? 1.536   6.015   -16.795 1.00 39.97 ? 31  VAL A C     1 
ATOM   214  O  O     . VAL A 1 31  ? 2.311   6.907   -17.124 1.00 38.78 ? 31  VAL A O     1 
ATOM   215  C  CB    . VAL A 1 31  ? 2.304   3.723   -17.377 1.00 41.39 ? 31  VAL A CB    1 
ATOM   216  C  CG1   . VAL A 1 31  ? 2.106   3.229   -15.949 1.00 41.20 ? 31  VAL A CG1   1 
ATOM   217  C  CG2   . VAL A 1 31  ? 2.161   2.577   -18.358 1.00 41.63 ? 31  VAL A CG2   1 
ATOM   218  N  N     . ALA A 1 32  ? 0.864   6.030   -15.651 1.00 38.29 ? 32  ALA A N     1 
ATOM   219  C  CA    . ALA A 1 32  ? 1.045   7.088   -14.667 1.00 36.94 ? 32  ALA A CA    1 
ATOM   220  C  C     . ALA A 1 32  ? 1.174   6.368   -13.334 1.00 37.97 ? 32  ALA A C     1 
ATOM   221  O  O     . ALA A 1 32  ? 0.603   5.296   -13.157 1.00 37.68 ? 32  ALA A O     1 
ATOM   222  C  CB    . ALA A 1 32  ? -0.147  8.015   -14.657 1.00 36.80 ? 32  ALA A CB    1 
ATOM   223  N  N     . THR A 1 33  ? 1.929   6.935   -12.402 1.00 37.99 ? 33  THR A N     1 
ATOM   224  C  CA    . THR A 1 33  ? 2.098   6.286   -11.109 1.00 39.41 ? 33  THR A CA    1 
ATOM   225  C  C     . THR A 1 33  ? 1.947   7.265   -9.949  1.00 39.26 ? 33  THR A C     1 
ATOM   226  O  O     . THR A 1 33  ? 2.217   8.460   -10.083 1.00 37.49 ? 33  THR A O     1 
ATOM   227  C  CB    . THR A 1 33  ? 3.481   5.597   -11.007 1.00 41.19 ? 33  THR A CB    1 
ATOM   228  O  OG1   . THR A 1 33  ? 4.518   6.588   -10.989 1.00 43.66 ? 33  THR A OG1   1 
ATOM   229  C  CG2   . THR A 1 33  ? 3.706   4.665   -12.197 1.00 41.60 ? 33  THR A CG2   1 
ATOM   230  N  N     . LEU A 1 34  ? 1.501   6.746   -8.809  1.00 38.93 ? 34  LEU A N     1 
ATOM   231  C  CA    . LEU A 1 34  ? 1.321   7.557   -7.612  1.00 38.03 ? 34  LEU A CA    1 
ATOM   232  C  C     . LEU A 1 34  ? 1.657   6.662   -6.420  1.00 37.53 ? 34  LEU A C     1 
ATOM   233  O  O     . LEU A 1 34  ? 1.369   5.470   -6.442  1.00 39.30 ? 34  LEU A O     1 
ATOM   234  C  CB    . LEU A 1 34  ? -0.131  8.025   -7.508  1.00 38.78 ? 34  LEU A CB    1 
ATOM   235  C  CG    . LEU A 1 34  ? -0.328  9.321   -6.728  1.00 40.75 ? 34  LEU A CG    1 
ATOM   236  C  CD1   . LEU A 1 34  ? 0.193   10.472  -7.569  1.00 41.64 ? 34  LEU A CD1   1 
ATOM   237  C  CD2   . LEU A 1 34  ? -1.786  9.539   -6.412  1.00 42.16 ? 34  LEU A CD2   1 
ATOM   238  N  N     . ALA A 1 35  ? 2.277   7.216   -5.390  1.00 36.08 ? 35  ALA A N     1 
ATOM   239  C  CA    . ALA A 1 35  ? 2.608   6.407   -4.214  1.00 34.39 ? 35  ALA A CA    1 
ATOM   240  C  C     . ALA A 1 35  ? 2.031   7.017   -2.941  1.00 34.27 ? 35  ALA A C     1 
ATOM   241  O  O     . ALA A 1 35  ? 2.096   8.231   -2.737  1.00 32.50 ? 35  ALA A O     1 
ATOM   242  C  CB    . ALA A 1 35  ? 4.119   6.264   -4.081  1.00 33.78 ? 35  ALA A CB    1 
ATOM   243  N  N     . PHE A 1 36  ? 1.443   6.168   -2.099  1.00 33.66 ? 36  PHE A N     1 
ATOM   244  C  CA    . PHE A 1 36  ? 0.878   6.609   -0.821  1.00 33.00 ? 36  PHE A CA    1 
ATOM   245  C  C     . PHE A 1 36  ? 1.732   5.976   0.272   1.00 32.04 ? 36  PHE A C     1 
ATOM   246  O  O     . PHE A 1 36  ? 2.094   4.813   0.163   1.00 30.97 ? 36  PHE A O     1 
ATOM   247  C  CB    . PHE A 1 36  ? -0.580  6.146   -0.696  1.00 32.53 ? 36  PHE A CB    1 
ATOM   248  C  CG    . PHE A 1 36  ? -1.522  6.885   -1.613  1.00 32.19 ? 36  PHE A CG    1 
ATOM   249  C  CD1   . PHE A 1 36  ? -1.903  8.191   -1.327  1.00 30.22 ? 36  PHE A CD1   1 
ATOM   250  C  CD2   . PHE A 1 36  ? -1.968  6.298   -2.794  1.00 32.05 ? 36  PHE A CD2   1 
ATOM   251  C  CE1   . PHE A 1 36  ? -2.710  8.910   -2.208  1.00 30.06 ? 36  PHE A CE1   1 
ATOM   252  C  CE2   . PHE A 1 36  ? -2.774  7.009   -3.681  1.00 30.32 ? 36  PHE A CE2   1 
ATOM   253  C  CZ    . PHE A 1 36  ? -3.142  8.317   -3.386  1.00 27.36 ? 36  PHE A CZ    1 
ATOM   254  N  N     . PRO A 1 37  ? 2.047   6.724   1.345   1.00 31.36 ? 37  PRO A N     1 
ATOM   255  C  CA    . PRO A 1 37  ? 1.658   8.111   1.643   1.00 32.09 ? 37  PRO A CA    1 
ATOM   256  C  C     . PRO A 1 37  ? 2.340   9.088   0.706   1.00 31.46 ? 37  PRO A C     1 
ATOM   257  O  O     . PRO A 1 37  ? 3.481   8.876   0.323   1.00 30.24 ? 37  PRO A O     1 
ATOM   258  C  CB    . PRO A 1 37  ? 2.134   8.315   3.084   1.00 31.63 ? 37  PRO A CB    1 
ATOM   259  C  CG    . PRO A 1 37  ? 2.353   6.915   3.611   1.00 33.57 ? 37  PRO A CG    1 
ATOM   260  C  CD    . PRO A 1 37  ? 2.893   6.190   2.420   1.00 32.36 ? 37  PRO A CD    1 
ATOM   261  N  N     . ARG A 1 38  ? 1.647   10.161  0.350   1.00 32.13 ? 38  ARG A N     1 
ATOM   262  C  CA    . ARG A 1 38  ? 2.218   11.169  -0.537  1.00 32.63 ? 38  ARG A CA    1 
ATOM   263  C  C     . ARG A 1 38  ? 3.088   12.126  0.269   1.00 34.32 ? 38  ARG A C     1 
ATOM   264  O  O     . ARG A 1 38  ? 2.742   13.291  0.458   1.00 34.73 ? 38  ARG A O     1 
ATOM   265  C  CB    . ARG A 1 38  ? 1.105   11.957  -1.236  1.00 32.98 ? 38  ARG A CB    1 
ATOM   266  C  CG    . ARG A 1 38  ? 0.250   11.138  -2.178  1.00 32.30 ? 38  ARG A CG    1 
ATOM   267  C  CD    . ARG A 1 38  ? -0.845  12.001  -2.767  1.00 34.36 ? 38  ARG A CD    1 
ATOM   268  N  NE    . ARG A 1 38  ? -1.629  12.625  -1.707  1.00 36.67 ? 38  ARG A NE    1 
ATOM   269  C  CZ    . ARG A 1 38  ? -2.148  13.849  -1.781  1.00 40.12 ? 38  ARG A CZ    1 
ATOM   270  N  NH1   . ARG A 1 38  ? -1.964  14.578  -2.874  1.00 39.63 ? 38  ARG A NH1   1 
ATOM   271  N  NH2   . ARG A 1 38  ? -2.835  14.350  -0.756  1.00 38.76 ? 38  ARG A NH2   1 
ATOM   272  N  N     . TYR A 1 39  ? 4.222   11.628  0.746   1.00 35.13 ? 39  TYR A N     1 
ATOM   273  C  CA    . TYR A 1 39  ? 5.138   12.445  1.530   1.00 36.98 ? 39  TYR A CA    1 
ATOM   274  C  C     . TYR A 1 39  ? 5.428   13.785  0.857   1.00 39.47 ? 39  TYR A C     1 
ATOM   275  O  O     . TYR A 1 39  ? 5.684   13.850  -0.348  1.00 38.61 ? 39  TYR A O     1 
ATOM   276  C  CB    . TYR A 1 39  ? 6.446   11.687  1.749   1.00 37.67 ? 39  TYR A CB    1 
ATOM   277  C  CG    . TYR A 1 39  ? 6.261   10.380  2.473   1.00 35.96 ? 39  TYR A CG    1 
ATOM   278  C  CD1   . TYR A 1 39  ? 5.692   10.344  3.744   1.00 37.35 ? 39  TYR A CD1   1 
ATOM   279  C  CD2   . TYR A 1 39  ? 6.637   9.179   1.884   1.00 36.93 ? 39  TYR A CD2   1 
ATOM   280  C  CE1   . TYR A 1 39  ? 5.504   9.142   4.412   1.00 38.19 ? 39  TYR A CE1   1 
ATOM   281  C  CE2   . TYR A 1 39  ? 6.452   7.965   2.543   1.00 36.68 ? 39  TYR A CE2   1 
ATOM   282  C  CZ    . TYR A 1 39  ? 5.886   7.957   3.804   1.00 37.19 ? 39  TYR A CZ    1 
ATOM   283  O  OH    . TYR A 1 39  ? 5.693   6.767   4.458   1.00 38.03 ? 39  TYR A OH    1 
ATOM   284  N  N     . GLY A 1 40  ? 5.357   14.854  1.641   1.00 41.27 ? 40  GLY A N     1 
ATOM   285  C  CA    . GLY A 1 40  ? 5.635   16.178  1.119   1.00 44.32 ? 40  GLY A CA    1 
ATOM   286  C  C     . GLY A 1 40  ? 4.468   16.851  0.427   1.00 46.48 ? 40  GLY A C     1 
ATOM   287  O  O     . GLY A 1 40  ? 4.423   18.077  0.334   1.00 47.30 ? 40  GLY A O     1 
ATOM   288  N  N     . GLN A 1 41  ? 3.510   16.065  -0.052  1.00 47.38 ? 41  GLN A N     1 
ATOM   289  C  CA    . GLN A 1 41  ? 2.371   16.644  -0.746  1.00 47.96 ? 41  GLN A CA    1 
ATOM   290  C  C     . GLN A 1 41  ? 1.177   16.965  0.143   1.00 46.44 ? 41  GLN A C     1 
ATOM   291  O  O     . GLN A 1 41  ? 0.304   17.740  -0.242  1.00 46.43 ? 41  GLN A O     1 
ATOM   292  C  CB    . GLN A 1 41  ? 1.962   15.731  -1.900  1.00 50.73 ? 41  GLN A CB    1 
ATOM   293  C  CG    . GLN A 1 41  ? 3.020   15.693  -2.986  1.00 54.26 ? 41  GLN A CG    1 
ATOM   294  C  CD    . GLN A 1 41  ? 2.644   14.809  -4.150  1.00 57.25 ? 41  GLN A CD    1 
ATOM   295  O  OE1   . GLN A 1 41  ? 1.606   15.005  -4.792  1.00 58.68 ? 41  GLN A OE1   1 
ATOM   296  N  NE2   . GLN A 1 41  ? 3.494   13.826  -4.441  1.00 58.28 ? 41  GLN A NE2   1 
ATOM   297  N  N     . SER A 1 42  ? 1.135   16.380  1.332   1.00 44.36 ? 42  SER A N     1 
ATOM   298  C  CA    . SER A 1 42  ? 0.032   16.666  2.234   1.00 43.49 ? 42  SER A CA    1 
ATOM   299  C  C     . SER A 1 42  ? 0.464   16.593  3.692   1.00 42.47 ? 42  SER A C     1 
ATOM   300  O  O     . SER A 1 42  ? 1.264   15.734  4.083   1.00 41.86 ? 42  SER A O     1 
ATOM   301  C  CB    . SER A 1 42  ? -1.133  15.706  1.976   1.00 43.24 ? 42  SER A CB    1 
ATOM   302  O  OG    . SER A 1 42  ? -0.844  14.396  2.422   1.00 42.36 ? 42  SER A OG    1 
ATOM   303  N  N     . VAL A 1 43  ? -0.072  17.507  4.490   1.00 41.54 ? 43  VAL A N     1 
ATOM   304  C  CA    . VAL A 1 43  ? 0.242   17.577  5.913   1.00 40.64 ? 43  VAL A CA    1 
ATOM   305  C  C     . VAL A 1 43  ? -0.075  16.254  6.610   1.00 39.40 ? 43  VAL A C     1 
ATOM   306  O  O     . VAL A 1 43  ? 0.723   15.747  7.405   1.00 38.23 ? 43  VAL A O     1 
ATOM   307  C  CB    . VAL A 1 43  ? -0.548  18.723  6.586   1.00 40.55 ? 43  VAL A CB    1 
ATOM   308  C  CG1   . VAL A 1 43  ? -0.176  18.825  8.055   1.00 41.77 ? 43  VAL A CG1   1 
ATOM   309  C  CG2   . VAL A 1 43  ? -0.253  20.035  5.872   1.00 40.01 ? 43  VAL A CG2   1 
ATOM   310  N  N     . ALA A 1 44  ? -1.240  15.693  6.299   1.00 38.25 ? 44  ALA A N     1 
ATOM   311  C  CA    . ALA A 1 44  ? -1.653  14.428  6.891   1.00 36.49 ? 44  ALA A CA    1 
ATOM   312  C  C     . ALA A 1 44  ? -0.571  13.370  6.693   1.00 34.13 ? 44  ALA A C     1 
ATOM   313  O  O     . ALA A 1 44  ? -0.163  12.703  7.642   1.00 33.37 ? 44  ALA A O     1 
ATOM   314  C  CB    . ALA A 1 44  ? -2.971  13.957  6.268   1.00 35.90 ? 44  ALA A CB    1 
ATOM   315  N  N     . ALA A 1 45  ? -0.096  13.228  5.462   1.00 34.36 ? 45  ALA A N     1 
ATOM   316  C  CA    . ALA A 1 45  ? 0.924   12.234  5.160   1.00 34.21 ? 45  ALA A CA    1 
ATOM   317  C  C     . ALA A 1 45  ? 2.213   12.498  5.938   1.00 35.17 ? 45  ALA A C     1 
ATOM   318  O  O     . ALA A 1 45  ? 2.821   11.566  6.473   1.00 35.75 ? 45  ALA A O     1 
ATOM   319  C  CB    . ALA A 1 45  ? 1.200   12.204  3.652   1.00 35.29 ? 45  ALA A CB    1 
ATOM   320  N  N     . ASP A 1 46  ? 2.623   13.761  6.025   1.00 34.74 ? 46  ASP A N     1 
ATOM   321  C  CA    . ASP A 1 46  ? 3.838   14.098  6.752   1.00 35.92 ? 46  ASP A CA    1 
ATOM   322  C  C     . ASP A 1 46  ? 3.740   13.898  8.258   1.00 34.28 ? 46  ASP A C     1 
ATOM   323  O  O     . ASP A 1 46  ? 4.650   13.308  8.859   1.00 32.98 ? 46  ASP A O     1 
ATOM   324  C  CB    . ASP A 1 46  ? 4.280   15.529  6.427   1.00 40.92 ? 46  ASP A CB    1 
ATOM   325  N  N     . ILE A 1 47  ? 2.654   14.365  8.873   1.00 31.17 ? 47  ILE A N     1 
ATOM   326  C  CA    . ILE A 1 47  ? 2.504   14.181  10.307  1.00 30.90 ? 47  ILE A CA    1 
ATOM   327  C  C     . ILE A 1 47  ? 2.560   12.683  10.612  1.00 29.74 ? 47  ILE A C     1 
ATOM   328  O  O     . ILE A 1 47  ? 3.191   12.265  11.593  1.00 29.70 ? 47  ILE A O     1 
ATOM   329  C  CB    . ILE A 1 47  ? 1.163   14.750  10.832  1.00 33.45 ? 47  ILE A CB    1 
ATOM   330  C  CG1   . ILE A 1 47  ? 1.159   16.278  10.737  1.00 36.74 ? 47  ILE A CG1   1 
ATOM   331  C  CG2   . ILE A 1 47  ? 0.965   14.348  12.284  1.00 31.89 ? 47  ILE A CG2   1 
ATOM   332  C  CD1   . ILE A 1 47  ? 1.965   16.961  11.834  1.00 40.97 ? 47  ILE A CD1   1 
ATOM   333  N  N     . ALA A 1 48  ? 1.926   11.877  9.762   1.00 28.29 ? 48  ALA A N     1 
ATOM   334  C  CA    . ALA A 1 48  ? 1.903   10.426  9.956   1.00 29.50 ? 48  ALA A CA    1 
ATOM   335  C  C     . ALA A 1 48  ? 3.311   9.835   9.955   1.00 28.59 ? 48  ALA A C     1 
ATOM   336  O  O     . ALA A 1 48  ? 3.654   9.025   10.818  1.00 28.02 ? 48  ALA A O     1 
ATOM   337  C  CB    . ALA A 1 48  ? 1.062   9.759   8.877   1.00 29.65 ? 48  ALA A CB    1 
ATOM   338  N  N     . ALA A 1 49  ? 4.120   10.241  8.986   1.00 28.29 ? 49  ALA A N     1 
ATOM   339  C  CA    . ALA A 1 49  ? 5.485   9.747   8.890   1.00 29.61 ? 49  ALA A CA    1 
ATOM   340  C  C     . ALA A 1 49  ? 6.276   10.152  10.121  1.00 28.33 ? 49  ALA A C     1 
ATOM   341  O  O     . ALA A 1 49  ? 6.973   9.330   10.717  1.00 29.85 ? 49  ALA A O     1 
ATOM   342  C  CB    . ALA A 1 49  ? 6.160   10.298  7.641   1.00 28.81 ? 49  ALA A CB    1 
ATOM   343  N  N     . GLU A 1 50  ? 6.177   11.422  10.498  1.00 28.58 ? 50  GLU A N     1 
ATOM   344  C  CA    . GLU A 1 50  ? 6.912   11.912  11.657  1.00 30.41 ? 50  GLU A CA    1 
ATOM   345  C  C     . GLU A 1 50  ? 6.499   11.140  12.909  1.00 28.68 ? 50  GLU A C     1 
ATOM   346  O  O     . GLU A 1 50  ? 7.340   10.800  13.739  1.00 29.23 ? 50  GLU A O     1 
ATOM   347  C  CB    . GLU A 1 50  ? 6.674   13.408  11.836  1.00 30.55 ? 50  GLU A CB    1 
ATOM   348  C  CG    . GLU A 1 50  ? 7.086   14.237  10.609  1.00 34.43 ? 50  GLU A CG    1 
ATOM   349  C  CD    . GLU A 1 50  ? 6.505   15.643  10.640  1.00 36.87 ? 50  GLU A CD    1 
ATOM   350  O  OE1   . GLU A 1 50  ? 5.498   15.847  11.350  1.00 34.22 ? 50  GLU A OE1   1 
ATOM   351  O  OE2   . GLU A 1 50  ? 7.042   16.537  9.945   1.00 40.53 ? 50  GLU A OE2   1 
ATOM   352  N  N     . ALA A 1 51  ? 5.208   10.844  13.017  1.00 26.83 ? 51  ALA A N     1 
ATOM   353  C  CA    . ALA A 1 51  ? 4.666   10.102  14.147  1.00 25.79 ? 51  ALA A CA    1 
ATOM   354  C  C     . ALA A 1 51  ? 5.251   8.685   14.214  1.00 27.43 ? 51  ALA A C     1 
ATOM   355  O  O     . ALA A 1 51  ? 5.503   8.171   15.304  1.00 27.72 ? 51  ALA A O     1 
ATOM   356  C  CB    . ALA A 1 51  ? 3.138   10.043  14.044  1.00 25.35 ? 51  ALA A CB    1 
ATOM   357  N  N     . LEU A 1 52  ? 5.471   8.060   13.055  1.00 27.32 ? 52  LEU A N     1 
ATOM   358  C  CA    . LEU A 1 52  ? 6.038   6.707   13.012  1.00 29.83 ? 52  LEU A CA    1 
ATOM   359  C  C     . LEU A 1 52  ? 7.514   6.711   13.399  1.00 30.57 ? 52  LEU A C     1 
ATOM   360  O  O     . LEU A 1 52  ? 8.090   5.671   13.709  1.00 31.28 ? 52  LEU A O     1 
ATOM   361  C  CB    . LEU A 1 52  ? 5.883   6.098   11.614  1.00 31.75 ? 52  LEU A CB    1 
ATOM   362  C  CG    . LEU A 1 52  ? 4.451   5.806   11.170  1.00 32.27 ? 52  LEU A CG    1 
ATOM   363  C  CD1   . LEU A 1 52  ? 4.459   5.140   9.806   1.00 31.15 ? 52  LEU A CD1   1 
ATOM   364  C  CD2   . LEU A 1 52  ? 3.774   4.915   12.203  1.00 31.93 ? 52  LEU A CD2   1 
ATOM   365  N  N     . HIS A 1 53  ? 8.128   7.884   13.366  1.00 31.09 ? 53  HIS A N     1 
ATOM   366  C  CA    . HIS A 1 53  ? 9.523   8.009   13.744  1.00 30.24 ? 53  HIS A CA    1 
ATOM   367  C  C     . HIS A 1 53  ? 9.671   8.616   15.130  1.00 29.84 ? 53  HIS A C     1 
ATOM   368  O  O     . HIS A 1 53  ? 10.744  9.098   15.492  1.00 29.28 ? 53  HIS A O     1 
ATOM   369  C  CB    . HIS A 1 53  ? 10.292  8.834   12.723  1.00 30.27 ? 53  HIS A CB    1 
ATOM   370  C  CG    . HIS A 1 53  ? 10.652  8.065   11.493  1.00 33.56 ? 53  HIS A CG    1 
ATOM   371  N  ND1   . HIS A 1 53  ? 9.819   7.970   10.399  1.00 35.44 ? 53  HIS A ND1   1 
ATOM   372  C  CD2   . HIS A 1 53  ? 11.745  7.320   11.199  1.00 32.92 ? 53  HIS A CD2   1 
ATOM   373  C  CE1   . HIS A 1 53  ? 10.382  7.200   9.486   1.00 36.45 ? 53  HIS A CE1   1 
ATOM   374  N  NE2   . HIS A 1 53  ? 11.552  6.792   9.947   1.00 35.19 ? 53  HIS A NE2   1 
ATOM   375  N  N     . GLY A 1 54  ? 8.580   8.600   15.896  1.00 29.63 ? 54  GLY A N     1 
ATOM   376  C  CA    . GLY A 1 54  ? 8.621   9.098   17.256  1.00 29.33 ? 54  GLY A CA    1 
ATOM   377  C  C     . GLY A 1 54  ? 8.177   10.506  17.590  1.00 30.52 ? 54  GLY A C     1 
ATOM   378  O  O     . GLY A 1 54  ? 8.325   10.934  18.737  1.00 29.60 ? 54  GLY A O     1 
ATOM   379  N  N     . GLU A 1 55  ? 7.638   11.245  16.627  1.00 30.43 ? 55  GLU A N     1 
ATOM   380  C  CA    . GLU A 1 55  ? 7.205   12.591  16.953  1.00 33.13 ? 55  GLU A CA    1 
ATOM   381  C  C     . GLU A 1 55  ? 5.715   12.671  17.259  1.00 32.34 ? 55  GLU A C     1 
ATOM   382  O  O     . GLU A 1 55  ? 4.985   11.673  17.153  1.00 30.65 ? 55  GLU A O     1 
ATOM   383  C  CB    . GLU A 1 55  ? 7.556   13.558  15.823  1.00 36.50 ? 55  GLU A CB    1 
ATOM   384  C  CG    . GLU A 1 55  ? 9.040   13.574  15.487  1.00 41.73 ? 55  GLU A CG    1 
ATOM   385  C  CD    . GLU A 1 55  ? 9.510   14.916  14.966  1.00 46.00 ? 55  GLU A CD    1 
ATOM   386  O  OE1   . GLU A 1 55  ? 9.381   15.918  15.708  1.00 48.59 ? 55  GLU A OE1   1 
ATOM   387  O  OE2   . GLU A 1 55  ? 10.011  14.975  13.820  1.00 48.47 ? 55  GLU A OE2   1 
ATOM   388  N  N     . HIS A 1 56  ? 5.290   13.862  17.672  1.00 30.50 ? 56  HIS A N     1 
ATOM   389  C  CA    . HIS A 1 56  ? 3.890   14.154  17.978  1.00 30.08 ? 56  HIS A CA    1 
ATOM   390  C  C     . HIS A 1 56  ? 3.260   13.328  19.096  1.00 29.53 ? 56  HIS A C     1 
ATOM   391  O  O     . HIS A 1 56  ? 2.217   12.691  18.916  1.00 28.69 ? 56  HIS A O     1 
ATOM   392  C  CB    . HIS A 1 56  ? 3.082   14.024  16.693  1.00 28.84 ? 56  HIS A CB    1 
ATOM   393  C  CG    . HIS A 1 56  ? 3.731   14.689  15.526  1.00 28.32 ? 56  HIS A CG    1 
ATOM   394  N  ND1   . HIS A 1 56  ? 4.099   16.017  15.542  1.00 30.12 ? 56  HIS A ND1   1 
ATOM   395  C  CD2   . HIS A 1 56  ? 4.086   14.213  14.309  1.00 28.17 ? 56  HIS A CD2   1 
ATOM   396  C  CE1   . HIS A 1 56  ? 4.652   16.332  14.384  1.00 28.51 ? 56  HIS A CE1   1 
ATOM   397  N  NE2   . HIS A 1 56  ? 4.657   15.256  13.619  1.00 26.31 ? 56  HIS A NE2   1 
ATOM   398  N  N     . GLY A 1 57  ? 3.916   13.347  20.250  1.00 28.74 ? 57  GLY A N     1 
ATOM   399  C  CA    . GLY A 1 57  ? 3.437   12.636  21.422  1.00 28.04 ? 57  GLY A CA    1 
ATOM   400  C  C     . GLY A 1 57  ? 2.858   11.245  21.251  1.00 28.74 ? 57  GLY A C     1 
ATOM   401  O  O     . GLY A 1 57  ? 3.504   10.359  20.695  1.00 26.52 ? 57  GLY A O     1 
ATOM   402  N  N     . ASP A 1 58  ? 1.629   11.071  21.737  1.00 28.72 ? 58  ASP A N     1 
ATOM   403  C  CA    . ASP A 1 58  ? 0.922   9.791   21.705  1.00 29.90 ? 58  ASP A CA    1 
ATOM   404  C  C     . ASP A 1 58  ? 0.144   9.485   20.423  1.00 30.57 ? 58  ASP A C     1 
ATOM   405  O  O     . ASP A 1 58  ? -0.698  8.587   20.411  1.00 31.38 ? 58  ASP A O     1 
ATOM   406  C  CB    . ASP A 1 58  ? -0.047  9.701   22.911  1.00 31.13 ? 58  ASP A CB    1 
ATOM   407  C  CG    . ASP A 1 58  ? -1.219  10.707  22.826  1.00 31.71 ? 58  ASP A CG    1 
ATOM   408  O  OD1   . ASP A 1 58  ? -1.295  11.494  21.858  1.00 32.51 ? 58  ASP A OD1   1 
ATOM   409  O  OD2   . ASP A 1 58  ? -2.076  10.714  23.739  1.00 33.57 ? 58  ASP A OD2   1 
ATOM   410  N  N     . LEU A 1 59  ? 0.430   10.197  19.341  1.00 31.23 ? 59  LEU A N     1 
ATOM   411  C  CA    . LEU A 1 59  ? -0.294  9.984   18.089  1.00 30.81 ? 59  LEU A CA    1 
ATOM   412  C  C     . LEU A 1 59  ? -0.219  8.552   17.552  1.00 29.68 ? 59  LEU A C     1 
ATOM   413  O  O     . LEU A 1 59  ? -1.249  7.903   17.338  1.00 27.12 ? 59  LEU A O     1 
ATOM   414  C  CB    . LEU A 1 59  ? 0.216   10.954  17.015  1.00 32.87 ? 59  LEU A CB    1 
ATOM   415  C  CG    . LEU A 1 59  ? -0.744  11.335  15.884  1.00 34.87 ? 59  LEU A CG    1 
ATOM   416  C  CD1   . LEU A 1 59  ? 0.010   12.131  14.822  1.00 34.84 ? 59  LEU A CD1   1 
ATOM   417  C  CD2   . LEU A 1 59  ? -1.343  10.091  15.277  1.00 35.49 ? 59  LEU A CD2   1 
ATOM   418  N  N     . ALA A 1 60  ? 1.000   8.058   17.337  1.00 28.00 ? 60  ALA A N     1 
ATOM   419  C  CA    . ALA A 1 60  ? 1.179   6.727   16.796  1.00 27.13 ? 60  ALA A CA    1 
ATOM   420  C  C     . ALA A 1 60  ? 0.638   5.600   17.676  1.00 28.71 ? 60  ALA A C     1 
ATOM   421  O  O     . ALA A 1 60  ? 0.486   4.480   17.214  1.00 28.20 ? 60  ALA A O     1 
ATOM   422  C  CB    . ALA A 1 60  ? 2.660   6.489   16.464  1.00 28.35 ? 60  ALA A CB    1 
ATOM   423  N  N     . SER A 1 61  ? 0.313   5.894   18.928  1.00 30.07 ? 61  SER A N     1 
ATOM   424  C  CA    . SER A 1 61  ? -0.205  4.854   19.816  1.00 31.25 ? 61  SER A CA    1 
ATOM   425  C  C     . SER A 1 61  ? -1.652  4.487   19.473  1.00 32.12 ? 61  SER A C     1 
ATOM   426  O  O     . SER A 1 61  ? -2.119  3.409   19.826  1.00 31.56 ? 61  SER A O     1 
ATOM   427  C  CB    . SER A 1 61  ? -0.130  5.307   21.275  1.00 33.14 ? 61  SER A CB    1 
ATOM   428  O  OG    . SER A 1 61  ? -1.037  6.370   21.519  1.00 38.71 ? 61  SER A OG    1 
ATOM   429  N  N     . SER A 1 62  ? -2.361  5.382   18.787  1.00 31.32 ? 62  SER A N     1 
ATOM   430  C  CA    . SER A 1 62  ? -3.747  5.110   18.414  1.00 29.57 ? 62  SER A CA    1 
ATOM   431  C  C     . SER A 1 62  ? -3.803  4.475   17.032  1.00 28.31 ? 62  SER A C     1 
ATOM   432  O  O     . SER A 1 62  ? -3.357  5.068   16.053  1.00 29.19 ? 62  SER A O     1 
ATOM   433  C  CB    . SER A 1 62  ? -4.567  6.401   18.417  1.00 32.63 ? 62  SER A CB    1 
ATOM   434  O  OG    . SER A 1 62  ? -5.903  6.163   17.978  1.00 36.62 ? 62  SER A OG    1 
ATOM   435  N  N     . VAL A 1 63  ? -4.342  3.265   16.955  1.00 26.38 ? 63  VAL A N     1 
ATOM   436  C  CA    . VAL A 1 63  ? -4.454  2.570   15.684  1.00 25.97 ? 63  VAL A CA    1 
ATOM   437  C  C     . VAL A 1 63  ? -5.380  3.336   14.738  1.00 26.06 ? 63  VAL A C     1 
ATOM   438  O  O     . VAL A 1 63  ? -5.049  3.551   13.572  1.00 23.98 ? 63  VAL A O     1 
ATOM   439  C  CB    . VAL A 1 63  ? -4.979  1.138   15.891  1.00 24.31 ? 63  VAL A CB    1 
ATOM   440  C  CG1   . VAL A 1 63  ? -5.331  0.502   14.569  1.00 23.93 ? 63  VAL A CG1   1 
ATOM   441  C  CG2   . VAL A 1 63  ? -3.907  0.300   16.579  1.00 25.69 ? 63  VAL A CG2   1 
ATOM   442  N  N     . TYR A 1 64  ? -6.523  3.777   15.254  1.00 26.06 ? 64  TYR A N     1 
ATOM   443  C  CA    . TYR A 1 64  ? -7.480  4.510   14.435  1.00 26.86 ? 64  TYR A CA    1 
ATOM   444  C  C     . TYR A 1 64  ? -7.025  5.899   14.016  1.00 27.08 ? 64  TYR A C     1 
ATOM   445  O  O     . TYR A 1 64  ? -7.437  6.397   12.964  1.00 29.05 ? 64  TYR A O     1 
ATOM   446  C  CB    . TYR A 1 64  ? -8.836  4.583   15.140  1.00 27.36 ? 64  TYR A CB    1 
ATOM   447  C  CG    . TYR A 1 64  ? -9.632  3.305   14.984  1.00 29.14 ? 64  TYR A CG    1 
ATOM   448  C  CD1   . TYR A 1 64  ? -9.238  2.131   15.638  1.00 30.20 ? 64  TYR A CD1   1 
ATOM   449  C  CD2   . TYR A 1 64  ? -10.718 3.243   14.121  1.00 28.60 ? 64  TYR A CD2   1 
ATOM   450  C  CE1   . TYR A 1 64  ? -9.899  0.931   15.425  1.00 31.84 ? 64  TYR A CE1   1 
ATOM   451  C  CE2   . TYR A 1 64  ? -11.395 2.043   13.898  1.00 32.36 ? 64  TYR A CE2   1 
ATOM   452  C  CZ    . TYR A 1 64  ? -10.978 0.890   14.550  1.00 33.84 ? 64  TYR A CZ    1 
ATOM   453  O  OH    . TYR A 1 64  ? -11.618 -0.315  14.308  1.00 34.08 ? 64  TYR A OH    1 
ATOM   454  N  N     . ALA A 1 65  ? -6.162  6.523   14.812  1.00 26.11 ? 65  ALA A N     1 
ATOM   455  C  CA    . ALA A 1 65  ? -5.683  7.856   14.475  1.00 26.24 ? 65  ALA A CA    1 
ATOM   456  C  C     . ALA A 1 65  ? -4.755  7.778   13.264  1.00 25.11 ? 65  ALA A C     1 
ATOM   457  O  O     . ALA A 1 65  ? -4.837  8.608   12.357  1.00 25.11 ? 65  ALA A O     1 
ATOM   458  C  CB    . ALA A 1 65  ? -4.953  8.483   15.664  1.00 24.66 ? 65  ALA A CB    1 
ATOM   459  N  N     . MET A 1 66  ? -3.882  6.777   13.245  1.00 25.75 ? 66  MET A N     1 
ATOM   460  C  CA    . MET A 1 66  ? -2.961  6.628   12.120  1.00 25.37 ? 66  MET A CA    1 
ATOM   461  C  C     . MET A 1 66  ? -3.744  6.311   10.848  1.00 25.48 ? 66  MET A C     1 
ATOM   462  O  O     . MET A 1 66  ? -3.516  6.911   9.793   1.00 25.15 ? 66  MET A O     1 
ATOM   463  C  CB    . MET A 1 66  ? -1.936  5.531   12.413  1.00 26.57 ? 66  MET A CB    1 
ATOM   464  C  CG    . MET A 1 66  ? -0.934  5.891   13.513  1.00 26.92 ? 66  MET A CG    1 
ATOM   465  S  SD    . MET A 1 66  ? 0.031   7.403   13.177  1.00 31.85 ? 66  MET A SD    1 
ATOM   466  C  CE    . MET A 1 66  ? 1.058   6.850   11.765  1.00 25.05 ? 66  MET A CE    1 
ATOM   467  N  N     . ALA A 1 67  ? -4.680  5.374   10.947  1.00 26.47 ? 67  ALA A N     1 
ATOM   468  C  CA    . ALA A 1 67  ? -5.497  5.008   9.799   1.00 25.83 ? 67  ALA A CA    1 
ATOM   469  C  C     . ALA A 1 67  ? -6.182  6.255   9.232   1.00 26.29 ? 67  ALA A C     1 
ATOM   470  O  O     . ALA A 1 67  ? -6.246  6.427   8.014   1.00 27.53 ? 67  ALA A O     1 
ATOM   471  C  CB    . ALA A 1 67  ? -6.539  3.966   10.207  1.00 25.94 ? 67  ALA A CB    1 
ATOM   472  N  N     . THR A 1 68  ? -6.668  7.132   10.115  1.00 25.41 ? 68  THR A N     1 
ATOM   473  C  CA    . THR A 1 68  ? -7.347  8.356   9.687   1.00 24.36 ? 68  THR A CA    1 
ATOM   474  C  C     . THR A 1 68  ? -6.421  9.302   8.882   1.00 25.95 ? 68  THR A C     1 
ATOM   475  O  O     . THR A 1 68  ? -6.819  9.834   7.842   1.00 23.77 ? 68  THR A O     1 
ATOM   476  C  CB    . THR A 1 68  ? -7.947  9.106   10.911  1.00 26.88 ? 68  THR A CB    1 
ATOM   477  O  OG1   . THR A 1 68  ? -8.939  8.275   11.543  1.00 25.83 ? 68  THR A OG1   1 
ATOM   478  C  CG2   . THR A 1 68  ? -8.602  10.418  10.480  1.00 25.63 ? 68  THR A CG2   1 
ATOM   479  N  N     . LEU A 1 69  ? -5.194  9.498   9.352   1.00 22.77 ? 69  LEU A N     1 
ATOM   480  C  CA    . LEU A 1 69  ? -4.258  10.366  8.645   1.00 26.68 ? 69  LEU A CA    1 
ATOM   481  C  C     . LEU A 1 69  ? -3.969  9.822   7.254   1.00 26.03 ? 69  LEU A C     1 
ATOM   482  O  O     . LEU A 1 69  ? -3.897  10.583  6.296   1.00 28.68 ? 69  LEU A O     1 
ATOM   483  C  CB    . LEU A 1 69  ? -2.941  10.512  9.425   1.00 24.65 ? 69  LEU A CB    1 
ATOM   484  C  CG    . LEU A 1 69  ? -3.057  11.216  10.784  1.00 28.73 ? 69  LEU A CG    1 
ATOM   485  C  CD1   . LEU A 1 69  ? -1.675  11.295  11.455  1.00 28.61 ? 69  LEU A CD1   1 
ATOM   486  C  CD2   . LEU A 1 69  ? -3.636  12.615  10.578  1.00 26.19 ? 69  LEU A CD2   1 
ATOM   487  N  N     . PHE A 1 70  ? -3.795  8.510   7.139   1.00 25.41 ? 70  PHE A N     1 
ATOM   488  C  CA    . PHE A 1 70  ? -3.518  7.910   5.845   1.00 25.68 ? 70  PHE A CA    1 
ATOM   489  C  C     . PHE A 1 70  ? -4.725  8.045   4.925   1.00 26.65 ? 70  PHE A C     1 
ATOM   490  O  O     . PHE A 1 70  ? -4.577  8.245   3.717   1.00 25.85 ? 70  PHE A O     1 
ATOM   491  C  CB    . PHE A 1 70  ? -3.124  6.439   6.008   1.00 23.04 ? 70  PHE A CB    1 
ATOM   492  C  CG    . PHE A 1 70  ? -1.754  6.249   6.596   1.00 22.38 ? 70  PHE A CG    1 
ATOM   493  C  CD1   . PHE A 1 70  ? -0.643  6.877   6.017   1.00 24.54 ? 70  PHE A CD1   1 
ATOM   494  C  CD2   . PHE A 1 70  ? -1.565  5.468   7.733   1.00 21.79 ? 70  PHE A CD2   1 
ATOM   495  C  CE1   . PHE A 1 70  ? 0.646   6.729   6.569   1.00 23.64 ? 70  PHE A CE1   1 
ATOM   496  C  CE2   . PHE A 1 70  ? -0.293  5.311   8.293   1.00 23.20 ? 70  PHE A CE2   1 
ATOM   497  C  CZ    . PHE A 1 70  ? 0.820   5.949   7.701   1.00 26.22 ? 70  PHE A CZ    1 
ATOM   498  N  N     . ALA A 1 71  ? -5.918  7.938   5.501   1.00 27.44 ? 71  ALA A N     1 
ATOM   499  C  CA    . ALA A 1 71  ? -7.144  8.077   4.723   1.00 29.47 ? 71  ALA A CA    1 
ATOM   500  C  C     . ALA A 1 71  ? -7.339  9.530   4.310   1.00 31.37 ? 71  ALA A C     1 
ATOM   501  O  O     . ALA A 1 71  ? -7.821  9.792   3.211   1.00 33.75 ? 71  ALA A O     1 
ATOM   502  C  CB    . ALA A 1 71  ? -8.337  7.605   5.534   1.00 28.71 ? 71  ALA A CB    1 
ATOM   503  N  N     . LEU A 1 72  ? -6.977  10.471  5.186   1.00 32.38 ? 72  LEU A N     1 
ATOM   504  C  CA    . LEU A 1 72  ? -7.105  11.903  4.874   1.00 32.68 ? 72  LEU A CA    1 
ATOM   505  C  C     . LEU A 1 72  ? -6.150  12.283  3.753   1.00 33.32 ? 72  LEU A C     1 
ATOM   506  O  O     . LEU A 1 72  ? -6.410  13.212  2.971   1.00 33.16 ? 72  LEU A O     1 
ATOM   507  C  CB    . LEU A 1 72  ? -6.803  12.767  6.098   1.00 34.13 ? 72  LEU A CB    1 
ATOM   508  C  CG    . LEU A 1 72  ? -7.854  12.771  7.209   1.00 34.66 ? 72  LEU A CG    1 
ATOM   509  C  CD1   . LEU A 1 72  ? -7.464  13.792  8.250   1.00 37.22 ? 72  LEU A CD1   1 
ATOM   510  C  CD2   . LEU A 1 72  ? -9.224  13.122  6.643   1.00 38.28 ? 72  LEU A CD2   1 
ATOM   511  N  N     . ASP A 1 73  ? -5.039  11.559  3.680   1.00 32.45 ? 73  ASP A N     1 
ATOM   512  C  CA    . ASP A 1 73  ? -4.056  11.788  2.636   1.00 32.11 ? 73  ASP A CA    1 
ATOM   513  C  C     . ASP A 1 73  ? -4.708  11.425  1.306   1.00 33.46 ? 73  ASP A C     1 
ATOM   514  O  O     . ASP A 1 73  ? -4.724  12.232  0.375   1.00 33.25 ? 73  ASP A O     1 
ATOM   515  C  CB    . ASP A 1 73  ? -2.814  10.932  2.884   1.00 30.20 ? 73  ASP A CB    1 
ATOM   516  C  CG    . ASP A 1 73  ? -1.783  11.066  1.778   1.00 34.80 ? 73  ASP A CG    1 
ATOM   517  O  OD1   . ASP A 1 73  ? -1.818  12.088  1.044   1.00 36.62 ? 73  ASP A OD1   1 
ATOM   518  O  OD2   . ASP A 1 73  ? -0.928  10.163  1.649   1.00 32.39 ? 73  ASP A OD2   1 
ATOM   519  N  N     . ARG A 1 74  ? -5.280  10.224  1.234   1.00 33.95 ? 74  ARG A N     1 
ATOM   520  C  CA    . ARG A 1 74  ? -5.943  9.765   0.018   1.00 34.49 ? 74  ARG A CA    1 
ATOM   521  C  C     . ARG A 1 74  ? -7.136  10.646  -0.347  1.00 35.58 ? 74  ARG A C     1 
ATOM   522  O  O     . ARG A 1 74  ? -7.315  11.008  -1.510  1.00 36.04 ? 74  ARG A O     1 
ATOM   523  C  CB    . ARG A 1 74  ? -6.401  8.307   0.162   1.00 33.71 ? 74  ARG A CB    1 
ATOM   524  C  CG    . ARG A 1 74  ? -5.286  7.282   -0.047  1.00 34.41 ? 74  ARG A CG    1 
ATOM   525  C  CD    . ARG A 1 74  ? -5.815  5.846   -0.021  1.00 33.16 ? 74  ARG A CD    1 
ATOM   526  N  NE    . ARG A 1 74  ? -6.077  5.375   1.336   1.00 33.34 ? 74  ARG A NE    1 
ATOM   527  C  CZ    . ARG A 1 74  ? -5.136  4.936   2.168   1.00 33.90 ? 74  ARG A CZ    1 
ATOM   528  N  NH1   . ARG A 1 74  ? -3.868  4.897   1.783   1.00 35.08 ? 74  ARG A NH1   1 
ATOM   529  N  NH2   . ARG A 1 74  ? -5.462  4.556   3.393   1.00 35.20 ? 74  ARG A NH2   1 
ATOM   530  N  N     . ALA A 1 75  ? -7.951  10.982  0.644   1.00 36.34 ? 75  ALA A N     1 
ATOM   531  C  CA    . ALA A 1 75  ? -9.121  11.822  0.410   1.00 38.22 ? 75  ALA A CA    1 
ATOM   532  C  C     . ALA A 1 75  ? -8.724  13.067  -0.376  1.00 39.15 ? 75  ALA A C     1 
ATOM   533  O  O     . ALA A 1 75  ? -9.475  13.540  -1.233  1.00 40.06 ? 75  ALA A O     1 
ATOM   534  C  CB    . ALA A 1 75  ? -9.746  12.220  1.736   1.00 37.50 ? 75  ALA A CB    1 
ATOM   535  N  N     . GLY A 1 76  ? -7.534  13.587  -0.092  1.00 38.29 ? 76  GLY A N     1 
ATOM   536  C  CA    . GLY A 1 76  ? -7.069  14.779  -0.782  1.00 38.48 ? 76  GLY A CA    1 
ATOM   537  C  C     . GLY A 1 76  ? -6.550  14.542  -2.187  1.00 38.77 ? 76  GLY A C     1 
ATOM   538  O  O     . GLY A 1 76  ? -6.282  15.495  -2.924  1.00 37.52 ? 76  GLY A O     1 
ATOM   539  N  N     . ALA A 1 77  ? -6.414  13.277  -2.570  1.00 38.20 ? 77  ALA A N     1 
ATOM   540  C  CA    . ALA A 1 77  ? -5.910  12.936  -3.894  1.00 39.10 ? 77  ALA A CA    1 
ATOM   541  C  C     . ALA A 1 77  ? -6.980  12.377  -4.830  1.00 39.69 ? 77  ALA A C     1 
ATOM   542  O  O     . ALA A 1 77  ? -6.665  11.945  -5.939  1.00 39.51 ? 77  ALA A O     1 
ATOM   543  C  CB    . ALA A 1 77  ? -4.762  11.930  -3.765  1.00 37.58 ? 77  ALA A CB    1 
ATOM   544  N  N     . VAL A 1 78  ? -8.237  12.378  -4.399  1.00 40.16 ? 78  VAL A N     1 
ATOM   545  C  CA    . VAL A 1 78  ? -9.303  11.839  -5.241  1.00 42.32 ? 78  VAL A CA    1 
ATOM   546  C  C     . VAL A 1 78  ? -9.374  12.483  -6.627  1.00 43.60 ? 78  VAL A C     1 
ATOM   547  O  O     . VAL A 1 78  ? -9.367  11.782  -7.639  1.00 44.31 ? 78  VAL A O     1 
ATOM   548  C  CB    . VAL A 1 78  ? -10.677 11.966  -4.565  1.00 41.97 ? 78  VAL A CB    1 
ATOM   549  C  CG1   . VAL A 1 78  ? -11.762 11.490  -5.505  1.00 41.40 ? 78  VAL A CG1   1 
ATOM   550  C  CG2   . VAL A 1 78  ? -10.702 11.136  -3.305  1.00 42.72 ? 78  VAL A CG2   1 
ATOM   551  N  N     . HIS A 1 79  ? -9.446  13.807  -6.683  1.00 45.20 ? 79  HIS A N     1 
ATOM   552  C  CA    . HIS A 1 79  ? -9.518  14.493  -7.971  1.00 46.91 ? 79  HIS A CA    1 
ATOM   553  C  C     . HIS A 1 79  ? -8.302  14.155  -8.827  1.00 45.82 ? 79  HIS A C     1 
ATOM   554  O  O     . HIS A 1 79  ? -8.409  13.961  -10.043 1.00 45.67 ? 79  HIS A O     1 
ATOM   555  C  CB    . HIS A 1 79  ? -9.627  16.001  -7.754  1.00 50.60 ? 79  HIS A CB    1 
ATOM   556  C  CG    . HIS A 1 79  ? -10.850 16.405  -6.988  1.00 55.79 ? 79  HIS A CG    1 
ATOM   557  N  ND1   . HIS A 1 79  ? -12.121 16.009  -7.352  1.00 57.77 ? 79  HIS A ND1   1 
ATOM   558  C  CD2   . HIS A 1 79  ? -10.997 17.157  -5.871  1.00 57.54 ? 79  HIS A CD2   1 
ATOM   559  C  CE1   . HIS A 1 79  ? -12.996 16.496  -6.490  1.00 57.80 ? 79  HIS A CE1   1 
ATOM   560  N  NE2   . HIS A 1 79  ? -12.342 17.197  -5.582  1.00 57.85 ? 79  HIS A NE2   1 
ATOM   561  N  N     . THR A 1 80  ? -7.147  14.068  -8.179  1.00 44.07 ? 80  THR A N     1 
ATOM   562  C  CA    . THR A 1 80  ? -5.906  13.731  -8.858  1.00 41.87 ? 80  THR A CA    1 
ATOM   563  C  C     . THR A 1 80  ? -5.957  12.318  -9.449  1.00 41.94 ? 80  THR A C     1 
ATOM   564  O  O     . THR A 1 80  ? -5.499  12.090  -10.571 1.00 41.21 ? 80  THR A O     1 
ATOM   565  C  CB    . THR A 1 80  ? -4.721  13.855  -7.887  1.00 41.55 ? 80  THR A CB    1 
ATOM   566  O  OG1   . THR A 1 80  ? -4.583  15.228  -7.496  1.00 41.21 ? 80  THR A OG1   1 
ATOM   567  C  CG2   . THR A 1 80  ? -3.425  13.374  -8.538  1.00 40.78 ? 80  THR A CG2   1 
ATOM   568  N  N     . ILE A 1 81  ? -6.515  11.368  -8.704  1.00 41.26 ? 81  ILE A N     1 
ATOM   569  C  CA    . ILE A 1 81  ? -6.615  9.999   -9.197  1.00 40.90 ? 81  ILE A CA    1 
ATOM   570  C  C     . ILE A 1 81  ? -7.530  9.969   -10.415 1.00 40.85 ? 81  ILE A C     1 
ATOM   571  O  O     . ILE A 1 81  ? -7.192  9.396   -11.446 1.00 39.00 ? 81  ILE A O     1 
ATOM   572  C  CB    . ILE A 1 81  ? -7.215  9.038   -8.146  1.00 40.71 ? 81  ILE A CB    1 
ATOM   573  C  CG1   . ILE A 1 81  ? -6.440  9.125   -6.831  1.00 42.16 ? 81  ILE A CG1   1 
ATOM   574  C  CG2   . ILE A 1 81  ? -7.213  7.624   -8.686  1.00 40.00 ? 81  ILE A CG2   1 
ATOM   575  C  CD1   . ILE A 1 81  ? -4.958  9.312   -6.992  1.00 44.03 ? 81  ILE A CD1   1 
ATOM   576  N  N     . GLN A 1 82  ? -8.698  10.589  -10.287 1.00 41.22 ? 82  GLN A N     1 
ATOM   577  C  CA    . GLN A 1 82  ? -9.660  10.618  -11.378 1.00 43.24 ? 82  GLN A CA    1 
ATOM   578  C  C     . GLN A 1 82  ? -9.087  11.309  -12.613 1.00 43.11 ? 82  GLN A C     1 
ATOM   579  O  O     . GLN A 1 82  ? -9.358  10.904  -13.744 1.00 44.00 ? 82  GLN A O     1 
ATOM   580  C  CB    . GLN A 1 82  ? -10.939 11.314  -10.915 1.00 44.08 ? 82  GLN A CB    1 
ATOM   581  C  CG    . GLN A 1 82  ? -11.514 10.689  -9.649  1.00 48.51 ? 82  GLN A CG    1 
ATOM   582  C  CD    . GLN A 1 82  ? -12.695 11.458  -9.099  1.00 50.25 ? 82  GLN A CD    1 
ATOM   583  O  OE1   . GLN A 1 82  ? -12.659 12.686  -9.004  1.00 51.24 ? 82  GLN A OE1   1 
ATOM   584  N  NE2   . GLN A 1 82  ? -13.748 10.737  -8.722  1.00 52.10 ? 82  GLN A NE2   1 
ATOM   585  N  N     . GLY A 1 83  ? -8.297  12.354  -12.396 1.00 43.11 ? 83  GLY A N     1 
ATOM   586  C  CA    . GLY A 1 83  ? -7.695  13.055  -13.517 1.00 42.68 ? 83  GLY A CA    1 
ATOM   587  C  C     . GLY A 1 83  ? -6.716  12.144  -14.236 1.00 42.73 ? 83  GLY A C     1 
ATOM   588  O  O     . GLY A 1 83  ? -6.713  12.067  -15.464 1.00 42.15 ? 83  GLY A O     1 
ATOM   589  N  N     . LEU A 1 84  ? -5.889  11.441  -13.465 1.00 41.73 ? 84  LEU A N     1 
ATOM   590  C  CA    . LEU A 1 84  ? -4.905  10.528  -14.039 1.00 42.27 ? 84  LEU A CA    1 
ATOM   591  C  C     . LEU A 1 84  ? -5.573  9.403   -14.824 1.00 42.32 ? 84  LEU A C     1 
ATOM   592  O  O     . LEU A 1 84  ? -5.069  8.992   -15.868 1.00 41.05 ? 84  LEU A O     1 
ATOM   593  C  CB    . LEU A 1 84  ? -4.018  9.928   -12.939 1.00 41.38 ? 84  LEU A CB    1 
ATOM   594  C  CG    . LEU A 1 84  ? -3.049  10.883  -12.231 1.00 42.75 ? 84  LEU A CG    1 
ATOM   595  C  CD1   . LEU A 1 84  ? -2.335  10.145  -11.100 1.00 41.30 ? 84  LEU A CD1   1 
ATOM   596  C  CD2   . LEU A 1 84  ? -2.046  11.434  -13.234 1.00 40.88 ? 84  LEU A CD2   1 
ATOM   597  N  N     . CYS A 1 85  ? -6.702  8.909   -14.313 1.00 42.83 ? 85  CYS A N     1 
ATOM   598  C  CA    . CYS A 1 85  ? -7.447  7.827   -14.959 1.00 43.81 ? 85  CYS A CA    1 
ATOM   599  C  C     . CYS A 1 85  ? -8.071  8.266   -16.279 1.00 44.44 ? 85  CYS A C     1 
ATOM   600  O  O     . CYS A 1 85  ? -8.165  7.477   -17.221 1.00 44.43 ? 85  CYS A O     1 
ATOM   601  C  CB    . CYS A 1 85  ? -8.551  7.305   -14.033 1.00 44.08 ? 85  CYS A CB    1 
ATOM   602  S  SG    . CYS A 1 85  ? -7.985  6.242   -12.668 1.00 47.08 ? 85  CYS A SG    1 
ATOM   603  N  N     . ARG A 1 86  ? -8.504  9.520   -16.348 1.00 45.24 ? 86  ARG A N     1 
ATOM   604  C  CA    . ARG A 1 86  ? -9.113  10.036  -17.572 1.00 46.74 ? 86  ARG A CA    1 
ATOM   605  C  C     . ARG A 1 86  ? -8.062  10.264  -18.667 1.00 47.68 ? 86  ARG A C     1 
ATOM   606  O  O     . ARG A 1 86  ? -8.290  9.944   -19.837 1.00 48.62 ? 86  ARG A O     1 
ATOM   607  C  CB    . ARG A 1 86  ? -9.856  11.340  -17.274 1.00 46.77 ? 86  ARG A CB    1 
ATOM   608  N  N     . GLY A 1 87  ? -6.910  10.798  -18.279 1.00 47.52 ? 87  GLY A N     1 
ATOM   609  C  CA    . GLY A 1 87  ? -5.861  11.080  -19.241 1.00 47.95 ? 87  GLY A CA    1 
ATOM   610  C  C     . GLY A 1 87  ? -4.902  9.957   -19.597 1.00 47.66 ? 87  GLY A C     1 
ATOM   611  O  O     . GLY A 1 87  ? -4.305  9.995   -20.669 1.00 48.92 ? 87  GLY A O     1 
ATOM   612  N  N     . TYR A 1 88  ? -4.740  8.966   -18.722 1.00 46.11 ? 88  TYR A N     1 
ATOM   613  C  CA    . TYR A 1 88  ? -3.823  7.862   -19.002 1.00 44.30 ? 88  TYR A CA    1 
ATOM   614  C  C     . TYR A 1 88  ? -4.538  6.528   -19.149 1.00 44.34 ? 88  TYR A C     1 
ATOM   615  O  O     . TYR A 1 88  ? -5.656  6.361   -18.661 1.00 43.69 ? 88  TYR A O     1 
ATOM   616  C  CB    . TYR A 1 88  ? -2.774  7.737   -17.894 1.00 44.87 ? 88  TYR A CB    1 
ATOM   617  C  CG    . TYR A 1 88  ? -1.828  8.911   -17.779 1.00 43.91 ? 88  TYR A CG    1 
ATOM   618  C  CD1   . TYR A 1 88  ? -2.258  10.135  -17.262 1.00 43.80 ? 88  TYR A CD1   1 
ATOM   619  C  CD2   . TYR A 1 88  ? -0.498  8.798   -18.187 1.00 44.02 ? 88  TYR A CD2   1 
ATOM   620  C  CE1   . TYR A 1 88  ? -1.385  11.218  -17.156 1.00 44.12 ? 88  TYR A CE1   1 
ATOM   621  C  CE2   . TYR A 1 88  ? 0.384   9.876   -18.085 1.00 43.87 ? 88  TYR A CE2   1 
ATOM   622  C  CZ    . TYR A 1 88  ? -0.065  11.078  -17.569 1.00 43.36 ? 88  TYR A CZ    1 
ATOM   623  O  OH    . TYR A 1 88  ? 0.802   12.136  -17.459 1.00 44.06 ? 88  TYR A OH    1 
ATOM   624  N  N     . ASP A 1 89  ? -3.876  5.580   -19.814 1.00 44.03 ? 89  ASP A N     1 
ATOM   625  C  CA    . ASP A 1 89  ? -4.430  4.247   -20.025 1.00 43.93 ? 89  ASP A CA    1 
ATOM   626  C  C     . ASP A 1 89  ? -4.355  3.428   -18.746 1.00 42.84 ? 89  ASP A C     1 
ATOM   627  O  O     . ASP A 1 89  ? -5.300  2.720   -18.391 1.00 42.73 ? 89  ASP A O     1 
ATOM   628  C  CB    . ASP A 1 89  ? -3.661  3.491   -21.115 1.00 47.29 ? 89  ASP A CB    1 
ATOM   629  C  CG    . ASP A 1 89  ? -3.868  4.070   -22.504 1.00 49.83 ? 89  ASP A CG    1 
ATOM   630  O  OD1   . ASP A 1 89  ? -5.022  4.396   -22.861 1.00 53.11 ? 89  ASP A OD1   1 
ATOM   631  O  OD2   . ASP A 1 89  ? -2.872  4.177   -23.253 1.00 53.75 ? 89  ASP A OD2   1 
ATOM   632  N  N     . VAL A 1 90  ? -3.214  3.519   -18.068 1.00 40.26 ? 90  VAL A N     1 
ATOM   633  C  CA    . VAL A 1 90  ? -2.985  2.778   -16.837 1.00 39.13 ? 90  VAL A CA    1 
ATOM   634  C  C     . VAL A 1 90  ? -2.438  3.664   -15.728 1.00 38.27 ? 90  VAL A C     1 
ATOM   635  O  O     . VAL A 1 90  ? -1.609  4.538   -15.975 1.00 38.37 ? 90  VAL A O     1 
ATOM   636  C  CB    . VAL A 1 90  ? -1.983  1.639   -17.062 1.00 37.89 ? 90  VAL A CB    1 
ATOM   637  C  CG1   . VAL A 1 90  ? -1.806  0.851   -15.784 1.00 39.21 ? 90  VAL A CG1   1 
ATOM   638  C  CG2   . VAL A 1 90  ? -2.460  0.745   -18.191 1.00 38.76 ? 90  VAL A CG2   1 
ATOM   639  N  N     . VAL A 1 91  ? -2.913  3.440   -14.506 1.00 36.69 ? 91  VAL A N     1 
ATOM   640  C  CA    . VAL A 1 91  ? -2.458  4.195   -13.344 1.00 35.72 ? 91  VAL A CA    1 
ATOM   641  C  C     . VAL A 1 91  ? -2.059  3.188   -12.269 1.00 36.74 ? 91  VAL A C     1 
ATOM   642  O  O     . VAL A 1 91  ? -2.907  2.439   -11.773 1.00 36.59 ? 91  VAL A O     1 
ATOM   643  C  CB    . VAL A 1 91  ? -3.562  5.088   -12.780 1.00 36.66 ? 91  VAL A CB    1 
ATOM   644  C  CG1   . VAL A 1 91  ? -3.010  5.890   -11.613 1.00 36.80 ? 91  VAL A CG1   1 
ATOM   645  C  CG2   . VAL A 1 91  ? -4.106  6.012   -13.869 1.00 36.92 ? 91  VAL A CG2   1 
ATOM   646  N  N     . ILE A 1 92  ? -0.777  3.161   -11.917 1.00 34.94 ? 92  ILE A N     1 
ATOM   647  C  CA    . ILE A 1 92  ? -0.283  2.220   -10.911 1.00 34.98 ? 92  ILE A CA    1 
ATOM   648  C  C     . ILE A 1 92  ? 0.001   2.935   -9.594  1.00 35.63 ? 92  ILE A C     1 
ATOM   649  O  O     . ILE A 1 92  ? 0.635   3.993   -9.574  1.00 36.25 ? 92  ILE A O     1 
ATOM   650  C  CB    . ILE A 1 92  ? 1.008   1.533   -11.390 1.00 35.44 ? 92  ILE A CB    1 
ATOM   651  C  CG1   . ILE A 1 92  ? 0.795   0.953   -12.792 1.00 36.45 ? 92  ILE A CG1   1 
ATOM   652  C  CG2   . ILE A 1 92  ? 1.407   0.437   -10.422 1.00 33.30 ? 92  ILE A CG2   1 
ATOM   653  C  CD1   . ILE A 1 92  ? 2.048   0.362   -13.411 1.00 36.81 ? 92  ILE A CD1   1 
ATOM   654  N  N     . LEU A 1 93  ? -0.472  2.357   -8.493  1.00 34.57 ? 93  LEU A N     1 
ATOM   655  C  CA    . LEU A 1 93  ? -0.277  2.953   -7.178  1.00 33.38 ? 93  LEU A CA    1 
ATOM   656  C  C     . LEU A 1 93  ? 0.593   2.081   -6.273  1.00 33.70 ? 93  LEU A C     1 
ATOM   657  O  O     . LEU A 1 93  ? 0.412   0.863   -6.203  1.00 36.02 ? 93  LEU A O     1 
ATOM   658  C  CB    . LEU A 1 93  ? -1.637  3.190   -6.501  1.00 32.31 ? 93  LEU A CB    1 
ATOM   659  C  CG    . LEU A 1 93  ? -2.711  3.999   -7.246  1.00 34.70 ? 93  LEU A CG    1 
ATOM   660  C  CD1   . LEU A 1 93  ? -4.000  3.984   -6.433  1.00 35.99 ? 93  LEU A CD1   1 
ATOM   661  C  CD2   . LEU A 1 93  ? -2.254  5.433   -7.479  1.00 32.62 ? 93  LEU A CD2   1 
ATOM   662  N  N     . ASP A 1 94  ? 1.555   2.710   -5.604  1.00 32.96 ? 94  ASP A N     1 
ATOM   663  C  CA    . ASP A 1 94  ? 2.434   2.019   -4.657  1.00 31.73 ? 94  ASP A CA    1 
ATOM   664  C  C     . ASP A 1 94  ? 1.700   2.138   -3.318  1.00 29.35 ? 94  ASP A C     1 
ATOM   665  O  O     . ASP A 1 94  ? 1.882   3.124   -2.606  1.00 29.54 ? 94  ASP A O     1 
ATOM   666  C  CB    . ASP A 1 94  ? 3.780   2.741   -4.563  1.00 33.57 ? 94  ASP A CB    1 
ATOM   667  C  CG    . ASP A 1 94  ? 4.773   2.024   -3.657  1.00 37.87 ? 94  ASP A CG    1 
ATOM   668  O  OD1   . ASP A 1 94  ? 4.342   1.379   -2.669  1.00 38.20 ? 94  ASP A OD1   1 
ATOM   669  O  OD2   . ASP A 1 94  ? 5.993   2.120   -3.931  1.00 39.76 ? 94  ASP A OD2   1 
ATOM   670  N  N     . ARG A 1 95  ? 0.876   1.143   -3.001  1.00 26.57 ? 95  ARG A N     1 
ATOM   671  C  CA    . ARG A 1 95  ? 0.054   1.120   -1.785  1.00 24.92 ? 95  ARG A CA    1 
ATOM   672  C  C     . ARG A 1 95  ? -1.248  1.897   -2.013  1.00 26.68 ? 95  ARG A C     1 
ATOM   673  O  O     . ARG A 1 95  ? -1.262  2.938   -2.675  1.00 29.14 ? 95  ARG A O     1 
ATOM   674  C  CB    . ARG A 1 95  ? 0.768   1.746   -0.590  1.00 24.17 ? 95  ARG A CB    1 
ATOM   675  C  CG    . ARG A 1 95  ? 1.760   0.851   0.135   1.00 24.78 ? 95  ARG A CG    1 
ATOM   676  C  CD    . ARG A 1 95  ? 1.987   1.415   1.531   1.00 26.50 ? 95  ARG A CD    1 
ATOM   677  N  NE    . ARG A 1 95  ? 3.066   0.747   2.252   1.00 26.86 ? 95  ARG A NE    1 
ATOM   678  C  CZ    . ARG A 1 95  ? 3.033   -0.521  2.641   1.00 28.10 ? 95  ARG A CZ    1 
ATOM   679  N  NH1   . ARG A 1 95  ? 1.969   -1.269  2.377   1.00 25.36 ? 95  ARG A NH1   1 
ATOM   680  N  NH2   . ARG A 1 95  ? 4.067   -1.038  3.298   1.00 25.65 ? 95  ARG A NH2   1 
ATOM   681  N  N     . TYR A 1 96  ? -2.339  1.409   -1.438  1.00 26.91 ? 96  TYR A N     1 
ATOM   682  C  CA    . TYR A 1 96  ? -3.616  2.082   -1.591  1.00 25.75 ? 96  TYR A CA    1 
ATOM   683  C  C     . TYR A 1 96  ? -4.478  1.748   -0.372  1.00 26.75 ? 96  TYR A C     1 
ATOM   684  O  O     . TYR A 1 96  ? -3.949  1.415   0.685   1.00 27.10 ? 96  TYR A O     1 
ATOM   685  C  CB    . TYR A 1 96  ? -4.267  1.633   -2.902  1.00 25.67 ? 96  TYR A CB    1 
ATOM   686  C  CG    . TYR A 1 96  ? -5.431  2.489   -3.371  1.00 27.11 ? 96  TYR A CG    1 
ATOM   687  C  CD1   . TYR A 1 96  ? -5.395  3.884   -3.259  1.00 27.60 ? 96  TYR A CD1   1 
ATOM   688  C  CD2   . TYR A 1 96  ? -6.563  1.901   -3.936  1.00 24.85 ? 96  TYR A CD2   1 
ATOM   689  C  CE1   . TYR A 1 96  ? -6.471  4.673   -3.699  1.00 26.70 ? 96  TYR A CE1   1 
ATOM   690  C  CE2   . TYR A 1 96  ? -7.633  2.676   -4.377  1.00 27.41 ? 96  TYR A CE2   1 
ATOM   691  C  CZ    . TYR A 1 96  ? -7.582  4.054   -4.253  1.00 25.81 ? 96  TYR A CZ    1 
ATOM   692  O  OH    . TYR A 1 96  ? -8.653  4.809   -4.682  1.00 29.78 ? 96  TYR A OH    1 
ATOM   693  N  N     . VAL A 1 97  ? -5.794  1.831   -0.502  1.00 26.10 ? 97  VAL A N     1 
ATOM   694  C  CA    . VAL A 1 97  ? -6.670  1.560   0.637   1.00 26.24 ? 97  VAL A CA    1 
ATOM   695  C  C     . VAL A 1 97  ? -6.422  0.233   1.395   1.00 26.64 ? 97  VAL A C     1 
ATOM   696  O  O     . VAL A 1 97  ? -6.539  0.186   2.624   1.00 27.17 ? 97  VAL A O     1 
ATOM   697  C  CB    . VAL A 1 97  ? -8.145  1.668   0.181   1.00 27.30 ? 97  VAL A CB    1 
ATOM   698  C  CG1   . VAL A 1 97  ? -9.093  1.464   1.349   1.00 25.60 ? 97  VAL A CG1   1 
ATOM   699  C  CG2   . VAL A 1 97  ? -8.364  3.035   -0.432  1.00 25.59 ? 97  VAL A CG2   1 
ATOM   700  N  N     . ALA A 1 98  ? -6.078  -0.841  0.684   1.00 25.18 ? 98  ALA A N     1 
ATOM   701  C  CA    . ALA A 1 98  ? -5.832  -2.122  1.345   1.00 25.55 ? 98  ALA A CA    1 
ATOM   702  C  C     . ALA A 1 98  ? -4.705  -2.108  2.392   1.00 26.22 ? 98  ALA A C     1 
ATOM   703  O  O     . ALA A 1 98  ? -4.728  -2.918  3.322   1.00 26.16 ? 98  ALA A O     1 
ATOM   704  C  CB    . ALA A 1 98  ? -5.572  -3.217  0.309   1.00 27.19 ? 98  ALA A CB    1 
ATOM   705  N  N     . SER A 1 99  ? -3.720  -1.217  2.254   1.00 25.65 ? 99  SER A N     1 
ATOM   706  C  CA    . SER A 1 99  ? -2.638  -1.153  3.251   1.00 26.92 ? 99  SER A CA    1 
ATOM   707  C  C     . SER A 1 99  ? -3.232  -0.716  4.600   1.00 26.10 ? 99  SER A C     1 
ATOM   708  O  O     . SER A 1 99  ? -2.830  -1.199  5.655   1.00 25.08 ? 99  SER A O     1 
ATOM   709  C  CB    . SER A 1 99  ? -1.549  -0.142  2.852   1.00 27.33 ? 99  SER A CB    1 
ATOM   710  O  OG    . SER A 1 99  ? -0.827  -0.545  1.689   1.00 29.38 ? 99  SER A OG    1 
ATOM   711  N  N     . ASN A 1 100 ? -4.186  0.206   4.562   1.00 23.89 ? 100 ASN A N     1 
ATOM   712  C  CA    . ASN A 1 100 ? -4.801  0.678   5.798   1.00 24.67 ? 100 ASN A CA    1 
ATOM   713  C  C     . ASN A 1 100 ? -5.563  -0.453  6.510   1.00 24.19 ? 100 ASN A C     1 
ATOM   714  O  O     . ASN A 1 100 ? -5.555  -0.540  7.734   1.00 23.63 ? 100 ASN A O     1 
ATOM   715  C  CB    . ASN A 1 100 ? -5.737  1.858   5.505   1.00 23.73 ? 100 ASN A CB    1 
ATOM   716  C  CG    . ASN A 1 100 ? -5.497  3.026   6.430   1.00 25.13 ? 100 ASN A CG    1 
ATOM   717  O  OD1   . ASN A 1 100 ? -4.507  3.053   7.162   1.00 24.89 ? 100 ASN A OD1   1 
ATOM   718  N  ND2   . ASN A 1 100 ? -6.392  4.012   6.394   1.00 24.08 ? 100 ASN A ND2   1 
ATOM   719  N  N     . ALA A 1 101 ? -6.207  -1.327  5.745   1.00 26.40 ? 101 ALA A N     1 
ATOM   720  C  CA    . ALA A 1 101 ? -6.939  -2.445  6.333   1.00 25.73 ? 101 ALA A CA    1 
ATOM   721  C  C     . ALA A 1 101 ? -5.982  -3.480  6.908   1.00 26.67 ? 101 ALA A C     1 
ATOM   722  O  O     . ALA A 1 101 ? -6.136  -3.923  8.053   1.00 26.76 ? 101 ALA A O     1 
ATOM   723  C  CB    . ALA A 1 101 ? -7.832  -3.099  5.279   1.00 28.39 ? 101 ALA A CB    1 
ATOM   724  N  N     . ALA A 1 102 ? -4.993  -3.868  6.117   1.00 24.31 ? 102 ALA A N     1 
ATOM   725  C  CA    . ALA A 1 102 ? -4.037  -4.878  6.568   1.00 25.04 ? 102 ALA A CA    1 
ATOM   726  C  C     . ALA A 1 102 ? -3.265  -4.472  7.825   1.00 25.00 ? 102 ALA A C     1 
ATOM   727  O  O     . ALA A 1 102 ? -3.231  -5.237  8.795   1.00 24.70 ? 102 ALA A O     1 
ATOM   728  C  CB    . ALA A 1 102 ? -3.065  -5.237  5.434   1.00 23.05 ? 102 ALA A CB    1 
ATOM   729  N  N     . TYR A 1 103 ? -2.651  -3.288  7.817   1.00 23.71 ? 103 TYR A N     1 
ATOM   730  C  CA    . TYR A 1 103 ? -1.888  -2.833  8.976   1.00 26.37 ? 103 TYR A CA    1 
ATOM   731  C  C     . TYR A 1 103 ? -2.754  -2.565  10.212  1.00 27.30 ? 103 TYR A C     1 
ATOM   732  O  O     . TYR A 1 103 ? -2.376  -2.927  11.329  1.00 25.45 ? 103 TYR A O     1 
ATOM   733  C  CB    . TYR A 1 103 ? -1.054  -1.583  8.640   1.00 25.99 ? 103 TYR A CB    1 
ATOM   734  C  CG    . TYR A 1 103 ? 0.201   -1.912  7.851   1.00 28.05 ? 103 TYR A CG    1 
ATOM   735  C  CD1   . TYR A 1 103 ? 0.158   -2.055  6.462   1.00 27.48 ? 103 TYR A CD1   1 
ATOM   736  C  CD2   . TYR A 1 103 ? 1.418   -2.157  8.500   1.00 27.14 ? 103 TYR A CD2   1 
ATOM   737  C  CE1   . TYR A 1 103 ? 1.287   -2.438  5.737   1.00 25.10 ? 103 TYR A CE1   1 
ATOM   738  C  CE2   . TYR A 1 103 ? 2.560   -2.545  7.778   1.00 26.49 ? 103 TYR A CE2   1 
ATOM   739  C  CZ    . TYR A 1 103 ? 2.478   -2.684  6.395   1.00 27.24 ? 103 TYR A CZ    1 
ATOM   740  O  OH    . TYR A 1 103 ? 3.574   -3.088  5.667   1.00 29.15 ? 103 TYR A OH    1 
ATOM   741  N  N     . SER A 1 104 ? -3.921  -1.951  10.015  1.00 28.04 ? 104 SER A N     1 
ATOM   742  C  CA    . SER A 1 104 ? -4.804  -1.666  11.152  1.00 28.18 ? 104 SER A CA    1 
ATOM   743  C  C     . SER A 1 104 ? -5.303  -2.957  11.792  1.00 27.51 ? 104 SER A C     1 
ATOM   744  O  O     . SER A 1 104 ? -5.300  -3.095  13.017  1.00 29.02 ? 104 SER A O     1 
ATOM   745  C  CB    . SER A 1 104 ? -6.000  -0.817  10.709  1.00 28.15 ? 104 SER A CB    1 
ATOM   746  O  OG    . SER A 1 104 ? -5.585  0.468   10.304  1.00 27.12 ? 104 SER A OG    1 
ATOM   747  N  N     . ALA A 1 105 ? -5.752  -3.896  10.967  1.00 27.41 ? 105 ALA A N     1 
ATOM   748  C  CA    . ALA A 1 105 ? -6.232  -5.169  11.480  1.00 27.42 ? 105 ALA A CA    1 
ATOM   749  C  C     . ALA A 1 105 ? -5.092  -5.855  12.258  1.00 27.22 ? 105 ALA A C     1 
ATOM   750  O  O     . ALA A 1 105 ? -5.291  -6.338  13.374  1.00 25.27 ? 105 ALA A O     1 
ATOM   751  C  CB    . ALA A 1 105 ? -6.716  -6.057  10.315  1.00 28.63 ? 105 ALA A CB    1 
ATOM   752  N  N     . ALA A 1 106 ? -3.893  -5.870  11.676  1.00 24.65 ? 106 ALA A N     1 
ATOM   753  C  CA    . ALA A 1 106 ? -2.733  -6.491  12.322  1.00 25.63 ? 106 ALA A CA    1 
ATOM   754  C  C     . ALA A 1 106 ? -2.313  -5.834  13.640  1.00 26.38 ? 106 ALA A C     1 
ATOM   755  O  O     . ALA A 1 106 ? -1.915  -6.531  14.573  1.00 27.57 ? 106 ALA A O     1 
ATOM   756  C  CB    . ALA A 1 106 ? -1.547  -6.518  11.355  1.00 25.39 ? 106 ALA A CB    1 
ATOM   757  N  N     . ARG A 1 107 ? -2.389  -4.506  13.736  1.00 26.47 ? 107 ARG A N     1 
ATOM   758  C  CA    . ARG A 1 107 ? -2.002  -3.848  14.985  1.00 26.87 ? 107 ARG A CA    1 
ATOM   759  C  C     . ARG A 1 107 ? -2.969  -4.192  16.114  1.00 27.98 ? 107 ARG A C     1 
ATOM   760  O  O     . ARG A 1 107 ? -2.589  -4.168  17.279  1.00 28.41 ? 107 ARG A O     1 
ATOM   761  C  CB    . ARG A 1 107 ? -1.949  -2.323  14.825  1.00 27.49 ? 107 ARG A CB    1 
ATOM   762  C  CG    . ARG A 1 107 ? -0.722  -1.807  14.098  1.00 28.63 ? 107 ARG A CG    1 
ATOM   763  C  CD    . ARG A 1 107 ? -0.676  -0.288  14.125  1.00 29.46 ? 107 ARG A CD    1 
ATOM   764  N  NE    . ARG A 1 107 ? -0.486  0.216   15.479  1.00 29.74 ? 107 ARG A NE    1 
ATOM   765  C  CZ    . ARG A 1 107 ? -0.485  1.505   15.813  1.00 32.40 ? 107 ARG A CZ    1 
ATOM   766  N  NH1   . ARG A 1 107 ? -0.667  2.451   14.890  1.00 30.07 ? 107 ARG A NH1   1 
ATOM   767  N  NH2   . ARG A 1 107 ? -0.299  1.851   17.081  1.00 30.38 ? 107 ARG A NH2   1 
ATOM   768  N  N     . LEU A 1 108 ? -4.216  -4.502  15.757  1.00 27.16 ? 108 LEU A N     1 
ATOM   769  C  CA    . LEU A 1 108 ? -5.258  -4.849  16.726  1.00 28.76 ? 108 LEU A CA    1 
ATOM   770  C  C     . LEU A 1 108 ? -5.444  -6.370  16.868  1.00 30.84 ? 108 LEU A C     1 
ATOM   771  O  O     . LEU A 1 108 ? -6.331  -6.827  17.592  1.00 31.87 ? 108 LEU A O     1 
ATOM   772  C  CB    . LEU A 1 108 ? -6.596  -4.206  16.311  1.00 28.88 ? 108 LEU A CB    1 
ATOM   773  C  CG    . LEU A 1 108 ? -6.641  -2.667  16.269  1.00 29.05 ? 108 LEU A CG    1 
ATOM   774  C  CD1   . LEU A 1 108 ? -7.786  -2.196  15.372  1.00 30.79 ? 108 LEU A CD1   1 
ATOM   775  C  CD2   . LEU A 1 108 ? -6.801  -2.106  17.675  1.00 28.81 ? 108 LEU A CD2   1 
ATOM   776  N  N     . HIS A 1 109 ? -4.601  -7.146  16.187  1.00 31.22 ? 109 HIS A N     1 
ATOM   777  C  CA    . HIS A 1 109 ? -4.673  -8.608  16.227  1.00 33.86 ? 109 HIS A CA    1 
ATOM   778  C  C     . HIS A 1 109 ? -6.018  -9.129  15.754  1.00 34.38 ? 109 HIS A C     1 
ATOM   779  O  O     . HIS A 1 109 ? -6.585  -10.037 16.358  1.00 34.40 ? 109 HIS A O     1 
ATOM   780  C  CB    . HIS A 1 109 ? -4.396  -9.144  17.640  1.00 35.64 ? 109 HIS A CB    1 
ATOM   781  C  CG    . HIS A 1 109 ? -2.979  -8.956  18.099  1.00 37.20 ? 109 HIS A CG    1 
ATOM   782  N  ND1   . HIS A 1 109 ? -2.430  -7.713  18.337  1.00 39.37 ? 109 HIS A ND1   1 
ATOM   783  C  CD2   . HIS A 1 109 ? -2.003  -9.854  18.367  1.00 37.23 ? 109 HIS A CD2   1 
ATOM   784  C  CE1   . HIS A 1 109 ? -1.176  -7.854  18.733  1.00 38.14 ? 109 HIS A CE1   1 
ATOM   785  N  NE2   . HIS A 1 109 ? -0.893  -9.144  18.760  1.00 39.24 ? 109 HIS A NE2   1 
ATOM   786  N  N     . GLU A 1 110 ? -6.519  -8.541  14.670  1.00 34.78 ? 110 GLU A N     1 
ATOM   787  C  CA    . GLU A 1 110 ? -7.791  -8.923  14.056  1.00 34.97 ? 110 GLU A CA    1 
ATOM   788  C  C     . GLU A 1 110 ? -7.473  -9.552  12.706  1.00 35.99 ? 110 GLU A C     1 
ATOM   789  O  O     . GLU A 1 110 ? -6.333  -9.480  12.240  1.00 33.43 ? 110 GLU A O     1 
ATOM   790  C  CB    . GLU A 1 110 ? -8.654  -7.682  13.811  1.00 36.95 ? 110 GLU A CB    1 
ATOM   791  C  CG    . GLU A 1 110 ? -9.276  -7.057  15.057  1.00 36.78 ? 110 GLU A CG    1 
ATOM   792  C  CD    . GLU A 1 110 ? -9.822  -5.656  14.790  1.00 39.46 ? 110 GLU A CD    1 
ATOM   793  O  OE1   . GLU A 1 110 ? -10.330 -5.404  13.671  1.00 36.68 ? 110 GLU A OE1   1 
ATOM   794  O  OE2   . GLU A 1 110 ? -9.752  -4.804  15.709  1.00 40.08 ? 110 GLU A OE2   1 
ATOM   795  N  N     . ASN A 1 111 ? -8.471  -10.166 12.074  1.00 34.73 ? 111 ASN A N     1 
ATOM   796  C  CA    . ASN A 1 111 ? -8.272  -10.752 10.752  1.00 34.36 ? 111 ASN A CA    1 
ATOM   797  C  C     . ASN A 1 111 ? -8.997  -9.891  9.718   1.00 32.97 ? 111 ASN A C     1 
ATOM   798  O  O     . ASN A 1 111 ? -9.656  -8.910  10.063  1.00 31.82 ? 111 ASN A O     1 
ATOM   799  C  CB    . ASN A 1 111 ? -8.795  -12.193 10.693  1.00 36.05 ? 111 ASN A CB    1 
ATOM   800  C  CG    . ASN A 1 111 ? -10.222 -12.319 11.180  1.00 36.92 ? 111 ASN A CG    1 
ATOM   801  O  OD1   . ASN A 1 111 ? -11.121 -11.612 10.719  1.00 39.80 ? 111 ASN A OD1   1 
ATOM   802  N  ND2   . ASN A 1 111 ? -10.443 -13.234 12.114  1.00 39.85 ? 111 ASN A ND2   1 
ATOM   803  N  N     . ALA A 1 112 ? -8.882  -10.274 8.455   1.00 32.80 ? 112 ALA A N     1 
ATOM   804  C  CA    . ALA A 1 112 ? -9.502  -9.539  7.361   1.00 33.01 ? 112 ALA A CA    1 
ATOM   805  C  C     . ALA A 1 112 ? -11.013 -9.388  7.504   1.00 34.24 ? 112 ALA A C     1 
ATOM   806  O  O     . ALA A 1 112 ? -11.623 -8.555  6.834   1.00 34.04 ? 112 ALA A O     1 
ATOM   807  C  CB    . ALA A 1 112 ? -9.167  -10.212 6.032   1.00 33.24 ? 112 ALA A CB    1 
ATOM   808  N  N     . ALA A 1 113 ? -11.625 -10.189 8.366   1.00 35.31 ? 113 ALA A N     1 
ATOM   809  C  CA    . ALA A 1 113 ? -13.073 -10.103 8.549   1.00 37.36 ? 113 ALA A CA    1 
ATOM   810  C  C     . ALA A 1 113 ? -13.436 -9.243  9.759   1.00 38.00 ? 113 ALA A C     1 
ATOM   811  O  O     . ALA A 1 113 ? -14.615 -9.020  10.041  1.00 39.12 ? 113 ALA A O     1 
ATOM   812  C  CB    . ALA A 1 113 ? -13.660 -11.500 8.699   1.00 37.99 ? 113 ALA A CB    1 
ATOM   813  N  N     . GLY A 1 114 ? -12.413 -8.745  10.449  1.00 36.12 ? 114 GLY A N     1 
ATOM   814  C  CA    . GLY A 1 114 ? -12.605 -7.933  11.638  1.00 35.92 ? 114 GLY A CA    1 
ATOM   815  C  C     . GLY A 1 114 ? -13.219 -6.558  11.433  1.00 35.58 ? 114 GLY A C     1 
ATOM   816  O  O     . GLY A 1 114 ? -13.537 -6.158  10.303  1.00 34.82 ? 114 GLY A O     1 
ATOM   817  N  N     . LYS A 1 115 ? -13.359 -5.818  12.529  1.00 34.18 ? 115 LYS A N     1 
ATOM   818  C  CA    . LYS A 1 115 ? -13.973 -4.488  12.476  1.00 35.02 ? 115 LYS A CA    1 
ATOM   819  C  C     . LYS A 1 115 ? -13.115 -3.410  11.825  1.00 33.29 ? 115 LYS A C     1 
ATOM   820  O  O     . LYS A 1 115 ? -13.641 -2.473  11.220  1.00 32.52 ? 115 LYS A O     1 
ATOM   821  C  CB    . LYS A 1 115 ? -14.354 -4.038  13.884  1.00 36.08 ? 115 LYS A CB    1 
ATOM   822  C  CG    . LYS A 1 115 ? -15.151 -5.069  14.647  1.00 40.38 ? 115 LYS A CG    1 
ATOM   823  C  CD    . LYS A 1 115 ? -15.712 -4.476  15.923  1.00 42.94 ? 115 LYS A CD    1 
ATOM   824  C  CE    . LYS A 1 115 ? -16.985 -3.701  15.650  1.00 43.96 ? 115 LYS A CE    1 
ATOM   825  N  NZ    . LYS A 1 115 ? -18.039 -4.612  15.131  1.00 44.00 ? 115 LYS A NZ    1 
ATOM   826  N  N     . ALA A 1 116 ? -11.797 -3.532  11.960  1.00 32.12 ? 116 ALA A N     1 
ATOM   827  C  CA    . ALA A 1 116 ? -10.877 -2.544  11.393  1.00 30.42 ? 116 ALA A CA    1 
ATOM   828  C  C     . ALA A 1 116 ? -10.950 -2.508  9.875   1.00 30.29 ? 116 ALA A C     1 
ATOM   829  O  O     . ALA A 1 116 ? -11.035 -1.429  9.277   1.00 30.97 ? 116 ALA A O     1 
ATOM   830  C  CB    . ALA A 1 116 ? -9.447  -2.843  11.841  1.00 28.96 ? 116 ALA A CB    1 
ATOM   831  N  N     . ALA A 1 117 ? -10.916 -3.685  9.252   1.00 29.58 ? 117 ALA A N     1 
ATOM   832  C  CA    . ALA A 1 117 ? -10.978 -3.781  7.800   1.00 28.55 ? 117 ALA A CA    1 
ATOM   833  C  C     . ALA A 1 117 ? -12.328 -3.277  7.313   1.00 28.56 ? 117 ALA A C     1 
ATOM   834  O  O     . ALA A 1 117 ? -12.432 -2.652  6.254   1.00 26.06 ? 117 ALA A O     1 
ATOM   835  C  CB    . ALA A 1 117 ? -10.776 -5.219  7.365   1.00 29.55 ? 117 ALA A CB    1 
ATOM   836  N  N     . ALA A 1 118 ? -13.367 -3.546  8.097   1.00 25.56 ? 118 ALA A N     1 
ATOM   837  C  CA    . ALA A 1 118 ? -14.706 -3.100  7.732   1.00 26.27 ? 118 ALA A CA    1 
ATOM   838  C  C     . ALA A 1 118 ? -14.796 -1.588  7.895   1.00 26.19 ? 118 ALA A C     1 
ATOM   839  O  O     . ALA A 1 118 ? -15.507 -0.905  7.149   1.00 27.02 ? 118 ALA A O     1 
ATOM   840  C  CB    . ALA A 1 118 ? -15.749 -3.797  8.617   1.00 25.98 ? 118 ALA A CB    1 
ATOM   841  N  N     . TRP A 1 119 ? -14.074 -1.059  8.877   1.00 27.14 ? 119 TRP A N     1 
ATOM   842  C  CA    . TRP A 1 119 ? -14.080 0.383   9.121   1.00 28.39 ? 119 TRP A CA    1 
ATOM   843  C  C     . TRP A 1 119 ? -13.451 1.098   7.930   1.00 29.11 ? 119 TRP A C     1 
ATOM   844  O  O     . TRP A 1 119 ? -13.997 2.077   7.415   1.00 28.69 ? 119 TRP A O     1 
ATOM   845  C  CB    . TRP A 1 119 ? -13.300 0.699   10.395  1.00 28.08 ? 119 TRP A CB    1 
ATOM   846  C  CG    . TRP A 1 119 ? -13.216 2.162   10.726  1.00 31.50 ? 119 TRP A CG    1 
ATOM   847  C  CD1   . TRP A 1 119 ? -14.144 2.913   11.396  1.00 31.19 ? 119 TRP A CD1   1 
ATOM   848  C  CD2   . TRP A 1 119 ? -12.138 3.049   10.407  1.00 31.46 ? 119 TRP A CD2   1 
ATOM   849  N  NE1   . TRP A 1 119 ? -13.705 4.210   11.521  1.00 30.94 ? 119 TRP A NE1   1 
ATOM   850  C  CE2   . TRP A 1 119 ? -12.477 4.321   10.920  1.00 32.24 ? 119 TRP A CE2   1 
ATOM   851  C  CE3   . TRP A 1 119 ? -10.917 2.894   9.734   1.00 35.16 ? 119 TRP A CE3   1 
ATOM   852  C  CZ2   . TRP A 1 119 ? -11.637 5.434   10.783  1.00 31.78 ? 119 TRP A CZ2   1 
ATOM   853  C  CZ3   . TRP A 1 119 ? -10.077 4.015   9.596   1.00 33.49 ? 119 TRP A CZ3   1 
ATOM   854  C  CH2   . TRP A 1 119 ? -10.447 5.260   10.121  1.00 33.43 ? 119 TRP A CH2   1 
ATOM   855  N  N     . VAL A 1 120 ? -12.299 0.601   7.487   1.00 29.00 ? 120 VAL A N     1 
ATOM   856  C  CA    . VAL A 1 120 ? -11.609 1.197   6.347   1.00 30.65 ? 120 VAL A CA    1 
ATOM   857  C  C     . VAL A 1 120 ? -12.539 1.177   5.139   1.00 30.91 ? 120 VAL A C     1 
ATOM   858  O  O     . VAL A 1 120 ? -12.607 2.151   4.392   1.00 30.69 ? 120 VAL A O     1 
ATOM   859  C  CB    . VAL A 1 120 ? -10.297 0.435   6.046   1.00 29.98 ? 120 VAL A CB    1 
ATOM   860  C  CG1   . VAL A 1 120 ? -9.662  0.924   4.747   1.00 30.92 ? 120 VAL A CG1   1 
ATOM   861  C  CG2   . VAL A 1 120 ? -9.338  0.629   7.194   1.00 31.03 ? 120 VAL A CG2   1 
ATOM   862  N  N     . GLN A 1 121 ? -13.268 0.077   4.964   1.00 32.91 ? 121 GLN A N     1 
ATOM   863  C  CA    . GLN A 1 121 ? -14.219 -0.049  3.855   1.00 33.75 ? 121 GLN A CA    1 
ATOM   864  C  C     . GLN A 1 121 ? -15.216 1.093   3.902   1.00 34.82 ? 121 GLN A C     1 
ATOM   865  O  O     . GLN A 1 121 ? -15.376 1.821   2.917   1.00 34.99 ? 121 GLN A O     1 
ATOM   866  C  CB    . GLN A 1 121 ? -15.004 -1.361  3.942   1.00 35.71 ? 121 GLN A CB    1 
ATOM   867  C  CG    . GLN A 1 121 ? -14.450 -2.513  3.157   1.00 37.34 ? 121 GLN A CG    1 
ATOM   868  C  CD    . GLN A 1 121 ? -14.852 -2.471  1.696   1.00 39.51 ? 121 GLN A CD    1 
ATOM   869  O  OE1   . GLN A 1 121 ? -15.676 -1.652  1.281   1.00 39.17 ? 121 GLN A OE1   1 
ATOM   870  N  NE2   . GLN A 1 121 ? -14.276 -3.363  0.907   1.00 37.40 ? 121 GLN A NE2   1 
ATOM   871  N  N     . ARG A 1 122 ? -15.886 1.245   5.049   1.00 34.91 ? 122 ARG A N     1 
ATOM   872  C  CA    . ARG A 1 122 ? -16.895 2.294   5.227   1.00 34.93 ? 122 ARG A CA    1 
ATOM   873  C  C     . ARG A 1 122 ? -16.413 3.730   5.053   1.00 34.81 ? 122 ARG A C     1 
ATOM   874  O  O     . ARG A 1 122 ? -17.075 4.530   4.393   1.00 36.86 ? 122 ARG A O     1 
ATOM   875  C  CB    . ARG A 1 122 ? -17.565 2.189   6.605   1.00 35.01 ? 122 ARG A CB    1 
ATOM   876  C  CG    . ARG A 1 122 ? -18.373 0.922   6.844   1.00 37.25 ? 122 ARG A CG    1 
ATOM   877  C  CD    . ARG A 1 122 ? -19.490 1.166   7.864   1.00 37.00 ? 122 ARG A CD    1 
ATOM   878  N  NE    . ARG A 1 122 ? -18.994 1.738   9.113   1.00 37.02 ? 122 ARG A NE    1 
ATOM   879  C  CZ    . ARG A 1 122 ? -18.297 1.061   10.023  1.00 38.82 ? 122 ARG A CZ    1 
ATOM   880  N  NH1   . ARG A 1 122 ? -18.014 -0.225  9.827   1.00 33.90 ? 122 ARG A NH1   1 
ATOM   881  N  NH2   . ARG A 1 122 ? -17.863 1.674   11.122  1.00 38.47 ? 122 ARG A NH2   1 
ATOM   882  N  N     . ILE A 1 123 ? -15.269 4.064   5.641   1.00 32.93 ? 123 ILE A N     1 
ATOM   883  C  CA    . ILE A 1 123 ? -14.735 5.416   5.569   1.00 32.46 ? 123 ILE A CA    1 
ATOM   884  C  C     . ILE A 1 123 ? -14.076 5.820   4.239   1.00 32.54 ? 123 ILE A C     1 
ATOM   885  O  O     . ILE A 1 123 ? -14.385 6.870   3.690   1.00 32.43 ? 123 ILE A O     1 
ATOM   886  C  CB    . ILE A 1 123 ? -13.699 5.660   6.705   1.00 34.55 ? 123 ILE A CB    1 
ATOM   887  C  CG1   . ILE A 1 123 ? -14.333 5.387   8.074   1.00 37.71 ? 123 ILE A CG1   1 
ATOM   888  C  CG2   . ILE A 1 123 ? -13.163 7.090   6.634   1.00 34.41 ? 123 ILE A CG2   1 
ATOM   889  C  CD1   . ILE A 1 123 ? -15.560 6.236   8.388   1.00 39.66 ? 123 ILE A CD1   1 
ATOM   890  N  N     . GLU A 1 124 ? -13.162 5.003   3.727   1.00 32.33 ? 124 GLU A N     1 
ATOM   891  C  CA    . GLU A 1 124 ? -12.464 5.356   2.494   1.00 33.72 ? 124 GLU A CA    1 
ATOM   892  C  C     . GLU A 1 124 ? -13.256 5.180   1.188   1.00 33.93 ? 124 GLU A C     1 
ATOM   893  O  O     . GLU A 1 124 ? -13.296 6.089   0.349   1.00 34.74 ? 124 GLU A O     1 
ATOM   894  C  CB    . GLU A 1 124 ? -11.139 4.584   2.418   1.00 33.72 ? 124 GLU A CB    1 
ATOM   895  C  CG    . GLU A 1 124 ? -10.267 4.754   3.667   1.00 36.42 ? 124 GLU A CG    1 
ATOM   896  C  CD    . GLU A 1 124 ? -8.778  4.911   3.351   1.00 37.65 ? 124 GLU A CD    1 
ATOM   897  O  OE1   . GLU A 1 124 ? -8.446  5.609   2.364   1.00 38.63 ? 124 GLU A OE1   1 
ATOM   898  O  OE2   . GLU A 1 124 ? -7.934  4.363   4.101   1.00 37.85 ? 124 GLU A OE2   1 
ATOM   899  N  N     . PHE A 1 125 ? -13.899 4.034   1.008   1.00 32.70 ? 125 PHE A N     1 
ATOM   900  C  CA    . PHE A 1 125 ? -14.639 3.806   -0.225  1.00 33.64 ? 125 PHE A CA    1 
ATOM   901  C  C     . PHE A 1 125 ? -16.036 4.419   -0.246  1.00 35.16 ? 125 PHE A C     1 
ATOM   902  O  O     . PHE A 1 125 ? -16.384 5.172   -1.159  1.00 36.16 ? 125 PHE A O     1 
ATOM   903  C  CB    . PHE A 1 125 ? -14.743 2.304   -0.512  1.00 32.46 ? 125 PHE A CB    1 
ATOM   904  C  CG    . PHE A 1 125 ? -13.421 1.647   -0.837  1.00 30.77 ? 125 PHE A CG    1 
ATOM   905  C  CD1   . PHE A 1 125 ? -12.604 2.153   -1.840  1.00 28.95 ? 125 PHE A CD1   1 
ATOM   906  C  CD2   . PHE A 1 125 ? -13.029 0.479   -0.181  1.00 30.64 ? 125 PHE A CD2   1 
ATOM   907  C  CE1   . PHE A 1 125 ? -11.417 1.503   -2.188  1.00 27.27 ? 125 PHE A CE1   1 
ATOM   908  C  CE2   . PHE A 1 125 ? -11.850 -0.174  -0.524  1.00 29.25 ? 125 PHE A CE2   1 
ATOM   909  C  CZ    . PHE A 1 125 ? -11.041 0.344   -1.536  1.00 28.45 ? 125 PHE A CZ    1 
ATOM   910  N  N     . ALA A 1 126 ? -16.837 4.108   0.763   1.00 36.36 ? 126 ALA A N     1 
ATOM   911  C  CA    . ALA A 1 126 ? -18.202 4.614   0.812   1.00 39.48 ? 126 ALA A CA    1 
ATOM   912  C  C     . ALA A 1 126 ? -18.319 6.098   1.144   1.00 39.77 ? 126 ALA A C     1 
ATOM   913  O  O     . ALA A 1 126 ? -18.998 6.851   0.446   1.00 41.32 ? 126 ALA A O     1 
ATOM   914  C  CB    . ALA A 1 126 ? -19.022 3.783   1.808   1.00 40.11 ? 126 ALA A CB    1 
ATOM   915  N  N     . ARG A 1 127 ? -17.640 6.521   2.197   1.00 40.71 ? 127 ARG A N     1 
ATOM   916  C  CA    . ARG A 1 127 ? -17.704 7.908   2.641   1.00 40.68 ? 127 ARG A CA    1 
ATOM   917  C  C     . ARG A 1 127 ? -16.802 8.916   1.915   1.00 39.45 ? 127 ARG A C     1 
ATOM   918  O  O     . ARG A 1 127 ? -17.279 9.950   1.454   1.00 39.04 ? 127 ARG A O     1 
ATOM   919  C  CB    . ARG A 1 127 ? -17.427 7.942   4.146   1.00 41.03 ? 127 ARG A CB    1 
ATOM   920  C  CG    . ARG A 1 127 ? -17.478 9.302   4.786   1.00 43.67 ? 127 ARG A CG    1 
ATOM   921  C  CD    . ARG A 1 127 ? -17.453 9.118   6.287   1.00 44.87 ? 127 ARG A CD    1 
ATOM   922  N  NE    . ARG A 1 127 ? -17.405 10.372  7.024   1.00 46.18 ? 127 ARG A NE    1 
ATOM   923  C  CZ    . ARG A 1 127 ? -17.585 10.453  8.338   1.00 45.85 ? 127 ARG A CZ    1 
ATOM   924  N  NH1   . ARG A 1 127 ? -17.824 9.349   9.030   1.00 44.88 ? 127 ARG A NH1   1 
ATOM   925  N  NH2   . ARG A 1 127 ? -17.520 11.626  8.955   1.00 44.65 ? 127 ARG A NH2   1 
ATOM   926  N  N     . LEU A 1 128 ? -15.511 8.624   1.808   1.00 39.29 ? 128 LEU A N     1 
ATOM   927  C  CA    . LEU A 1 128 ? -14.590 9.555   1.155   1.00 38.49 ? 128 LEU A CA    1 
ATOM   928  C  C     . LEU A 1 128 ? -14.626 9.508   -0.371  1.00 37.67 ? 128 LEU A C     1 
ATOM   929  O  O     . LEU A 1 128 ? -14.104 10.399  -1.036  1.00 36.77 ? 128 LEU A O     1 
ATOM   930  C  CB    . LEU A 1 128 ? -13.158 9.333   1.659   1.00 39.07 ? 128 LEU A CB    1 
ATOM   931  C  CG    . LEU A 1 128 ? -12.957 9.566   3.160   1.00 40.26 ? 128 LEU A CG    1 
ATOM   932  C  CD1   . LEU A 1 128 ? -11.506 9.330   3.531   1.00 41.22 ? 128 LEU A CD1   1 
ATOM   933  C  CD2   . LEU A 1 128 ? -13.367 10.971  3.526   1.00 41.64 ? 128 LEU A CD2   1 
ATOM   934  N  N     . GLY A 1 129 ? -15.217 8.454   -0.924  1.00 36.80 ? 129 GLY A N     1 
ATOM   935  C  CA    . GLY A 1 129 ? -15.342 8.349   -2.364  1.00 36.48 ? 129 GLY A CA    1 
ATOM   936  C  C     . GLY A 1 129 ? -14.135 7.946   -3.185  1.00 37.00 ? 129 GLY A C     1 
ATOM   937  O  O     . GLY A 1 129 ? -14.091 8.232   -4.393  1.00 36.87 ? 129 GLY A O     1 
ATOM   938  N  N     . LEU A 1 130 ? -13.152 7.304   -2.558  1.00 34.87 ? 130 LEU A N     1 
ATOM   939  C  CA    . LEU A 1 130 ? -11.977 6.846   -3.293  1.00 34.10 ? 130 LEU A CA    1 
ATOM   940  C  C     . LEU A 1 130 ? -12.457 5.735   -4.208  1.00 32.76 ? 130 LEU A C     1 
ATOM   941  O  O     . LEU A 1 130 ? -13.187 4.832   -3.774  1.00 31.18 ? 130 LEU A O     1 
ATOM   942  C  CB    . LEU A 1 130 ? -10.898 6.295   -2.349  1.00 35.85 ? 130 LEU A CB    1 
ATOM   943  C  CG    . LEU A 1 130 ? -9.949  7.305   -1.689  1.00 37.46 ? 130 LEU A CG    1 
ATOM   944  C  CD1   . LEU A 1 130 ? -9.242  8.122   -2.774  1.00 40.16 ? 130 LEU A CD1   1 
ATOM   945  C  CD2   . LEU A 1 130 ? -10.721 8.228   -0.778  1.00 40.19 ? 130 LEU A CD2   1 
ATOM   946  N  N     . PRO A 1 131 ? -12.061 5.781   -5.487  1.00 30.72 ? 131 PRO A N     1 
ATOM   947  C  CA    . PRO A 1 131 ? -12.498 4.738   -6.414  1.00 30.97 ? 131 PRO A CA    1 
ATOM   948  C  C     . PRO A 1 131 ? -11.849 3.403   -6.104  1.00 30.96 ? 131 PRO A C     1 
ATOM   949  O  O     . PRO A 1 131 ? -10.661 3.347   -5.775  1.00 30.80 ? 131 PRO A O     1 
ATOM   950  C  CB    . PRO A 1 131 ? -12.060 5.284   -7.764  1.00 30.83 ? 131 PRO A CB    1 
ATOM   951  C  CG    . PRO A 1 131 ? -10.772 5.976   -7.422  1.00 30.32 ? 131 PRO A CG    1 
ATOM   952  C  CD    . PRO A 1 131 ? -11.146 6.727   -6.152  1.00 31.43 ? 131 PRO A CD    1 
ATOM   953  N  N     . LYS A 1 132 ? -12.626 2.331   -6.196  1.00 29.05 ? 132 LYS A N     1 
ATOM   954  C  CA    . LYS A 1 132 ? -12.072 1.005   -5.941  1.00 31.62 ? 132 LYS A CA    1 
ATOM   955  C  C     . LYS A 1 132 ? -11.134 0.620   -7.093  1.00 31.50 ? 132 LYS A C     1 
ATOM   956  O  O     . LYS A 1 132 ? -11.382 0.958   -8.249  1.00 29.79 ? 132 LYS A O     1 
ATOM   957  C  CB    . LYS A 1 132 ? -13.194 -0.030  -5.795  1.00 33.14 ? 132 LYS A CB    1 
ATOM   958  C  CG    . LYS A 1 132 ? -13.889 0.007   -4.425  1.00 34.16 ? 132 LYS A CG    1 
ATOM   959  C  CD    . LYS A 1 132 ? -14.781 -1.214  -4.205  1.00 35.52 ? 132 LYS A CD    1 
ATOM   960  C  CE    . LYS A 1 132 ? -15.401 -1.187  -2.826  1.00 37.74 ? 132 LYS A CE    1 
ATOM   961  N  NZ    . LYS A 1 132 ? -16.200 0.057   -2.649  1.00 40.80 ? 132 LYS A NZ    1 
ATOM   962  N  N     . PRO A 1 133 ? -10.025 -0.066  -6.784  1.00 30.73 ? 133 PRO A N     1 
ATOM   963  C  CA    . PRO A 1 133 ? -9.092  -0.463  -7.842  1.00 30.43 ? 133 PRO A CA    1 
ATOM   964  C  C     . PRO A 1 133 ? -9.586  -1.613  -8.726  1.00 30.34 ? 133 PRO A C     1 
ATOM   965  O  O     . PRO A 1 133 ? -10.334 -2.494  -8.283  1.00 28.77 ? 133 PRO A O     1 
ATOM   966  C  CB    . PRO A 1 133 ? -7.825  -0.822  -7.066  1.00 30.03 ? 133 PRO A CB    1 
ATOM   967  C  CG    . PRO A 1 133 ? -8.368  -1.359  -5.773  1.00 30.87 ? 133 PRO A CG    1 
ATOM   968  C  CD    . PRO A 1 133 ? -9.470  -0.362  -5.449  1.00 31.38 ? 133 PRO A CD    1 
ATOM   969  N  N     . ASP A 1 134 ? -9.171  -1.601  -9.985  1.00 28.78 ? 134 ASP A N     1 
ATOM   970  C  CA    . ASP A 1 134 ? -9.567  -2.648  -10.908 1.00 29.29 ? 134 ASP A CA    1 
ATOM   971  C  C     . ASP A 1 134 ? -8.795  -3.897  -10.545 1.00 28.77 ? 134 ASP A C     1 
ATOM   972  O  O     . ASP A 1 134 ? -9.298  -5.016  -10.654 1.00 28.00 ? 134 ASP A O     1 
ATOM   973  C  CB    . ASP A 1 134 ? -9.257  -2.220  -12.349 1.00 32.54 ? 134 ASP A CB    1 
ATOM   974  C  CG    . ASP A 1 134 ? -10.045 -0.981  -12.764 1.00 36.51 ? 134 ASP A CG    1 
ATOM   975  O  OD1   . ASP A 1 134 ? -11.295 -1.063  -12.757 1.00 37.03 ? 134 ASP A OD1   1 
ATOM   976  O  OD2   . ASP A 1 134 ? -9.429  0.066   -13.078 1.00 34.69 ? 134 ASP A OD2   1 
ATOM   977  N  N     . TRP A 1 135 ? -7.564  -3.691  -10.096 1.00 27.97 ? 135 TRP A N     1 
ATOM   978  C  CA    . TRP A 1 135 ? -6.688  -4.784  -9.708  1.00 29.81 ? 135 TRP A CA    1 
ATOM   979  C  C     . TRP A 1 135 ? -5.866  -4.391  -8.502  1.00 28.11 ? 135 TRP A C     1 
ATOM   980  O  O     . TRP A 1 135 ? -5.493  -3.234  -8.360  1.00 30.75 ? 135 TRP A O     1 
ATOM   981  C  CB    . TRP A 1 135 ? -5.698  -5.139  -10.830 1.00 28.52 ? 135 TRP A CB    1 
ATOM   982  C  CG    . TRP A 1 135 ? -6.266  -5.878  -12.000 1.00 30.77 ? 135 TRP A CG    1 
ATOM   983  C  CD1   . TRP A 1 135 ? -6.662  -5.343  -13.191 1.00 31.88 ? 135 TRP A CD1   1 
ATOM   984  C  CD2   . TRP A 1 135 ? -6.457  -7.293  -12.112 1.00 29.45 ? 135 TRP A CD2   1 
ATOM   985  N  NE1   . TRP A 1 135 ? -7.087  -6.338  -14.039 1.00 31.68 ? 135 TRP A NE1   1 
ATOM   986  C  CE2   . TRP A 1 135 ? -6.971  -7.545  -13.400 1.00 30.63 ? 135 TRP A CE2   1 
ATOM   987  C  CE3   . TRP A 1 135 ? -6.243  -8.373  -11.250 1.00 30.12 ? 135 TRP A CE3   1 
ATOM   988  C  CZ2   . TRP A 1 135 ? -7.276  -8.832  -13.847 1.00 30.92 ? 135 TRP A CZ2   1 
ATOM   989  C  CZ3   . TRP A 1 135 ? -6.549  -9.655  -11.695 1.00 31.95 ? 135 TRP A CZ3   1 
ATOM   990  C  CH2   . TRP A 1 135 ? -7.060  -9.872  -12.979 1.00 31.16 ? 135 TRP A CH2   1 
ATOM   991  N  N     . GLN A 1 136 ? -5.588  -5.368  -7.651  1.00 27.18 ? 136 GLN A N     1 
ATOM   992  C  CA    . GLN A 1 136 ? -4.755  -5.180  -6.474  1.00 28.60 ? 136 GLN A CA    1 
ATOM   993  C  C     . GLN A 1 136 ? -3.739  -6.328  -6.478  1.00 28.19 ? 136 GLN A C     1 
ATOM   994  O  O     . GLN A 1 136 ? -4.102  -7.490  -6.337  1.00 29.39 ? 136 GLN A O     1 
ATOM   995  C  CB    . GLN A 1 136 ? -5.595  -5.212  -5.199  1.00 27.84 ? 136 GLN A CB    1 
ATOM   996  C  CG    . GLN A 1 136 ? -6.266  -3.871  -4.875  1.00 27.33 ? 136 GLN A CG    1 
ATOM   997  C  CD    . GLN A 1 136 ? -7.338  -4.000  -3.803  1.00 28.45 ? 136 GLN A CD    1 
ATOM   998  O  OE1   . GLN A 1 136 ? -8.397  -4.578  -4.043  1.00 33.92 ? 136 GLN A OE1   1 
ATOM   999  N  NE2   . GLN A 1 136 ? -7.068  -3.469  -2.617  1.00 26.95 ? 136 GLN A NE2   1 
ATOM   1000 N  N     . VAL A 1 137 ? -2.465  -5.998  -6.664  1.00 29.07 ? 137 VAL A N     1 
ATOM   1001 C  CA    . VAL A 1 137 ? -1.415  -7.018  -6.702  1.00 27.43 ? 137 VAL A CA    1 
ATOM   1002 C  C     . VAL A 1 137 ? -0.720  -7.123  -5.358  1.00 28.87 ? 137 VAL A C     1 
ATOM   1003 O  O     . VAL A 1 137 ? -0.219  -6.127  -4.826  1.00 31.07 ? 137 VAL A O     1 
ATOM   1004 C  CB    . VAL A 1 137 ? -0.345  -6.693  -7.754  1.00 27.15 ? 137 VAL A CB    1 
ATOM   1005 C  CG1   . VAL A 1 137 ? 0.605   -7.886  -7.926  1.00 25.98 ? 137 VAL A CG1   1 
ATOM   1006 C  CG2   . VAL A 1 137 ? -1.009  -6.321  -9.070  1.00 28.89 ? 137 VAL A CG2   1 
ATOM   1007 N  N     . LEU A 1 138 ? -0.693  -8.335  -4.821  1.00 28.27 ? 138 LEU A N     1 
ATOM   1008 C  CA    . LEU A 1 138 ? -0.059  -8.605  -3.548  1.00 28.39 ? 138 LEU A CA    1 
ATOM   1009 C  C     . LEU A 1 138 ? 1.290   -9.267  -3.769  1.00 29.63 ? 138 LEU A C     1 
ATOM   1010 O  O     . LEU A 1 138 ? 1.367   -10.423 -4.189  1.00 28.05 ? 138 LEU A O     1 
ATOM   1011 C  CB    . LEU A 1 138 ? -0.926  -9.533  -2.691  1.00 25.84 ? 138 LEU A CB    1 
ATOM   1012 C  CG    . LEU A 1 138 ? -0.231  -10.019 -1.411  1.00 25.11 ? 138 LEU A CG    1 
ATOM   1013 C  CD1   . LEU A 1 138 ? 0.128   -8.815  -0.529  1.00 23.55 ? 138 LEU A CD1   1 
ATOM   1014 C  CD2   . LEU A 1 138 ? -1.129  -10.988 -0.655  1.00 26.97 ? 138 LEU A CD2   1 
ATOM   1015 N  N     . LEU A 1 139 ? 2.357   -8.527  -3.498  1.00 31.27 ? 139 LEU A N     1 
ATOM   1016 C  CA    . LEU A 1 139 ? 3.687   -9.086  -3.645  1.00 33.02 ? 139 LEU A CA    1 
ATOM   1017 C  C     . LEU A 1 139 ? 3.934   -9.821  -2.335  1.00 33.65 ? 139 LEU A C     1 
ATOM   1018 O  O     . LEU A 1 139 ? 4.355   -9.227  -1.348  1.00 34.14 ? 139 LEU A O     1 
ATOM   1019 C  CB    . LEU A 1 139 ? 4.705   -7.967  -3.849  1.00 34.50 ? 139 LEU A CB    1 
ATOM   1020 C  CG    . LEU A 1 139 ? 6.167   -8.371  -4.013  1.00 36.64 ? 139 LEU A CG    1 
ATOM   1021 C  CD1   . LEU A 1 139 ? 6.322   -9.390  -5.127  1.00 38.47 ? 139 LEU A CD1   1 
ATOM   1022 C  CD2   . LEU A 1 139 ? 6.985   -7.123  -4.312  1.00 39.46 ? 139 LEU A CD2   1 
ATOM   1023 N  N     . ALA A 1 140 ? 3.623   -11.113 -2.324  1.00 34.90 ? 140 ALA A N     1 
ATOM   1024 C  CA    . ALA A 1 140 ? 3.787   -11.933 -1.131  1.00 38.20 ? 140 ALA A CA    1 
ATOM   1025 C  C     . ALA A 1 140 ? 5.242   -12.331 -0.958  1.00 40.05 ? 140 ALA A C     1 
ATOM   1026 O  O     . ALA A 1 140 ? 5.887   -12.768 -1.910  1.00 41.77 ? 140 ALA A O     1 
ATOM   1027 C  CB    . ALA A 1 140 ? 2.914   -13.170 -1.224  1.00 36.25 ? 140 ALA A CB    1 
ATOM   1028 N  N     . VAL A 1 141 ? 5.750   -12.173 0.259   1.00 40.99 ? 141 VAL A N     1 
ATOM   1029 C  CA    . VAL A 1 141 ? 7.138   -12.496 0.573   1.00 42.94 ? 141 VAL A CA    1 
ATOM   1030 C  C     . VAL A 1 141 ? 7.257   -12.927 2.028   1.00 43.98 ? 141 VAL A C     1 
ATOM   1031 O  O     . VAL A 1 141 ? 6.444   -12.541 2.861   1.00 45.15 ? 141 VAL A O     1 
ATOM   1032 C  CB    . VAL A 1 141 ? 8.053   -11.268 0.377   1.00 43.11 ? 141 VAL A CB    1 
ATOM   1033 C  CG1   . VAL A 1 141 ? 8.081   -10.858 -1.086  1.00 42.55 ? 141 VAL A CG1   1 
ATOM   1034 C  CG2   . VAL A 1 141 ? 7.551   -10.117 1.244   1.00 43.78 ? 141 VAL A CG2   1 
ATOM   1035 N  N     . SER A 1 142 ? 8.272   -13.722 2.339   1.00 44.98 ? 142 SER A N     1 
ATOM   1036 C  CA    . SER A 1 142 ? 8.468   -14.156 3.714   1.00 46.67 ? 142 SER A CA    1 
ATOM   1037 C  C     . SER A 1 142 ? 8.724   -12.914 4.569   1.00 46.26 ? 142 SER A C     1 
ATOM   1038 O  O     . SER A 1 142 ? 9.423   -11.993 4.141   1.00 46.81 ? 142 SER A O     1 
ATOM   1039 C  CB    . SER A 1 142 ? 9.665   -15.104 3.805   1.00 46.79 ? 142 SER A CB    1 
ATOM   1040 O  OG    . SER A 1 142 ? 10.826  -14.493 3.264   1.00 50.21 ? 142 SER A OG    1 
ATOM   1041 N  N     . ALA A 1 143 ? 8.150   -12.885 5.766   1.00 45.81 ? 143 ALA A N     1 
ATOM   1042 C  CA    . ALA A 1 143 ? 8.334   -11.753 6.670   1.00 45.77 ? 143 ALA A CA    1 
ATOM   1043 C  C     . ALA A 1 143 ? 9.819   -11.547 6.965   1.00 45.01 ? 143 ALA A C     1 
ATOM   1044 O  O     . ALA A 1 143 ? 10.291  -10.417 7.099   1.00 43.92 ? 143 ALA A O     1 
ATOM   1045 C  CB    . ALA A 1 143 ? 7.571   -11.995 7.971   1.00 46.41 ? 143 ALA A CB    1 
ATOM   1046 N  N     . GLU A 1 144 ? 10.548  -12.654 7.057   1.00 44.65 ? 144 GLU A N     1 
ATOM   1047 C  CA    . GLU A 1 144 ? 11.976  -12.618 7.340   1.00 43.20 ? 144 GLU A CA    1 
ATOM   1048 C  C     . GLU A 1 144 ? 12.753  -11.926 6.221   1.00 41.67 ? 144 GLU A C     1 
ATOM   1049 O  O     . GLU A 1 144 ? 13.568  -11.043 6.481   1.00 41.42 ? 144 GLU A O     1 
ATOM   1050 C  CB    . GLU A 1 144 ? 12.496  -14.037 7.549   1.00 44.60 ? 144 GLU A CB    1 
ATOM   1051 N  N     . LEU A 1 145 ? 12.491  -12.318 4.978   1.00 40.10 ? 145 LEU A N     1 
ATOM   1052 C  CA    . LEU A 1 145 ? 13.177  -11.724 3.839   1.00 38.34 ? 145 LEU A CA    1 
ATOM   1053 C  C     . LEU A 1 145 ? 12.840  -10.245 3.681   1.00 38.52 ? 145 LEU A C     1 
ATOM   1054 O  O     . LEU A 1 145 ? 13.698  -9.436  3.317   1.00 37.41 ? 145 LEU A O     1 
ATOM   1055 C  CB    . LEU A 1 145 ? 12.821  -12.474 2.573   1.00 39.69 ? 145 LEU A CB    1 
ATOM   1056 N  N     . ALA A 1 146 ? 11.588  -9.889  3.951   1.00 36.67 ? 146 ALA A N     1 
ATOM   1057 C  CA    . ALA A 1 146 ? 11.159  -8.501  3.837   1.00 35.21 ? 146 ALA A CA    1 
ATOM   1058 C  C     . ALA A 1 146 ? 11.868  -7.649  4.880   1.00 34.52 ? 146 ALA A C     1 
ATOM   1059 O  O     . ALA A 1 146 ? 12.401  -6.584  4.567   1.00 36.36 ? 146 ALA A O     1 
ATOM   1060 C  CB    . ALA A 1 146 ? 9.649   -8.398  4.018   1.00 34.45 ? 146 ALA A CB    1 
ATOM   1061 N  N     . GLY A 1 147 ? 11.867  -8.124  6.119   1.00 33.44 ? 147 GLY A N     1 
ATOM   1062 C  CA    . GLY A 1 147 ? 12.512  -7.394  7.193   1.00 34.45 ? 147 GLY A CA    1 
ATOM   1063 C  C     . GLY A 1 147 ? 13.995  -7.231  6.924   1.00 35.17 ? 147 GLY A C     1 
ATOM   1064 O  O     . GLY A 1 147 ? 14.599  -6.226  7.293   1.00 33.82 ? 147 GLY A O     1 
ATOM   1065 N  N     . GLU A 1 148 ? 14.580  -8.221  6.263   1.00 36.54 ? 148 GLU A N     1 
ATOM   1066 C  CA    . GLU A 1 148 ? 15.999  -8.176  5.940   1.00 39.03 ? 148 GLU A CA    1 
ATOM   1067 C  C     . GLU A 1 148 ? 16.269  -7.027  4.952   1.00 38.74 ? 148 GLU A C     1 
ATOM   1068 O  O     . GLU A 1 148 ? 17.264  -6.312  5.075   1.00 37.81 ? 148 GLU A O     1 
ATOM   1069 C  CB    . GLU A 1 148 ? 16.427  -9.519  5.351   1.00 43.79 ? 148 GLU A CB    1 
ATOM   1070 C  CG    . GLU A 1 148 ? 17.919  -9.748  5.367   1.00 51.53 ? 148 GLU A CG    1 
ATOM   1071 C  CD    . GLU A 1 148 ? 18.673  -8.660  4.628   1.00 56.14 ? 148 GLU A CD    1 
ATOM   1072 O  OE1   . GLU A 1 148 ? 18.325  -8.402  3.451   1.00 58.13 ? 148 GLU A OE1   1 
ATOM   1073 O  OE2   . GLU A 1 148 ? 19.608  -8.064  5.221   1.00 58.96 ? 148 GLU A OE2   1 
ATOM   1074 N  N     . ARG A 1 149 ? 15.378  -6.842  3.980   1.00 37.04 ? 149 ARG A N     1 
ATOM   1075 C  CA    . ARG A 1 149 ? 15.538  -5.761  3.014   1.00 34.56 ? 149 ARG A CA    1 
ATOM   1076 C  C     . ARG A 1 149 ? 15.336  -4.401  3.685   1.00 33.63 ? 149 ARG A C     1 
ATOM   1077 O  O     . ARG A 1 149 ? 15.992  -3.424  3.326   1.00 32.68 ? 149 ARG A O     1 
ATOM   1078 C  CB    . ARG A 1 149 ? 14.539  -5.904  1.866   1.00 37.28 ? 149 ARG A CB    1 
ATOM   1079 C  CG    . ARG A 1 149 ? 14.715  -4.847  0.781   1.00 40.62 ? 149 ARG A CG    1 
ATOM   1080 C  CD    . ARG A 1 149 ? 13.528  -4.799  -0.166  1.00 45.52 ? 149 ARG A CD    1 
ATOM   1081 N  NE    . ARG A 1 149 ? 13.221  -6.097  -0.766  1.00 48.28 ? 149 ARG A NE    1 
ATOM   1082 C  CZ    . ARG A 1 149 ? 13.581  -6.463  -1.991  1.00 49.03 ? 149 ARG A CZ    1 
ATOM   1083 N  NH1   . ARG A 1 149 ? 14.266  -5.624  -2.757  1.00 49.83 ? 149 ARG A NH1   1 
ATOM   1084 N  NH2   . ARG A 1 149 ? 13.245  -7.663  -2.451  1.00 48.65 ? 149 ARG A NH2   1 
ATOM   1085 N  N     . SER A 1 150 ? 14.416  -4.334  4.648   1.00 32.51 ? 150 SER A N     1 
ATOM   1086 C  CA    . SER A 1 150 ? 14.148  -3.087  5.367   1.00 32.03 ? 150 SER A CA    1 
ATOM   1087 C  C     . SER A 1 150 ? 15.347  -2.690  6.226   1.00 30.29 ? 150 SER A C     1 
ATOM   1088 O  O     . SER A 1 150 ? 15.693  -1.515  6.318   1.00 30.54 ? 150 SER A O     1 
ATOM   1089 C  CB    . SER A 1 150 ? 12.906  -3.230  6.263   1.00 34.05 ? 150 SER A CB    1 
ATOM   1090 O  OG    . SER A 1 150 ? 11.739  -3.480  5.492   1.00 38.31 ? 150 SER A OG    1 
ATOM   1091 N  N     . ARG A 1 151 ? 15.976  -3.674  6.860   1.00 29.59 ? 151 ARG A N     1 
ATOM   1092 C  CA    . ARG A 1 151 ? 17.136  -3.401  7.698   1.00 31.17 ? 151 ARG A CA    1 
ATOM   1093 C  C     . ARG A 1 151 ? 18.332  -2.977  6.839   1.00 32.60 ? 151 ARG A C     1 
ATOM   1094 O  O     . ARG A 1 151 ? 19.095  -2.087  7.217   1.00 30.88 ? 151 ARG A O     1 
ATOM   1095 C  CB    . ARG A 1 151 ? 17.498  -4.629  8.532   1.00 31.96 ? 151 ARG A CB    1 
ATOM   1096 C  CG    . ARG A 1 151 ? 16.453  -4.984  9.593   1.00 34.64 ? 151 ARG A CG    1 
ATOM   1097 C  CD    . ARG A 1 151 ? 16.916  -6.139  10.485  1.00 35.40 ? 151 ARG A CD    1 
ATOM   1098 N  NE    . ARG A 1 151 ? 15.931  -6.472  11.517  1.00 38.92 ? 151 ARG A NE    1 
ATOM   1099 C  CZ    . ARG A 1 151 ? 16.196  -7.195  12.605  1.00 39.88 ? 151 ARG A CZ    1 
ATOM   1100 N  NH1   . ARG A 1 151 ? 17.424  -7.666  12.813  1.00 40.65 ? 151 ARG A NH1   1 
ATOM   1101 N  NH2   . ARG A 1 151 ? 15.233  -7.448  13.490  1.00 37.18 ? 151 ARG A NH2   1 
ATOM   1102 N  N     . GLY A 1 152 ? 18.486  -3.607  5.681   1.00 30.92 ? 152 GLY A N     1 
ATOM   1103 C  CA    . GLY A 1 152 ? 19.589  -3.248  4.812   1.00 31.53 ? 152 GLY A CA    1 
ATOM   1104 C  C     . GLY A 1 152 ? 19.413  -1.852  4.235   1.00 32.72 ? 152 GLY A C     1 
ATOM   1105 O  O     . GLY A 1 152 ? 20.376  -1.105  4.073   1.00 29.97 ? 152 GLY A O     1 
ATOM   1106 N  N     . ARG A 1 153 ? 18.171  -1.494  3.927   1.00 32.70 ? 153 ARG A N     1 
ATOM   1107 C  CA    . ARG A 1 153 ? 17.883  -0.189  3.360   1.00 33.38 ? 153 ARG A CA    1 
ATOM   1108 C  C     . ARG A 1 153 ? 18.283  0.898   4.359   1.00 33.13 ? 153 ARG A C     1 
ATOM   1109 O  O     . ARG A 1 153 ? 18.828  1.933   3.981   1.00 31.28 ? 153 ARG A O     1 
ATOM   1110 C  CB    . ARG A 1 153 ? 16.390  -0.095  3.026   1.00 33.78 ? 153 ARG A CB    1 
ATOM   1111 C  CG    . ARG A 1 153 ? 16.036  0.995   2.038   1.00 37.53 ? 153 ARG A CG    1 
ATOM   1112 C  CD    . ARG A 1 153 ? 15.141  0.454   0.914   1.00 40.68 ? 153 ARG A CD    1 
ATOM   1113 N  NE    . ARG A 1 153 ? 13.861  -0.042  1.412   1.00 41.58 ? 153 ARG A NE    1 
ATOM   1114 C  CZ    . ARG A 1 153 ? 12.988  -0.744  0.690   1.00 40.75 ? 153 ARG A CZ    1 
ATOM   1115 N  NH1   . ARG A 1 153 ? 13.240  -1.046  -0.575  1.00 43.17 ? 153 ARG A NH1   1 
ATOM   1116 N  NH2   . ARG A 1 153 ? 11.862  -1.156  1.246   1.00 40.88 ? 153 ARG A NH2   1 
ATOM   1117 N  N     . ALA A 1 154 ? 18.024  0.643   5.639   1.00 33.00 ? 154 ALA A N     1 
ATOM   1118 C  CA    . ALA A 1 154 ? 18.352  1.596   6.697   1.00 34.12 ? 154 ALA A CA    1 
ATOM   1119 C  C     . ALA A 1 154 ? 19.861  1.737   6.915   1.00 34.38 ? 154 ALA A C     1 
ATOM   1120 O  O     . ALA A 1 154 ? 20.348  2.827   7.202   1.00 35.72 ? 154 ALA A O     1 
ATOM   1121 C  CB    . ALA A 1 154 ? 17.670  1.182   8.008   1.00 31.86 ? 154 ALA A CB    1 
ATOM   1122 N  N     . GLN A 1 155 ? 20.591  0.632   6.797   1.00 36.29 ? 155 GLN A N     1 
ATOM   1123 C  CA    . GLN A 1 155 ? 22.044  0.649   6.971   1.00 38.21 ? 155 GLN A CA    1 
ATOM   1124 C  C     . GLN A 1 155 ? 22.767  1.471   5.907   1.00 40.62 ? 155 GLN A C     1 
ATOM   1125 O  O     . GLN A 1 155 ? 23.758  2.142   6.202   1.00 39.92 ? 155 GLN A O     1 
ATOM   1126 C  CB    . GLN A 1 155 ? 22.614  -0.770  6.927   1.00 38.84 ? 155 GLN A CB    1 
ATOM   1127 C  CG    . GLN A 1 155 ? 22.501  -1.556  8.217   1.00 41.37 ? 155 GLN A CG    1 
ATOM   1128 C  CD    . GLN A 1 155 ? 23.059  -0.799  9.409   1.00 41.84 ? 155 GLN A CD    1 
ATOM   1129 O  OE1   . GLN A 1 155 ? 22.323  -0.102  10.112  1.00 41.33 ? 155 GLN A OE1   1 
ATOM   1130 N  NE2   . GLN A 1 155 ? 24.366  -0.917  9.634   1.00 41.85 ? 155 GLN A NE2   1 
ATOM   1131 N  N     . ARG A 1 156 ? 22.278  1.406   4.671   1.00 42.28 ? 156 ARG A N     1 
ATOM   1132 C  CA    . ARG A 1 156 ? 22.910  2.118   3.567   1.00 45.91 ? 156 ARG A CA    1 
ATOM   1133 C  C     . ARG A 1 156 ? 22.293  3.465   3.189   1.00 46.76 ? 156 ARG A C     1 
ATOM   1134 O  O     . ARG A 1 156 ? 22.749  4.105   2.240   1.00 47.35 ? 156 ARG A O     1 
ATOM   1135 C  CB    . ARG A 1 156 ? 22.955  1.215   2.328   1.00 47.09 ? 156 ARG A CB    1 
ATOM   1136 C  CG    . ARG A 1 156 ? 21.595  0.961   1.680   1.00 52.59 ? 156 ARG A CG    1 
ATOM   1137 C  CD    . ARG A 1 156 ? 21.729  0.152   0.381   1.00 54.28 ? 156 ARG A CD    1 
ATOM   1138 N  NE    . ARG A 1 156 ? 20.471  0.042   -0.362  1.00 53.95 ? 156 ARG A NE    1 
ATOM   1139 C  CZ    . ARG A 1 156 ? 19.613  -0.967  -0.257  1.00 52.41 ? 156 ARG A CZ    1 
ATOM   1140 N  NH1   . ARG A 1 156 ? 19.863  -1.979  0.564   1.00 51.80 ? 156 ARG A NH1   1 
ATOM   1141 N  NH2   . ARG A 1 156 ? 18.508  -0.967  -0.988  1.00 52.95 ? 156 ARG A NH2   1 
ATOM   1142 N  N     . ASP A 1 157 ? 21.266  3.900   3.914   1.00 47.81 ? 157 ASP A N     1 
ATOM   1143 C  CA    . ASP A 1 157 ? 20.630  5.186   3.617   1.00 49.03 ? 157 ASP A CA    1 
ATOM   1144 C  C     . ASP A 1 157 ? 20.146  5.885   4.889   1.00 49.10 ? 157 ASP A C     1 
ATOM   1145 O  O     . ASP A 1 157 ? 19.110  5.524   5.443   1.00 48.53 ? 157 ASP A O     1 
ATOM   1146 C  CB    . ASP A 1 157 ? 19.446  4.996   2.664   1.00 50.65 ? 157 ASP A CB    1 
ATOM   1147 C  CG    . ASP A 1 157 ? 18.942  6.317   2.086   1.00 52.92 ? 157 ASP A CG    1 
ATOM   1148 O  OD1   . ASP A 1 157 ? 18.761  7.284   2.859   1.00 54.10 ? 157 ASP A OD1   1 
ATOM   1149 O  OD2   . ASP A 1 157 ? 18.723  6.388   0.854   1.00 53.97 ? 157 ASP A OD2   1 
ATOM   1150 N  N     . PRO A 1 158 ? 20.875  6.924   5.340   1.00 49.80 ? 158 PRO A N     1 
ATOM   1151 C  CA    . PRO A 1 158 ? 20.549  7.698   6.549   1.00 49.31 ? 158 PRO A CA    1 
ATOM   1152 C  C     . PRO A 1 158 ? 19.141  8.289   6.589   1.00 48.27 ? 158 PRO A C     1 
ATOM   1153 O  O     . PRO A 1 158 ? 18.559  8.445   7.660   1.00 48.06 ? 158 PRO A O     1 
ATOM   1154 C  CB    . PRO A 1 158 ? 21.632  8.776   6.569   1.00 49.58 ? 158 PRO A CB    1 
ATOM   1155 C  CG    . PRO A 1 158 ? 21.887  9.004   5.119   1.00 50.12 ? 158 PRO A CG    1 
ATOM   1156 C  CD    . PRO A 1 158 ? 21.948  7.591   4.580   1.00 49.93 ? 158 PRO A CD    1 
ATOM   1157 N  N     . GLY A 1 159 ? 18.597  8.627   5.426   1.00 47.69 ? 159 GLY A N     1 
ATOM   1158 C  CA    . GLY A 1 159 ? 17.257  9.185   5.390   1.00 45.57 ? 159 GLY A CA    1 
ATOM   1159 C  C     . GLY A 1 159 ? 16.215  8.096   5.205   1.00 45.34 ? 159 GLY A C     1 
ATOM   1160 O  O     . GLY A 1 159 ? 15.069  8.378   4.848   1.00 44.11 ? 159 GLY A O     1 
ATOM   1161 N  N     . ARG A 1 160 ? 16.611  6.851   5.456   1.00 43.67 ? 160 ARG A N     1 
ATOM   1162 C  CA    . ARG A 1 160 ? 15.705  5.720   5.292   1.00 43.32 ? 160 ARG A CA    1 
ATOM   1163 C  C     . ARG A 1 160 ? 15.669  4.818   6.532   1.00 39.68 ? 160 ARG A C     1 
ATOM   1164 O  O     . ARG A 1 160 ? 15.499  3.603   6.424   1.00 37.23 ? 160 ARG A O     1 
ATOM   1165 C  CB    . ARG A 1 160 ? 16.124  4.904   4.058   1.00 48.36 ? 160 ARG A CB    1 
ATOM   1166 C  CG    . ARG A 1 160 ? 15.055  3.957   3.522   1.00 55.11 ? 160 ARG A CG    1 
ATOM   1167 C  CD    . ARG A 1 160 ? 13.910  4.711   2.831   1.00 60.68 ? 160 ARG A CD    1 
ATOM   1168 N  NE    . ARG A 1 160 ? 12.827  3.808   2.436   1.00 64.62 ? 160 ARG A NE    1 
ATOM   1169 C  CZ    . ARG A 1 160 ? 11.750  4.176   1.745   1.00 66.83 ? 160 ARG A CZ    1 
ATOM   1170 N  NH1   . ARG A 1 160 ? 11.601  5.438   1.363   1.00 67.39 ? 160 ARG A NH1   1 
ATOM   1171 N  NH2   . ARG A 1 160 ? 10.814  3.280   1.441   1.00 66.87 ? 160 ARG A NH2   1 
ATOM   1172 N  N     . ALA A 1 161 ? 15.826  5.409   7.711   1.00 36.76 ? 161 ALA A N     1 
ATOM   1173 C  CA    . ALA A 1 161 ? 15.791  4.619   8.935   1.00 34.11 ? 161 ALA A CA    1 
ATOM   1174 C  C     . ALA A 1 161 ? 14.418  3.973   9.041   1.00 32.91 ? 161 ALA A C     1 
ATOM   1175 O  O     . ALA A 1 161 ? 13.418  4.549   8.609   1.00 31.81 ? 161 ALA A O     1 
ATOM   1176 C  CB    . ALA A 1 161 ? 16.048  5.505   10.148  1.00 35.08 ? 161 ALA A CB    1 
ATOM   1177 N  N     . ARG A 1 162 ? 14.366  2.775   9.605   1.00 29.91 ? 162 ARG A N     1 
ATOM   1178 C  CA    . ARG A 1 162 ? 13.093  2.098   9.757   1.00 29.61 ? 162 ARG A CA    1 
ATOM   1179 C  C     . ARG A 1 162 ? 12.178  2.904   10.675  1.00 30.80 ? 162 ARG A C     1 
ATOM   1180 O  O     . ARG A 1 162 ? 12.643  3.670   11.513  1.00 31.66 ? 162 ARG A O     1 
ATOM   1181 C  CB    . ARG A 1 162 ? 13.299  0.688   10.325  1.00 28.16 ? 162 ARG A CB    1 
ATOM   1182 C  CG    . ARG A 1 162 ? 13.872  -0.308  9.335   1.00 26.49 ? 162 ARG A CG    1 
ATOM   1183 C  CD    . ARG A 1 162 ? 14.016  -1.674  9.980   1.00 29.91 ? 162 ARG A CD    1 
ATOM   1184 N  NE    . ARG A 1 162 ? 14.981  -1.620  11.075  1.00 30.42 ? 162 ARG A NE    1 
ATOM   1185 C  CZ    . ARG A 1 162 ? 15.070  -2.513  12.054  1.00 30.77 ? 162 ARG A CZ    1 
ATOM   1186 N  NH1   . ARG A 1 162 ? 14.245  -3.551  12.090  1.00 29.30 ? 162 ARG A NH1   1 
ATOM   1187 N  NH2   . ARG A 1 162 ? 15.979  -2.351  13.008  1.00 32.17 ? 162 ARG A NH2   1 
ATOM   1188 N  N     . ASP A 1 163 ? 10.870  2.766   10.488  1.00 32.73 ? 163 ASP A N     1 
ATOM   1189 C  CA    . ASP A 1 163 ? 9.929   3.462   11.354  1.00 33.68 ? 163 ASP A CA    1 
ATOM   1190 C  C     . ASP A 1 163 ? 9.363   2.426   12.318  1.00 33.03 ? 163 ASP A C     1 
ATOM   1191 O  O     . ASP A 1 163 ? 9.702   1.244   12.226  1.00 33.60 ? 163 ASP A O     1 
ATOM   1192 C  CB    . ASP A 1 163 ? 8.809   4.135   10.537  1.00 36.72 ? 163 ASP A CB    1 
ATOM   1193 C  CG    . ASP A 1 163 ? 8.061   3.167   9.623   1.00 38.06 ? 163 ASP A CG    1 
ATOM   1194 O  OD1   . ASP A 1 163 ? 7.698   2.058   10.074  1.00 34.93 ? 163 ASP A OD1   1 
ATOM   1195 O  OD2   . ASP A 1 163 ? 7.814   3.537   8.446   1.00 42.39 ? 163 ASP A OD2   1 
ATOM   1196 N  N     . ASN A 1 164 ? 8.523   2.867   13.245  1.00 33.17 ? 164 ASN A N     1 
ATOM   1197 C  CA    . ASN A 1 164 ? 7.916   1.982   14.240  1.00 33.87 ? 164 ASN A CA    1 
ATOM   1198 C  C     . ASN A 1 164 ? 7.362   0.665   13.707  1.00 32.61 ? 164 ASN A C     1 
ATOM   1199 O  O     . ASN A 1 164 ? 7.657   -0.403  14.248  1.00 32.80 ? 164 ASN A O     1 
ATOM   1200 C  CB    . ASN A 1 164 ? 6.779   2.709   14.959  1.00 38.35 ? 164 ASN A CB    1 
ATOM   1201 C  CG    . ASN A 1 164 ? 7.262   3.574   16.091  1.00 44.23 ? 164 ASN A CG    1 
ATOM   1202 O  OD1   . ASN A 1 164 ? 7.884   4.624   15.884  1.00 48.50 ? 164 ASN A OD1   1 
ATOM   1203 N  ND2   . ASN A 1 164 ? 6.977   3.136   17.314  1.00 47.68 ? 164 ASN A ND2   1 
ATOM   1204 N  N     . TYR A 1 165 ? 6.550   0.739   12.659  1.00 30.53 ? 165 TYR A N     1 
ATOM   1205 C  CA    . TYR A 1 165 ? 5.943   -0.457  12.085  1.00 29.72 ? 165 TYR A CA    1 
ATOM   1206 C  C     . TYR A 1 165 ? 6.986   -1.432  11.549  1.00 29.46 ? 165 TYR A C     1 
ATOM   1207 O  O     . TYR A 1 165 ? 6.853   -2.643  11.703  1.00 28.84 ? 165 TYR A O     1 
ATOM   1208 C  CB    . TYR A 1 165 ? 4.982   -0.081  10.948  1.00 31.37 ? 165 TYR A CB    1 
ATOM   1209 C  CG    . TYR A 1 165 ? 3.703   0.647   11.352  1.00 31.31 ? 165 TYR A CG    1 
ATOM   1210 C  CD1   . TYR A 1 165 ? 3.404   0.931   12.690  1.00 29.83 ? 165 TYR A CD1   1 
ATOM   1211 C  CD2   . TYR A 1 165 ? 2.781   1.033   10.377  1.00 30.91 ? 165 TYR A CD2   1 
ATOM   1212 C  CE1   . TYR A 1 165 ? 2.206   1.588   13.038  1.00 27.80 ? 165 TYR A CE1   1 
ATOM   1213 C  CE2   . TYR A 1 165 ? 1.592   1.678   10.713  1.00 27.91 ? 165 TYR A CE2   1 
ATOM   1214 C  CZ    . TYR A 1 165 ? 1.310   1.954   12.034  1.00 28.42 ? 165 TYR A CZ    1 
ATOM   1215 O  OH    . TYR A 1 165 ? 0.127   2.601   12.323  1.00 22.30 ? 165 TYR A OH    1 
ATOM   1216 N  N     . GLU A 1 166 ? 8.024   -0.896  10.917  1.00 29.64 ? 166 GLU A N     1 
ATOM   1217 C  CA    . GLU A 1 166 ? 9.087   -1.717  10.342  1.00 31.70 ? 166 GLU A CA    1 
ATOM   1218 C  C     . GLU A 1 166 ? 9.963   -2.408  11.386  1.00 32.63 ? 166 GLU A C     1 
ATOM   1219 O  O     . GLU A 1 166 ? 10.590  -3.431  11.093  1.00 33.85 ? 166 GLU A O     1 
ATOM   1220 C  CB    . GLU A 1 166 ? 9.939   -0.854  9.399   1.00 30.77 ? 166 GLU A CB    1 
ATOM   1221 C  CG    . GLU A 1 166 ? 9.103   -0.313  8.241   1.00 32.96 ? 166 GLU A CG    1 
ATOM   1222 C  CD    . GLU A 1 166 ? 9.777   0.789   7.434   1.00 34.43 ? 166 GLU A CD    1 
ATOM   1223 O  OE1   . GLU A 1 166 ? 10.488  1.637   8.024   1.00 35.28 ? 166 GLU A OE1   1 
ATOM   1224 O  OE2   . GLU A 1 166 ? 9.564   0.819   6.203   1.00 34.57 ? 166 GLU A OE2   1 
ATOM   1225 N  N     . ARG A 1 167 ? 10.006  -1.864  12.600  1.00 32.74 ? 167 ARG A N     1 
ATOM   1226 C  CA    . ARG A 1 167 ? 10.812  -2.455  13.669  1.00 33.51 ? 167 ARG A CA    1 
ATOM   1227 C  C     . ARG A 1 167 ? 10.051  -3.541  14.415  1.00 36.75 ? 167 ARG A C     1 
ATOM   1228 O  O     . ARG A 1 167 ? 10.635  -4.284  15.214  1.00 37.65 ? 167 ARG A O     1 
ATOM   1229 C  CB    . ARG A 1 167 ? 11.241  -1.388  14.668  1.00 34.68 ? 167 ARG A CB    1 
ATOM   1230 C  CG    . ARG A 1 167 ? 12.027  -0.257  14.061  1.00 33.27 ? 167 ARG A CG    1 
ATOM   1231 C  CD    . ARG A 1 167 ? 12.156  0.905   15.034  1.00 34.14 ? 167 ARG A CD    1 
ATOM   1232 N  NE    . ARG A 1 167 ? 12.871  2.004   14.407  1.00 33.08 ? 167 ARG A NE    1 
ATOM   1233 C  CZ    . ARG A 1 167 ? 14.141  1.932   14.027  1.00 32.52 ? 167 ARG A CZ    1 
ATOM   1234 N  NH1   . ARG A 1 167 ? 14.821  0.807   14.232  1.00 30.98 ? 167 ARG A NH1   1 
ATOM   1235 N  NH2   . ARG A 1 167 ? 14.719  2.969   13.426  1.00 28.10 ? 167 ARG A NH2   1 
ATOM   1236 N  N     . ASP A 1 168 ? 8.748   -3.630  14.165  1.00 37.38 ? 168 ASP A N     1 
ATOM   1237 C  CA    . ASP A 1 168 ? 7.921   -4.635  14.830  1.00 38.34 ? 168 ASP A CA    1 
ATOM   1238 C  C     . ASP A 1 168 ? 7.789   -5.871  13.939  1.00 37.81 ? 168 ASP A C     1 
ATOM   1239 O  O     . ASP A 1 168 ? 6.890   -5.942  13.102  1.00 36.04 ? 168 ASP A O     1 
ATOM   1240 C  CB    . ASP A 1 168 ? 6.528   -4.058  15.115  1.00 39.49 ? 168 ASP A CB    1 
ATOM   1241 C  CG    . ASP A 1 168 ? 5.731   -4.911  16.084  1.00 42.65 ? 168 ASP A CG    1 
ATOM   1242 O  OD1   . ASP A 1 168 ? 5.979   -6.139  16.144  1.00 41.06 ? 168 ASP A OD1   1 
ATOM   1243 O  OD2   . ASP A 1 168 ? 4.849   -4.351  16.780  1.00 43.30 ? 168 ASP A OD2   1 
ATOM   1244 N  N     . ALA A 1 169 ? 8.684   -6.843  14.121  1.00 36.84 ? 169 ALA A N     1 
ATOM   1245 C  CA    . ALA A 1 169 ? 8.655   -8.061  13.313  1.00 37.24 ? 169 ALA A CA    1 
ATOM   1246 C  C     . ALA A 1 169 ? 7.322   -8.790  13.430  1.00 36.87 ? 169 ALA A C     1 
ATOM   1247 O  O     . ALA A 1 169 ? 6.822   -9.338  12.452  1.00 37.45 ? 169 ALA A O     1 
ATOM   1248 C  CB    . ALA A 1 169 ? 9.796   -8.998  13.718  1.00 37.26 ? 169 ALA A CB    1 
ATOM   1249 N  N     . GLU A 1 170 ? 6.740   -8.803  14.622  1.00 36.77 ? 170 GLU A N     1 
ATOM   1250 C  CA    . GLU A 1 170 ? 5.468   -9.486  14.799  1.00 37.09 ? 170 GLU A CA    1 
ATOM   1251 C  C     . GLU A 1 170 ? 4.359   -8.800  14.010  1.00 34.89 ? 170 GLU A C     1 
ATOM   1252 O  O     . GLU A 1 170 ? 3.507   -9.461  13.415  1.00 33.69 ? 170 GLU A O     1 
ATOM   1253 C  CB    . GLU A 1 170 ? 5.084   -9.532  16.278  1.00 41.23 ? 170 GLU A CB    1 
ATOM   1254 C  CG    . GLU A 1 170 ? 6.044   -10.309 17.170  1.00 44.96 ? 170 GLU A CG    1 
ATOM   1255 C  CD    . GLU A 1 170 ? 7.350   -9.570  17.441  1.00 48.10 ? 170 GLU A CD    1 
ATOM   1256 O  OE1   . GLU A 1 170 ? 7.341   -8.318  17.527  1.00 48.37 ? 170 GLU A OE1   1 
ATOM   1257 O  OE2   . GLU A 1 170 ? 8.387   -10.254 17.597  1.00 50.37 ? 170 GLU A OE2   1 
ATOM   1258 N  N     . LEU A 1 171 ? 4.354   -7.473  14.019  1.00 32.59 ? 171 LEU A N     1 
ATOM   1259 C  CA    . LEU A 1 171 ? 3.328   -6.742  13.274  1.00 31.62 ? 171 LEU A CA    1 
ATOM   1260 C  C     . LEU A 1 171 ? 3.457   -7.052  11.784  1.00 29.45 ? 171 LEU A C     1 
ATOM   1261 O  O     . LEU A 1 171 ? 2.459   -7.235  11.091  1.00 27.21 ? 171 LEU A O     1 
ATOM   1262 C  CB    . LEU A 1 171 ? 3.463   -5.233  13.503  1.00 29.71 ? 171 LEU A CB    1 
ATOM   1263 C  CG    . LEU A 1 171 ? 2.512   -4.347  12.689  1.00 30.86 ? 171 LEU A CG    1 
ATOM   1264 C  CD1   . LEU A 1 171 ? 1.068   -4.673  13.055  1.00 31.37 ? 171 LEU A CD1   1 
ATOM   1265 C  CD2   . LEU A 1 171 ? 2.799   -2.880  12.985  1.00 29.70 ? 171 LEU A CD2   1 
ATOM   1266 N  N     . GLN A 1 172 ? 4.691   -7.122  11.294  1.00 30.52 ? 172 GLN A N     1 
ATOM   1267 C  CA    . GLN A 1 172 ? 4.916   -7.401  9.876   1.00 30.88 ? 172 GLN A CA    1 
ATOM   1268 C  C     . GLN A 1 172 ? 4.394   -8.783  9.476   1.00 31.60 ? 172 GLN A C     1 
ATOM   1269 O  O     . GLN A 1 172 ? 3.882   -8.949  8.376   1.00 32.16 ? 172 GLN A O     1 
ATOM   1270 C  CB    . GLN A 1 172 ? 6.415   -7.291  9.521   1.00 30.27 ? 172 GLN A CB    1 
ATOM   1271 C  CG    . GLN A 1 172 ? 7.024   -5.886  9.651   1.00 30.49 ? 172 GLN A CG    1 
ATOM   1272 C  CD    . GLN A 1 172 ? 6.398   -4.857  8.709   1.00 33.57 ? 172 GLN A CD    1 
ATOM   1273 O  OE1   . GLN A 1 172 ? 6.014   -5.179  7.581   1.00 33.88 ? 172 GLN A OE1   1 
ATOM   1274 N  NE2   . GLN A 1 172 ? 6.317   -3.608  9.163   1.00 30.82 ? 172 GLN A NE2   1 
ATOM   1275 N  N     . GLN A 1 173 ? 4.528   -9.769  10.361  1.00 32.57 ? 173 GLN A N     1 
ATOM   1276 C  CA    . GLN A 1 173 ? 4.055   -11.127 10.077  1.00 33.09 ? 173 GLN A CA    1 
ATOM   1277 C  C     . GLN A 1 173 ? 2.529   -11.180 10.061  1.00 31.84 ? 173 GLN A C     1 
ATOM   1278 O  O     . GLN A 1 173 ? 1.925   -11.774 9.162   1.00 31.85 ? 173 GLN A O     1 
ATOM   1279 C  CB    . GLN A 1 173 ? 4.563   -12.099 11.137  1.00 37.69 ? 173 GLN A CB    1 
ATOM   1280 C  CG    . GLN A 1 173 ? 6.074   -12.227 11.212  1.00 44.31 ? 173 GLN A CG    1 
ATOM   1281 C  CD    . GLN A 1 173 ? 6.510   -13.055 12.411  1.00 48.76 ? 173 GLN A CD    1 
ATOM   1282 O  OE1   . GLN A 1 173 ? 5.983   -14.148 12.647  1.00 50.62 ? 173 GLN A OE1   1 
ATOM   1283 N  NE2   . GLN A 1 173 ? 7.477   -12.542 13.173  1.00 49.13 ? 173 GLN A NE2   1 
ATOM   1284 N  N     . ARG A 1 174 ? 1.904   -10.579 11.067  1.00 27.53 ? 174 ARG A N     1 
ATOM   1285 C  CA    . ARG A 1 174 ? 0.450   -10.571 11.128  1.00 27.93 ? 174 ARG A CA    1 
ATOM   1286 C  C     . ARG A 1 174 ? -0.123  -9.835  9.918   1.00 27.22 ? 174 ARG A C     1 
ATOM   1287 O  O     . ARG A 1 174 ? -1.107  -10.277 9.322   1.00 27.05 ? 174 ARG A O     1 
ATOM   1288 C  CB    . ARG A 1 174 ? -0.035  -9.913  12.423  1.00 25.74 ? 174 ARG A CB    1 
ATOM   1289 C  CG    . ARG A 1 174 ? 0.371   -10.652 13.679  1.00 26.21 ? 174 ARG A CG    1 
ATOM   1290 C  CD    . ARG A 1 174 ? -0.538  -10.293 14.855  1.00 27.71 ? 174 ARG A CD    1 
ATOM   1291 N  NE    . ARG A 1 174 ? -0.491  -8.872  15.174  1.00 30.15 ? 174 ARG A NE    1 
ATOM   1292 C  CZ    . ARG A 1 174 ? 0.531   -8.259  15.768  1.00 33.92 ? 174 ARG A CZ    1 
ATOM   1293 N  NH1   . ARG A 1 174 ? 1.614   -8.941  16.129  1.00 31.31 ? 174 ARG A NH1   1 
ATOM   1294 N  NH2   . ARG A 1 174 ? 0.477   -6.949  15.986  1.00 32.38 ? 174 ARG A NH2   1 
ATOM   1295 N  N     . THR A 1 175 ? 0.504   -8.718  9.559   1.00 27.99 ? 175 THR A N     1 
ATOM   1296 C  CA    . THR A 1 175 ? 0.067   -7.912  8.417   1.00 28.31 ? 175 THR A CA    1 
ATOM   1297 C  C     . THR A 1 175 ? 0.131   -8.761  7.151   1.00 29.08 ? 175 THR A C     1 
ATOM   1298 O  O     . THR A 1 175 ? -0.721  -8.652  6.259   1.00 27.66 ? 175 THR A O     1 
ATOM   1299 C  CB    . THR A 1 175 ? 0.961   -6.667  8.252   1.00 28.72 ? 175 THR A CB    1 
ATOM   1300 O  OG1   . THR A 1 175 ? 0.773   -5.799  9.378   1.00 29.94 ? 175 THR A OG1   1 
ATOM   1301 C  CG2   . THR A 1 175 ? 0.627   -5.922  6.978   1.00 28.10 ? 175 THR A CG2   1 
ATOM   1302 N  N     . GLY A 1 176 ? 1.148   -9.613  7.080   1.00 28.78 ? 176 GLY A N     1 
ATOM   1303 C  CA    . GLY A 1 176 ? 1.292   -10.485 5.932   1.00 29.56 ? 176 GLY A CA    1 
ATOM   1304 C  C     . GLY A 1 176 ? 0.112   -11.435 5.857   1.00 28.92 ? 176 GLY A C     1 
ATOM   1305 O  O     . GLY A 1 176 ? -0.461  -11.633 4.789   1.00 28.22 ? 176 GLY A O     1 
ATOM   1306 N  N     . ALA A 1 177 ? -0.255  -12.017 6.997   1.00 27.31 ? 177 ALA A N     1 
ATOM   1307 C  CA    . ALA A 1 177 ? -1.368  -12.959 7.074   1.00 28.09 ? 177 ALA A CA    1 
ATOM   1308 C  C     . ALA A 1 177 ? -2.717  -12.294 6.753   1.00 28.01 ? 177 ALA A C     1 
ATOM   1309 O  O     . ALA A 1 177 ? -3.595  -12.913 6.145   1.00 27.77 ? 177 ALA A O     1 
ATOM   1310 C  CB    . ALA A 1 177 ? -1.415  -13.596 8.464   1.00 28.23 ? 177 ALA A CB    1 
ATOM   1311 N  N     . VAL A 1 178 ? -2.884  -11.041 7.158   1.00 26.15 ? 178 VAL A N     1 
ATOM   1312 C  CA    . VAL A 1 178 ? -4.133  -10.338 6.878   1.00 26.87 ? 178 VAL A CA    1 
ATOM   1313 C  C     . VAL A 1 178 ? -4.210  -10.105 5.370   1.00 27.95 ? 178 VAL A C     1 
ATOM   1314 O  O     . VAL A 1 178 ? -5.243  -10.345 4.747   1.00 29.39 ? 178 VAL A O     1 
ATOM   1315 C  CB    . VAL A 1 178 ? -4.192  -8.992  7.620   1.00 24.54 ? 178 VAL A CB    1 
ATOM   1316 C  CG1   . VAL A 1 178 ? -5.447  -8.226  7.219   1.00 24.45 ? 178 VAL A CG1   1 
ATOM   1317 C  CG2   . VAL A 1 178 ? -4.181  -9.240  9.122   1.00 26.69 ? 178 VAL A CG2   1 
ATOM   1318 N  N     . TYR A 1 179 ? -3.108  -9.652  4.781   1.00 27.83 ? 179 TYR A N     1 
ATOM   1319 C  CA    . TYR A 1 179 ? -3.070  -9.418  3.337   1.00 29.43 ? 179 TYR A CA    1 
ATOM   1320 C  C     . TYR A 1 179 ? -3.509  -10.670 2.564   1.00 29.10 ? 179 TYR A C     1 
ATOM   1321 O  O     . TYR A 1 179 ? -4.291  -10.586 1.623   1.00 31.74 ? 179 TYR A O     1 
ATOM   1322 C  CB    . TYR A 1 179 ? -1.657  -9.025  2.895   1.00 28.11 ? 179 TYR A CB    1 
ATOM   1323 C  CG    . TYR A 1 179 ? -1.382  -7.536  2.828   1.00 27.24 ? 179 TYR A CG    1 
ATOM   1324 C  CD1   . TYR A 1 179 ? -2.202  -6.683  2.084   1.00 25.06 ? 179 TYR A CD1   1 
ATOM   1325 C  CD2   . TYR A 1 179 ? -0.232  -7.002  3.401   1.00 25.33 ? 179 TYR A CD2   1 
ATOM   1326 C  CE1   . TYR A 1 179 ? -1.870  -5.346  1.898   1.00 25.09 ? 179 TYR A CE1   1 
ATOM   1327 C  CE2   . TYR A 1 179 ? 0.113   -5.668  3.221   1.00 26.59 ? 179 TYR A CE2   1 
ATOM   1328 C  CZ    . TYR A 1 179 ? -0.702  -4.842  2.461   1.00 29.28 ? 179 TYR A CZ    1 
ATOM   1329 O  OH    . TYR A 1 179 ? -0.303  -3.541  2.202   1.00 28.79 ? 179 TYR A OH    1 
ATOM   1330 N  N     . ALA A 1 180 ? -2.999  -11.831 2.959   1.00 29.58 ? 180 ALA A N     1 
ATOM   1331 C  CA    . ALA A 1 180 ? -3.348  -13.077 2.287   1.00 29.54 ? 180 ALA A CA    1 
ATOM   1332 C  C     . ALA A 1 180 ? -4.843  -13.353 2.391   1.00 30.17 ? 180 ALA A C     1 
ATOM   1333 O  O     . ALA A 1 180 ? -5.424  -13.951 1.488   1.00 29.84 ? 180 ALA A O     1 
ATOM   1334 C  CB    . ALA A 1 180 ? -2.559  -14.231 2.874   1.00 29.37 ? 180 ALA A CB    1 
ATOM   1335 N  N     . GLU A 1 181 ? -5.469  -12.922 3.486   1.00 29.77 ? 181 GLU A N     1 
ATOM   1336 C  CA    . GLU A 1 181 ? -6.908  -13.133 3.648   1.00 30.70 ? 181 GLU A CA    1 
ATOM   1337 C  C     . GLU A 1 181 ? -7.680  -12.149 2.775   1.00 28.03 ? 181 GLU A C     1 
ATOM   1338 O  O     . GLU A 1 181 ? -8.670  -12.514 2.137   1.00 27.10 ? 181 GLU A O     1 
ATOM   1339 C  CB    . GLU A 1 181 ? -7.341  -12.935 5.101   1.00 35.43 ? 181 GLU A CB    1 
ATOM   1340 C  CG    . GLU A 1 181 ? -6.719  -13.882 6.108   1.00 41.99 ? 181 GLU A CG    1 
ATOM   1341 C  CD    . GLU A 1 181 ? -7.200  -13.599 7.529   1.00 45.40 ? 181 GLU A CD    1 
ATOM   1342 O  OE1   . GLU A 1 181 ? -7.089  -12.434 7.972   1.00 44.48 ? 181 GLU A OE1   1 
ATOM   1343 O  OE2   . GLU A 1 181 ? -7.689  -14.540 8.198   1.00 49.23 ? 181 GLU A OE2   1 
ATOM   1344 N  N     . LEU A 1 182 ? -7.224  -10.901 2.757   1.00 26.24 ? 182 LEU A N     1 
ATOM   1345 C  CA    . LEU A 1 182 ? -7.878  -9.865  1.966   1.00 26.66 ? 182 LEU A CA    1 
ATOM   1346 C  C     . LEU A 1 182 ? -7.944  -10.276 0.498   1.00 27.10 ? 182 LEU A C     1 
ATOM   1347 O  O     . LEU A 1 182 ? -8.973  -10.092 -0.158  1.00 25.16 ? 182 LEU A O     1 
ATOM   1348 C  CB    . LEU A 1 182 ? -7.133  -8.532  2.102   1.00 26.10 ? 182 LEU A CB    1 
ATOM   1349 C  CG    . LEU A 1 182 ? -7.187  -7.835  3.461   1.00 26.41 ? 182 LEU A CG    1 
ATOM   1350 C  CD1   . LEU A 1 182 ? -6.318  -6.602  3.450   1.00 28.23 ? 182 LEU A CD1   1 
ATOM   1351 C  CD2   . LEU A 1 182 ? -8.604  -7.455  3.785   1.00 27.62 ? 182 LEU A CD2   1 
ATOM   1352 N  N     . ALA A 1 183 ? -6.849  -10.843 -0.002  1.00 26.20 ? 183 ALA A N     1 
ATOM   1353 C  CA    . ALA A 1 183 ? -6.765  -11.287 -1.396  1.00 28.11 ? 183 ALA A CA    1 
ATOM   1354 C  C     . ALA A 1 183 ? -7.747  -12.418 -1.720  1.00 28.87 ? 183 ALA A C     1 
ATOM   1355 O  O     . ALA A 1 183 ? -8.472  -12.362 -2.720  1.00 29.04 ? 183 ALA A O     1 
ATOM   1356 C  CB    . ALA A 1 183 ? -5.331  -11.728 -1.721  1.00 23.87 ? 183 ALA A CB    1 
ATOM   1357 N  N     . ALA A 1 184 ? -7.766  -13.447 -0.880  1.00 29.38 ? 184 ALA A N     1 
ATOM   1358 C  CA    . ALA A 1 184 ? -8.658  -14.579 -1.092  1.00 30.74 ? 184 ALA A CA    1 
ATOM   1359 C  C     . ALA A 1 184 ? -10.117 -14.141 -1.022  1.00 31.76 ? 184 ALA A C     1 
ATOM   1360 O  O     . ALA A 1 184 ? -10.998 -14.782 -1.583  1.00 29.66 ? 184 ALA A O     1 
ATOM   1361 C  CB    . ALA A 1 184 ? -8.399  -15.652 -0.038  1.00 31.46 ? 184 ALA A CB    1 
ATOM   1362 N  N     . GLN A 1 185 ? -10.346 -13.047 -0.309  1.00 31.83 ? 185 GLN A N     1 
ATOM   1363 C  CA    . GLN A 1 185 ? -11.671 -12.479 -0.093  1.00 32.29 ? 185 GLN A CA    1 
ATOM   1364 C  C     . GLN A 1 185 ? -12.074 -11.570 -1.244  1.00 29.70 ? 185 GLN A C     1 
ATOM   1365 O  O     . GLN A 1 185 ? -13.260 -11.293 -1.450  1.00 29.25 ? 185 GLN A O     1 
ATOM   1366 C  CB    . GLN A 1 185 ? -11.636 -11.668 1.205   1.00 35.99 ? 185 GLN A CB    1 
ATOM   1367 C  CG    . GLN A 1 185 ? -12.942 -11.531 1.922   1.00 42.13 ? 185 GLN A CG    1 
ATOM   1368 C  CD    . GLN A 1 185 ? -12.812 -10.690 3.175   1.00 44.22 ? 185 GLN A CD    1 
ATOM   1369 O  OE1   . GLN A 1 185 ? -12.500 -9.504  3.112   1.00 46.95 ? 185 GLN A OE1   1 
ATOM   1370 N  NE2   . GLN A 1 185 ? -13.048 -11.303 4.319   1.00 47.25 ? 185 GLN A NE2   1 
ATOM   1371 N  N     . GLY A 1 186 ? -11.077 -11.108 -1.991  1.00 27.22 ? 186 GLY A N     1 
ATOM   1372 C  CA    . GLY A 1 186 ? -11.336 -10.202 -3.091  1.00 27.53 ? 186 GLY A CA    1 
ATOM   1373 C  C     . GLY A 1 186 ? -11.768 -8.871  -2.513  1.00 27.74 ? 186 GLY A C     1 
ATOM   1374 O  O     . GLY A 1 186 ? -12.619 -8.186  -3.062  1.00 27.39 ? 186 GLY A O     1 
ATOM   1375 N  N     . TRP A 1 187 ? -11.181 -8.506  -1.383  1.00 26.88 ? 187 TRP A N     1 
ATOM   1376 C  CA    . TRP A 1 187 ? -11.516 -7.256  -0.706  1.00 28.07 ? 187 TRP A CA    1 
ATOM   1377 C  C     . TRP A 1 187 ? -11.245 -6.004  -1.551  1.00 29.23 ? 187 TRP A C     1 
ATOM   1378 O  O     . TRP A 1 187 ? -10.108 -5.763  -1.979  1.00 29.91 ? 187 TRP A O     1 
ATOM   1379 C  CB    . TRP A 1 187 ? -10.737 -7.177  0.598   1.00 27.58 ? 187 TRP A CB    1 
ATOM   1380 C  CG    . TRP A 1 187 ? -11.157 -6.091  1.527   1.00 30.22 ? 187 TRP A CG    1 
ATOM   1381 C  CD1   . TRP A 1 187 ? -12.018 -6.204  2.576   1.00 29.63 ? 187 TRP A CD1   1 
ATOM   1382 C  CD2   . TRP A 1 187 ? -10.663 -4.747  1.553   1.00 29.73 ? 187 TRP A CD2   1 
ATOM   1383 N  NE1   . TRP A 1 187 ? -12.083 -5.022  3.264   1.00 30.81 ? 187 TRP A NE1   1 
ATOM   1384 C  CE2   . TRP A 1 187 ? -11.260 -4.108  2.659   1.00 29.83 ? 187 TRP A CE2   1 
ATOM   1385 C  CE3   . TRP A 1 187 ? -9.769  -4.023  0.753   1.00 27.72 ? 187 TRP A CE3   1 
ATOM   1386 C  CZ2   . TRP A 1 187 ? -10.992 -2.776  2.992   1.00 28.47 ? 187 TRP A CZ2   1 
ATOM   1387 C  CZ3   . TRP A 1 187 ? -9.501  -2.696  1.082   1.00 29.40 ? 187 TRP A CZ3   1 
ATOM   1388 C  CH2   . TRP A 1 187 ? -10.115 -2.087  2.198   1.00 27.95 ? 187 TRP A CH2   1 
ATOM   1389 N  N     . GLY A 1 188 ? -12.291 -5.205  -1.784  1.00 28.55 ? 188 GLY A N     1 
ATOM   1390 C  CA    . GLY A 1 188 ? -12.156 -3.984  -2.563  1.00 27.02 ? 188 GLY A CA    1 
ATOM   1391 C  C     . GLY A 1 188 ? -12.031 -4.144  -4.075  1.00 28.20 ? 188 GLY A C     1 
ATOM   1392 O  O     . GLY A 1 188 ? -12.024 -3.155  -4.813  1.00 28.62 ? 188 GLY A O     1 
ATOM   1393 N  N     . GLY A 1 189 ? -11.953 -5.382  -4.542  1.00 27.98 ? 189 GLY A N     1 
ATOM   1394 C  CA    . GLY A 1 189 ? -11.795 -5.635  -5.968  1.00 29.10 ? 189 GLY A CA    1 
ATOM   1395 C  C     . GLY A 1 189 ? -10.984 -6.907  -6.184  1.00 29.19 ? 189 GLY A C     1 
ATOM   1396 O  O     . GLY A 1 189 ? -10.563 -7.542  -5.222  1.00 28.19 ? 189 GLY A O     1 
ATOM   1397 N  N     . ARG A 1 190 ? -10.735 -7.292  -7.427  1.00 30.36 ? 190 ARG A N     1 
ATOM   1398 C  CA    . ARG A 1 190 ? -9.989  -8.530  -7.633  1.00 31.40 ? 190 ARG A CA    1 
ATOM   1399 C  C     . ARG A 1 190 ? -8.501  -8.413  -7.323  1.00 30.63 ? 190 ARG A C     1 
ATOM   1400 O  O     . ARG A 1 190 ? -7.879  -7.368  -7.538  1.00 29.27 ? 190 ARG A O     1 
ATOM   1401 C  CB    . ARG A 1 190 ? -10.210 -9.075  -9.050  1.00 33.43 ? 190 ARG A CB    1 
ATOM   1402 C  CG    . ARG A 1 190 ? -9.594  -8.285  -10.174 1.00 39.80 ? 190 ARG A CG    1 
ATOM   1403 C  CD    . ARG A 1 190 ? -9.928  -8.962  -11.499 1.00 44.48 ? 190 ARG A CD    1 
ATOM   1404 N  NE    . ARG A 1 190 ? -9.695  -10.405 -11.434 1.00 48.27 ? 190 ARG A NE    1 
ATOM   1405 C  CZ    . ARG A 1 190 ? -10.018 -11.264 -12.400 1.00 51.91 ? 190 ARG A CZ    1 
ATOM   1406 N  NH1   . ARG A 1 190 ? -10.592 -10.831 -13.517 1.00 52.34 ? 190 ARG A NH1   1 
ATOM   1407 N  NH2   . ARG A 1 190 ? -9.766  -12.562 -12.253 1.00 51.90 ? 190 ARG A NH2   1 
ATOM   1408 N  N     . TRP A 1 191 ? -7.953  -9.492  -6.778  1.00 28.15 ? 191 TRP A N     1 
ATOM   1409 C  CA    . TRP A 1 191 ? -6.542  -9.544  -6.407  1.00 28.96 ? 191 TRP A CA    1 
ATOM   1410 C  C     . TRP A 1 191 ? -5.769  -10.565 -7.230  1.00 28.91 ? 191 TRP A C     1 
ATOM   1411 O  O     . TRP A 1 191 ? -6.331  -11.501 -7.793  1.00 27.23 ? 191 TRP A O     1 
ATOM   1412 C  CB    . TRP A 1 191 ? -6.365  -9.913  -4.926  1.00 28.56 ? 191 TRP A CB    1 
ATOM   1413 C  CG    . TRP A 1 191 ? -6.700  -8.834  -3.958  1.00 29.39 ? 191 TRP A CG    1 
ATOM   1414 C  CD1   . TRP A 1 191 ? -7.935  -8.313  -3.710  1.00 28.46 ? 191 TRP A CD1   1 
ATOM   1415 C  CD2   . TRP A 1 191 ? -5.794  -8.165  -3.070  1.00 30.10 ? 191 TRP A CD2   1 
ATOM   1416 N  NE1   . TRP A 1 191 ? -7.858  -7.365  -2.721  1.00 29.38 ? 191 TRP A NE1   1 
ATOM   1417 C  CE2   . TRP A 1 191 ? -6.557  -7.253  -2.307  1.00 30.64 ? 191 TRP A CE2   1 
ATOM   1418 C  CE3   . TRP A 1 191 ? -4.416  -8.253  -2.838  1.00 29.84 ? 191 TRP A CE3   1 
ATOM   1419 C  CZ2   . TRP A 1 191 ? -5.986  -6.428  -1.326  1.00 30.87 ? 191 TRP A CZ2   1 
ATOM   1420 C  CZ3   . TRP A 1 191 ? -3.847  -7.433  -1.859  1.00 31.90 ? 191 TRP A CZ3   1 
ATOM   1421 C  CH2   . TRP A 1 191 ? -4.633  -6.532  -1.116  1.00 31.29 ? 191 TRP A CH2   1 
ATOM   1422 N  N     . LEU A 1 192 ? -4.457  -10.377 -7.245  1.00 31.07 ? 192 LEU A N     1 
ATOM   1423 C  CA    . LEU A 1 192 ? -3.537  -11.235 -7.960  1.00 32.33 ? 192 LEU A CA    1 
ATOM   1424 C  C     . LEU A 1 192 ? -2.355  -11.349 -7.017  1.00 33.60 ? 192 LEU A C     1 
ATOM   1425 O  O     . LEU A 1 192 ? -1.785  -10.333 -6.623  1.00 33.48 ? 192 LEU A O     1 
ATOM   1426 C  CB    . LEU A 1 192 ? -3.092  -10.550 -9.245  1.00 34.42 ? 192 LEU A CB    1 
ATOM   1427 C  CG    . LEU A 1 192 ? -3.187  -11.298 -10.565 1.00 37.34 ? 192 LEU A CG    1 
ATOM   1428 C  CD1   . LEU A 1 192 ? -2.411  -10.498 -11.593 1.00 39.27 ? 192 LEU A CD1   1 
ATOM   1429 C  CD2   . LEU A 1 192 ? -2.628  -12.710 -10.438 1.00 38.69 ? 192 LEU A CD2   1 
ATOM   1430 N  N     . VAL A 1 193 ? -2.008  -12.571 -6.634  1.00 33.92 ? 193 VAL A N     1 
ATOM   1431 C  CA    . VAL A 1 193 ? -0.880  -12.788 -5.741  1.00 35.49 ? 193 VAL A CA    1 
ATOM   1432 C  C     . VAL A 1 193 ? 0.320   -13.272 -6.549  1.00 37.29 ? 193 VAL A C     1 
ATOM   1433 O  O     . VAL A 1 193 ? 0.222   -14.235 -7.307  1.00 35.88 ? 193 VAL A O     1 
ATOM   1434 C  CB    . VAL A 1 193 ? -1.210  -13.837 -4.669  1.00 35.90 ? 193 VAL A CB    1 
ATOM   1435 C  CG1   . VAL A 1 193 ? -0.058  -13.945 -3.675  1.00 34.42 ? 193 VAL A CG1   1 
ATOM   1436 C  CG2   . VAL A 1 193 ? -2.506  -13.461 -3.960  1.00 35.99 ? 193 VAL A CG2   1 
ATOM   1437 N  N     . VAL A 1 194 ? 1.446   -12.587 -6.391  1.00 38.41 ? 194 VAL A N     1 
ATOM   1438 C  CA    . VAL A 1 194 ? 2.665   -12.946 -7.103  1.00 39.72 ? 194 VAL A CA    1 
ATOM   1439 C  C     . VAL A 1 194 ? 3.844   -12.973 -6.144  1.00 41.55 ? 194 VAL A C     1 
ATOM   1440 O  O     . VAL A 1 194 ? 3.746   -12.503 -5.008  1.00 42.37 ? 194 VAL A O     1 
ATOM   1441 C  CB    . VAL A 1 194 ? 2.976   -11.942 -8.222  1.00 38.91 ? 194 VAL A CB    1 
ATOM   1442 C  CG1   . VAL A 1 194 ? 1.795   -11.850 -9.179  1.00 40.17 ? 194 VAL A CG1   1 
ATOM   1443 C  CG2   . VAL A 1 194 ? 3.300   -10.584 -7.624  1.00 38.23 ? 194 VAL A CG2   1 
ATOM   1444 N  N     . GLY A 1 195 ? 4.957   -13.527 -6.608  1.00 42.50 ? 195 GLY A N     1 
ATOM   1445 C  CA    . GLY A 1 195 ? 6.147   -13.601 -5.784  1.00 44.42 ? 195 GLY A CA    1 
ATOM   1446 C  C     . GLY A 1 195 ? 7.287   -12.785 -6.365  1.00 46.66 ? 195 GLY A C     1 
ATOM   1447 O  O     . GLY A 1 195 ? 7.125   -12.092 -7.379  1.00 45.65 ? 195 GLY A O     1 
ATOM   1448 N  N     . ALA A 1 196 ? 8.447   -12.869 -5.722  1.00 48.21 ? 196 ALA A N     1 
ATOM   1449 C  CA    . ALA A 1 196 ? 9.628   -12.133 -6.160  1.00 49.54 ? 196 ALA A CA    1 
ATOM   1450 C  C     . ALA A 1 196 ? 9.981   -12.388 -7.623  1.00 50.03 ? 196 ALA A C     1 
ATOM   1451 O  O     . ALA A 1 196 ? 10.394  -11.474 -8.336  1.00 50.61 ? 196 ALA A O     1 
ATOM   1452 C  CB    . ALA A 1 196 ? 10.814  -12.483 -5.271  1.00 47.82 ? 196 ALA A CB    1 
ATOM   1453 N  N     . ASP A 1 197 ? 9.803   -13.623 -8.073  1.00 51.53 ? 197 ASP A N     1 
ATOM   1454 C  CA    . ASP A 1 197 ? 10.131  -13.988 -9.448  1.00 53.97 ? 197 ASP A CA    1 
ATOM   1455 C  C     . ASP A 1 197 ? 9.095   -13.652 -10.529 1.00 54.48 ? 197 ASP A C     1 
ATOM   1456 O  O     . ASP A 1 197 ? 9.317   -13.939 -11.705 1.00 56.13 ? 197 ASP A O     1 
ATOM   1457 C  CB    . ASP A 1 197 ? 10.462  -15.482 -9.515  1.00 55.33 ? 197 ASP A CB    1 
ATOM   1458 C  CG    . ASP A 1 197 ? 9.484   -16.332 -8.724  1.00 58.71 ? 197 ASP A CG    1 
ATOM   1459 O  OD1   . ASP A 1 197 ? 8.258   -16.179 -8.923  1.00 59.54 ? 197 ASP A OD1   1 
ATOM   1460 O  OD2   . ASP A 1 197 ? 9.944   -17.157 -7.902  1.00 58.30 ? 197 ASP A OD2   1 
ATOM   1461 N  N     . VAL A 1 198 ? 7.977   -13.042 -10.153 1.00 54.09 ? 198 VAL A N     1 
ATOM   1462 C  CA    . VAL A 1 198 ? 6.949   -12.705 -11.138 1.00 53.98 ? 198 VAL A CA    1 
ATOM   1463 C  C     . VAL A 1 198 ? 7.528   -11.986 -12.365 1.00 53.43 ? 198 VAL A C     1 
ATOM   1464 O  O     . VAL A 1 198 ? 8.314   -11.051 -12.234 1.00 53.62 ? 198 VAL A O     1 
ATOM   1465 C  CB    . VAL A 1 198 ? 5.842   -11.818 -10.509 1.00 53.95 ? 198 VAL A CB    1 
ATOM   1466 C  CG1   . VAL A 1 198 ? 6.439   -10.514 -10.003 1.00 54.25 ? 198 VAL A CG1   1 
ATOM   1467 C  CG2   . VAL A 1 198 ? 4.746   -11.546 -11.531 1.00 54.46 ? 198 VAL A CG2   1 
ATOM   1468 N  N     . ASP A 1 199 ? 7.134   -12.437 -13.553 1.00 52.85 ? 199 ASP A N     1 
ATOM   1469 C  CA    . ASP A 1 199 ? 7.597   -11.851 -14.810 1.00 52.34 ? 199 ASP A CA    1 
ATOM   1470 C  C     . ASP A 1 199 ? 6.778   -10.608 -15.136 1.00 51.46 ? 199 ASP A C     1 
ATOM   1471 O  O     . ASP A 1 199 ? 5.555   -10.680 -15.271 1.00 51.17 ? 199 ASP A O     1 
ATOM   1472 C  CB    . ASP A 1 199 ? 7.457   -12.864 -15.954 1.00 53.82 ? 199 ASP A CB    1 
ATOM   1473 C  CG    . ASP A 1 199 ? 7.858   -12.286 -17.302 1.00 53.96 ? 199 ASP A CG    1 
ATOM   1474 O  OD1   . ASP A 1 199 ? 9.072   -12.140 -17.559 1.00 55.64 ? 199 ASP A OD1   1 
ATOM   1475 O  OD2   . ASP A 1 199 ? 6.957   -11.969 -18.105 1.00 54.09 ? 199 ASP A OD2   1 
ATOM   1476 N  N     . PRO A 1 200 ? 7.447   -9.453  -15.276 1.00 50.43 ? 200 PRO A N     1 
ATOM   1477 C  CA    . PRO A 1 200 ? 6.810   -8.165  -15.585 1.00 49.56 ? 200 PRO A CA    1 
ATOM   1478 C  C     . PRO A 1 200 ? 6.014   -8.144  -16.889 1.00 48.37 ? 200 PRO A C     1 
ATOM   1479 O  O     . PRO A 1 200 ? 4.984   -7.475  -16.982 1.00 47.65 ? 200 PRO A O     1 
ATOM   1480 C  CB    . PRO A 1 200 ? 7.989   -7.195  -15.616 1.00 49.43 ? 200 PRO A CB    1 
ATOM   1481 C  CG    . PRO A 1 200 ? 8.960   -7.814  -14.655 1.00 49.75 ? 200 PRO A CG    1 
ATOM   1482 C  CD    . PRO A 1 200 ? 8.889   -9.273  -15.035 1.00 49.77 ? 200 PRO A CD    1 
ATOM   1483 N  N     . GLY A 1 201 ? 6.502   -8.865  -17.895 1.00 47.70 ? 201 GLY A N     1 
ATOM   1484 C  CA    . GLY A 1 201 ? 5.820   -8.918  -19.180 1.00 46.18 ? 201 GLY A CA    1 
ATOM   1485 C  C     . GLY A 1 201 ? 4.487   -9.640  -19.090 1.00 45.53 ? 201 GLY A C     1 
ATOM   1486 O  O     . GLY A 1 201 ? 3.460   -9.106  -19.499 1.00 45.26 ? 201 GLY A O     1 
ATOM   1487 N  N     . ARG A 1 202 ? 4.501   -10.861 -18.562 1.00 45.00 ? 202 ARG A N     1 
ATOM   1488 C  CA    . ARG A 1 202 ? 3.274   -11.625 -18.409 1.00 45.28 ? 202 ARG A CA    1 
ATOM   1489 C  C     . ARG A 1 202 ? 2.339   -10.907 -17.437 1.00 45.19 ? 202 ARG A C     1 
ATOM   1490 O  O     . ARG A 1 202 ? 1.159   -10.705 -17.738 1.00 45.24 ? 202 ARG A O     1 
ATOM   1491 C  CB    . ARG A 1 202 ? 3.564   -13.022 -17.868 1.00 45.79 ? 202 ARG A CB    1 
ATOM   1492 C  CG    . ARG A 1 202 ? 4.221   -13.979 -18.834 1.00 48.93 ? 202 ARG A CG    1 
ATOM   1493 C  CD    . ARG A 1 202 ? 4.393   -15.312 -18.142 1.00 51.81 ? 202 ARG A CD    1 
ATOM   1494 N  NE    . ARG A 1 202 ? 4.988   -15.129 -16.817 1.00 56.80 ? 202 ARG A NE    1 
ATOM   1495 C  CZ    . ARG A 1 202 ? 4.965   -16.034 -15.842 1.00 57.65 ? 202 ARG A CZ    1 
ATOM   1496 N  NH1   . ARG A 1 202 ? 4.369   -17.204 -16.033 1.00 58.12 ? 202 ARG A NH1   1 
ATOM   1497 N  NH2   . ARG A 1 202 ? 5.535   -15.764 -14.672 1.00 57.21 ? 202 ARG A NH2   1 
ATOM   1498 N  N     . LEU A 1 203 ? 2.868   -10.512 -16.279 1.00 43.77 ? 203 LEU A N     1 
ATOM   1499 C  CA    . LEU A 1 203 ? 2.062   -9.831  -15.269 1.00 43.65 ? 203 LEU A CA    1 
ATOM   1500 C  C     . LEU A 1 203 ? 1.286   -8.680  -15.902 1.00 42.91 ? 203 LEU A C     1 
ATOM   1501 O  O     . LEU A 1 203 ? 0.076   -8.569  -15.714 1.00 42.34 ? 203 LEU A O     1 
ATOM   1502 C  CB    . LEU A 1 203 ? 2.945   -9.291  -14.135 1.00 44.22 ? 203 LEU A CB    1 
ATOM   1503 C  CG    . LEU A 1 203 ? 2.285   -8.989  -12.776 1.00 44.13 ? 203 LEU A CG    1 
ATOM   1504 C  CD1   . LEU A 1 203 ? 3.253   -8.202  -11.904 1.00 43.97 ? 203 LEU A CD1   1 
ATOM   1505 C  CD2   . LEU A 1 203 ? 1.021   -8.177  -12.957 1.00 45.66 ? 203 LEU A CD2   1 
ATOM   1506 N  N     . ALA A 1 204 ? 1.983   -7.833  -16.651 1.00 41.96 ? 204 ALA A N     1 
ATOM   1507 C  CA    . ALA A 1 204 ? 1.353   -6.693  -17.308 1.00 42.82 ? 204 ALA A CA    1 
ATOM   1508 C  C     . ALA A 1 204 ? 0.312   -7.137  -18.343 1.00 43.52 ? 204 ALA A C     1 
ATOM   1509 O  O     . ALA A 1 204 ? -0.550  -6.347  -18.735 1.00 44.38 ? 204 ALA A O     1 
ATOM   1510 C  CB    . ALA A 1 204 ? 2.416   -5.820  -17.979 1.00 42.12 ? 204 ALA A CB    1 
ATOM   1511 N  N     . ALA A 1 205 ? 0.406   -8.387  -18.793 1.00 42.89 ? 205 ALA A N     1 
ATOM   1512 C  CA    . ALA A 1 205 ? -0.534  -8.930  -19.777 1.00 42.96 ? 205 ALA A CA    1 
ATOM   1513 C  C     . ALA A 1 205 ? -1.800  -9.374  -19.047 1.00 43.29 ? 205 ALA A C     1 
ATOM   1514 O  O     . ALA A 1 205 ? -2.904  -9.357  -19.599 1.00 42.49 ? 205 ALA A O     1 
ATOM   1515 C  CB    . ALA A 1 205 ? 0.089   -10.111 -20.504 1.00 42.39 ? 205 ALA A CB    1 
ATOM   1516 N  N     . THR A 1 206 ? -1.623  -9.777  -17.798 1.00 43.08 ? 206 THR A N     1 
ATOM   1517 C  CA    . THR A 1 206 ? -2.739  -10.204 -16.977 1.00 44.54 ? 206 THR A CA    1 
ATOM   1518 C  C     . THR A 1 206 ? -3.549  -8.974  -16.562 1.00 44.24 ? 206 THR A C     1 
ATOM   1519 O  O     . THR A 1 206 ? -4.773  -9.022  -16.488 1.00 44.87 ? 206 THR A O     1 
ATOM   1520 C  CB    . THR A 1 206 ? -2.238  -10.929 -15.724 1.00 44.52 ? 206 THR A CB    1 
ATOM   1521 O  OG1   . THR A 1 206 ? -1.377  -12.006 -16.113 1.00 46.56 ? 206 THR A OG1   1 
ATOM   1522 C  CG2   . THR A 1 206 ? -3.407  -11.489 -14.933 1.00 46.65 ? 206 THR A CG2   1 
ATOM   1523 N  N     . LEU A 1 207 ? -2.854  -7.867  -16.318 1.00 44.60 ? 207 LEU A N     1 
ATOM   1524 C  CA    . LEU A 1 207 ? -3.498  -6.629  -15.898 1.00 45.50 ? 207 LEU A CA    1 
ATOM   1525 C  C     . LEU A 1 207 ? -3.935  -5.744  -17.059 1.00 47.50 ? 207 LEU A C     1 
ATOM   1526 O  O     . LEU A 1 207 ? -4.824  -4.924  -16.897 1.00 48.53 ? 207 LEU A O     1 
ATOM   1527 C  CB    . LEU A 1 207 ? -2.559  -5.826  -14.996 1.00 44.11 ? 207 LEU A CB    1 
ATOM   1528 C  CG    . LEU A 1 207 ? -1.954  -6.532  -13.776 1.00 43.15 ? 207 LEU A CG    1 
ATOM   1529 C  CD1   . LEU A 1 207 ? -0.955  -5.606  -13.122 1.00 42.46 ? 207 LEU A CD1   1 
ATOM   1530 C  CD2   . LEU A 1 207 ? -3.037  -6.929  -12.788 1.00 42.78 ? 207 LEU A CD2   1 
ATOM   1531 N  N     . ALA A 1 208 ? -3.307  -5.904  -18.222 1.00 49.95 ? 208 ALA A N     1 
ATOM   1532 C  CA    . ALA A 1 208 ? -3.631  -5.097  -19.408 1.00 52.12 ? 208 ALA A CA    1 
ATOM   1533 C  C     . ALA A 1 208 ? -5.092  -4.638  -19.490 1.00 53.34 ? 208 ALA A C     1 
ATOM   1534 O  O     . ALA A 1 208 ? -5.998  -5.508  -19.495 1.00 53.82 ? 208 ALA A O     1 
ATOM   1535 C  CB    . ALA A 1 208 ? -3.258  -5.871  -20.683 1.00 52.17 ? 208 ALA A CB    1 
HETATM 1536 S  S     . SO4 B 2 .   ? 17.515  0.925   11.902  1.00 31.56 ? 219 SO4 A S     1 
HETATM 1537 O  O1    . SO4 B 2 .   ? 16.658  2.076   11.556  1.00 30.78 ? 219 SO4 A O1    1 
HETATM 1538 O  O2    . SO4 B 2 .   ? 18.919  1.330   11.746  1.00 29.52 ? 219 SO4 A O2    1 
HETATM 1539 O  O3    . SO4 B 2 .   ? 17.262  0.519   13.300  1.00 31.42 ? 219 SO4 A O3    1 
HETATM 1540 O  O4    . SO4 B 2 .   ? 17.222  -0.203  11.011  1.00 29.02 ? 219 SO4 A O4    1 
HETATM 1541 S  S     . SO4 C 2 .   ? 9.058   -1.961  -0.751  1.00 34.73 ? 220 SO4 A S     1 
HETATM 1542 O  O1    . SO4 C 2 .   ? 8.906   -0.965  -1.826  1.00 33.07 ? 220 SO4 A O1    1 
HETATM 1543 O  O2    . SO4 C 2 .   ? 7.876   -2.855  -0.673  1.00 34.56 ? 220 SO4 A O2    1 
HETATM 1544 O  O3    . SO4 C 2 .   ? 9.212   -1.271  0.546   1.00 32.64 ? 220 SO4 A O3    1 
HETATM 1545 O  O4    . SO4 C 2 .   ? 10.246  -2.797  -1.013  1.00 33.43 ? 220 SO4 A O4    1 
HETATM 1546 MG MG    . MG  D 3 .   ? 7.857   1.401   5.098   1.00 46.96 ? 300 MG  A MG    1 
HETATM 1547 P  P     . 5HU E 4 .   ? 5.779   3.241   3.155   1.00 32.22 ? 217 5HU A P     1 
HETATM 1548 O  OP1   . 5HU E 4 .   ? 4.845   2.892   1.898   1.00 34.00 ? 217 5HU A OP1   1 
HETATM 1549 O  OP2   . 5HU E 4 .   ? 7.032   2.121   3.275   1.00 38.81 ? 217 5HU A OP2   1 
HETATM 1550 O  OP3   . 5HU E 4 .   ? 6.439   4.762   3.009   1.00 31.85 ? 217 5HU A OP3   1 
HETATM 1551 O  "O5'" . 5HU E 4 .   ? 4.981   3.077   4.487   1.00 35.20 ? 217 5HU A "O5'" 1 
HETATM 1552 C  "C5'" . 5HU E 4 .   ? 4.179   3.937   5.192   1.00 32.67 ? 217 5HU A "C5'" 1 
HETATM 1553 C  "C4'" . 5HU E 4 .   ? 3.741   3.158   6.459   1.00 32.97 ? 217 5HU A "C4'" 1 
HETATM 1554 O  "O4'" . 5HU E 4 .   ? 2.370   3.222   6.868   1.00 31.33 ? 217 5HU A "O4'" 1 
HETATM 1555 C  "C3'" . 5HU E 4 .   ? 3.963   1.608   6.606   1.00 33.41 ? 217 5HU A "C3'" 1 
HETATM 1556 O  "O3'" . 5HU E 4 .   ? 4.453   0.953   7.861   1.00 34.13 ? 217 5HU A "O3'" 1 
HETATM 1557 C  "C2'" . 5HU E 4 .   ? 2.629   1.194   5.906   1.00 32.03 ? 217 5HU A "C2'" 1 
HETATM 1558 C  "C1'" . 5HU E 4 .   ? 1.627   2.056   6.580   1.00 31.64 ? 217 5HU A "C1'" 1 
HETATM 1559 N  N1    . 5HU E 4 .   ? 0.434   2.526   5.852   1.00 28.25 ? 217 5HU A N1    1 
HETATM 1560 C  C2    . 5HU E 4 .   ? -0.762  2.297   6.496   1.00 29.81 ? 217 5HU A C2    1 
HETATM 1561 O  O2    . 5HU E 4 .   ? -0.774  1.718   7.650   1.00 27.16 ? 217 5HU A O2    1 
HETATM 1562 N  N3    . 5HU E 4 .   ? -1.929  2.663   5.950   1.00 27.45 ? 217 5HU A N3    1 
HETATM 1563 C  C4    . 5HU E 4 .   ? -1.950  3.270   4.745   1.00 29.28 ? 217 5HU A C4    1 
HETATM 1564 O  O4    . 5HU E 4 .   ? -3.129  3.612   4.242   1.00 30.24 ? 217 5HU A O4    1 
HETATM 1565 C  C5    . 5HU E 4 .   ? -0.751  3.534   4.040   1.00 27.83 ? 217 5HU A C5    1 
HETATM 1566 C  C5A   . 5HU E 4 .   ? -0.819  4.216   2.709   1.00 28.72 ? 217 5HU A C5A   1 
HETATM 1567 C  C6    . 5HU E 4 .   ? 0.449   3.140   4.632   1.00 29.51 ? 217 5HU A C6    1 
HETATM 1568 O  O5B   . 5HU E 4 .   ? -0.736  5.242   2.930   1.00 27.79 ? 217 5HU A O5B   1 
HETATM 1569 O  O     . HOH F 5 .   ? 8.851   3.430   4.912   1.00 34.54 ? 301 HOH A O     1 
HETATM 1570 O  O     . HOH F 5 .   ? -2.763  -11.658 11.132  1.00 33.54 ? 302 HOH A O     1 
HETATM 1571 O  O     . HOH F 5 .   ? 3.427   6.914   -20.279 1.00 40.94 ? 303 HOH A O     1 
HETATM 1572 O  O     . HOH F 5 .   ? -3.498  1.584   11.825  1.00 29.42 ? 304 HOH A O     1 
HETATM 1573 O  O     . HOH F 5 .   ? -17.382 0.449   0.682   1.00 30.77 ? 305 HOH A O     1 
HETATM 1574 O  O     . HOH F 5 .   ? -16.092 -1.522  11.852  1.00 32.05 ? 306 HOH A O     1 
HETATM 1575 O  O     . HOH F 5 .   ? 3.655   -8.687  1.274   1.00 32.95 ? 307 HOH A O     1 
HETATM 1576 O  O     . HOH F 5 .   ? -14.142 -8.347  -5.316  1.00 36.70 ? 308 HOH A O     1 
HETATM 1577 O  O     . HOH F 5 .   ? 10.542  1.204   -0.554  1.00 48.81 ? 309 HOH A O     1 
HETATM 1578 O  O     . HOH F 5 .   ? -1.983  7.645   2.673   1.00 39.40 ? 310 HOH A O     1 
HETATM 1579 O  O     . HOH F 5 .   ? 0.978   -1.658  17.063  1.00 39.70 ? 311 HOH A O     1 
HETATM 1580 O  O     . HOH F 5 .   ? -3.834  -10.104 13.257  1.00 33.14 ? 312 HOH A O     1 
HETATM 1581 O  O     . HOH F 5 .   ? -19.291 4.476   9.815   1.00 50.12 ? 313 HOH A O     1 
HETATM 1582 O  O     . HOH F 5 .   ? -5.541  -1.181  -2.088  1.00 32.36 ? 314 HOH A O     1 
HETATM 1583 O  O     . HOH F 5 .   ? 6.818   0.910   -1.388  1.00 36.42 ? 315 HOH A O     1 
HETATM 1584 O  O     . HOH F 5 .   ? 6.552   0.077   1.401   1.00 34.96 ? 316 HOH A O     1 
HETATM 1585 O  O     . HOH F 5 .   ? 7.098   1.630   6.909   1.00 33.93 ? 317 HOH A O     1 
HETATM 1586 O  O     . HOH F 5 .   ? 19.209  4.817   8.620   1.00 33.12 ? 318 HOH A O     1 
HETATM 1587 O  O     . HOH F 5 .   ? -11.770 -5.417  -9.494  1.00 31.64 ? 319 HOH A O     1 
HETATM 1588 O  O     . HOH F 5 .   ? 9.154   0.294   3.238   1.00 31.19 ? 320 HOH A O     1 
HETATM 1589 O  O     . HOH F 5 .   ? -8.905  -4.507  -7.058  1.00 31.53 ? 321 HOH A O     1 
HETATM 1590 O  O     . HOH F 5 .   ? -3.342  -15.694 6.195   1.00 38.11 ? 322 HOH A O     1 
HETATM 1591 O  O     . HOH F 5 .   ? 19.661  -1.387  9.973   1.00 37.52 ? 323 HOH A O     1 
HETATM 1592 O  O     . HOH F 5 .   ? 6.614   16.257  18.266  1.00 39.44 ? 324 HOH A O     1 
HETATM 1593 O  O     . HOH F 5 .   ? -1.780  2.950   10.162  1.00 31.83 ? 325 HOH A O     1 
HETATM 1594 O  O     . HOH F 5 .   ? -4.421  -15.276 -0.614  1.00 37.09 ? 326 HOH A O     1 
HETATM 1595 O  O     . HOH F 5 .   ? -5.101  -12.890 10.132  1.00 35.81 ? 327 HOH A O     1 
HETATM 1596 O  O     . HOH F 5 .   ? 3.368   9.526   17.859  1.00 39.61 ? 328 HOH A O     1 
HETATM 1597 O  O     . HOH F 5 .   ? -14.397 0.058   14.370  1.00 46.26 ? 329 HOH A O     1 
HETATM 1598 O  O     . HOH F 5 .   ? -18.245 13.966  6.879   1.00 50.69 ? 330 HOH A O     1 
HETATM 1599 O  O     . HOH F 5 .   ? -9.466  -11.669 -5.746  1.00 48.71 ? 331 HOH A O     1 
HETATM 1600 O  O     . HOH F 5 .   ? 8.904   2.728   -17.770 1.00 42.08 ? 332 HOH A O     1 
HETATM 1601 O  O     . HOH F 5 .   ? -14.457 -5.385  5.074   1.00 37.41 ? 333 HOH A O     1 
HETATM 1602 O  O     . HOH F 5 .   ? -14.039 -7.003  7.809   1.00 42.90 ? 334 HOH A O     1 
HETATM 1603 O  O     . HOH F 5 .   ? -10.266 -6.026  10.905  1.00 39.72 ? 335 HOH A O     1 
HETATM 1604 O  O     . HOH F 5 .   ? 4.700   -14.883 -9.097  1.00 46.18 ? 336 HOH A O     1 
HETATM 1605 O  O     . HOH F 5 .   ? 22.534  -2.753  1.492   1.00 56.05 ? 337 HOH A O     1 
HETATM 1606 O  O     . HOH F 5 .   ? -16.774 2.475   -3.615  1.00 39.48 ? 338 HOH A O     1 
HETATM 1607 O  O     . HOH F 5 .   ? -9.161  15.524  -3.849  1.00 45.17 ? 339 HOH A O     1 
HETATM 1608 O  O     . HOH F 5 .   ? 3.893   9.412   -5.860  1.00 43.85 ? 340 HOH A O     1 
HETATM 1609 O  O     . HOH F 5 .   ? 3.376   -6.664  18.065  1.00 50.57 ? 341 HOH A O     1 
HETATM 1610 O  O     . HOH F 5 .   ? 15.872  8.350   8.538   1.00 45.66 ? 342 HOH A O     1 
HETATM 1611 O  O     . HOH F 5 .   ? 8.487   -1.069  16.926  1.00 39.67 ? 343 HOH A O     1 
HETATM 1612 O  O     . HOH F 5 .   ? -1.448  14.156  -5.603  1.00 51.51 ? 344 HOH A O     1 
HETATM 1613 O  O     . HOH F 5 .   ? 14.386  1.054   6.004   1.00 46.27 ? 345 HOH A O     1 
HETATM 1614 O  O     . HOH F 5 .   ? -10.915 -9.876  13.955  1.00 43.82 ? 346 HOH A O     1 
HETATM 1615 O  O     . HOH F 5 .   ? 4.057   8.567   -13.216 1.00 54.97 ? 347 HOH A O     1 
HETATM 1616 O  O     . HOH F 5 .   ? 15.749  -1.590  -1.439  1.00 54.36 ? 348 HOH A O     1 
HETATM 1617 O  O     . HOH F 5 .   ? 4.715   5.571   -7.471  1.00 43.99 ? 349 HOH A O     1 
HETATM 1618 O  O     . HOH F 5 .   ? 12.613  -5.842  13.522  1.00 39.73 ? 350 HOH A O     1 
HETATM 1619 O  O     . HOH F 5 .   ? 5.112   6.891   -0.644  1.00 41.77 ? 351 HOH A O     1 
HETATM 1620 O  O     . HOH F 5 .   ? 11.631  0.002   4.541   1.00 49.22 ? 352 HOH A O     1 
HETATM 1621 O  O     . HOH F 5 .   ? 6.712   14.404  21.008  1.00 59.09 ? 353 HOH A O     1 
HETATM 1622 O  O     . HOH F 5 .   ? -12.505 -7.772  14.781  1.00 38.22 ? 354 HOH A O     1 
HETATM 1623 O  O     . HOH F 5 .   ? 3.342   -13.102 7.129   1.00 45.50 ? 355 HOH A O     1 
HETATM 1624 O  O     . HOH F 5 .   ? -7.580  -6.533  -16.806 1.00 48.57 ? 356 HOH A O     1 
HETATM 1625 O  O     . HOH F 5 .   ? 13.191  -5.148  9.779   1.00 43.31 ? 357 HOH A O     1 
HETATM 1626 O  O     . HOH F 5 .   ? -2.267  18.770  3.267   1.00 40.47 ? 358 HOH A O     1 
HETATM 1627 O  O     . HOH F 5 .   ? 4.433   3.810   -0.736  1.00 41.53 ? 359 HOH A O     1 
HETATM 1628 O  O     . HOH F 5 .   ? 11.428  -9.807  -2.393  1.00 48.49 ? 360 HOH A O     1 
HETATM 1629 O  O     . HOH F 5 .   ? 8.032   -13.937 -3.167  1.00 43.66 ? 361 HOH A O     1 
HETATM 1630 O  O     . HOH F 5 .   ? -17.769 -2.108  5.974   1.00 39.70 ? 362 HOH A O     1 
HETATM 1631 O  O     . HOH F 5 .   ? -4.744  14.228  -12.525 1.00 55.68 ? 363 HOH A O     1 
HETATM 1632 O  O     . HOH F 5 .   ? 8.188   18.665  8.785   1.00 59.22 ? 364 HOH A O     1 
HETATM 1633 O  O     . HOH F 5 .   ? 4.824   12.003  -2.235  1.00 80.55 ? 365 HOH A O     1 
HETATM 1634 O  O     . HOH F 5 .   ? -15.063 2.663   -7.680  1.00 45.79 ? 366 HOH A O     1 
HETATM 1635 O  O     . HOH F 5 .   ? 0.822   -12.076 2.397   1.00 40.98 ? 367 HOH A O     1 
HETATM 1636 O  O     . HOH F 5 .   ? 19.324  5.670   -1.641  1.00 59.74 ? 368 HOH A O     1 
HETATM 1637 O  O     . HOH F 5 .   ? 10.937  -6.893  15.768  1.00 48.36 ? 369 HOH A O     1 
HETATM 1638 O  O     . HOH F 5 .   ? 3.033   18.014  2.888   1.00 57.36 ? 370 HOH A O     1 
HETATM 1639 O  O     . HOH F 5 .   ? 9.867   -6.510  -6.944  1.00 55.48 ? 371 HOH A O     1 
HETATM 1640 O  O     . HOH F 5 .   ? -16.464 -6.573  10.902  1.00 40.76 ? 372 HOH A O     1 
HETATM 1641 O  O     . HOH F 5 .   ? -8.177  2.556   -19.312 1.00 58.70 ? 373 HOH A O     1 
HETATM 1642 O  O     . HOH F 5 .   ? -4.491  -4.533  20.124  1.00 51.55 ? 374 HOH A O     1 
HETATM 1643 O  O     . HOH F 5 .   ? -19.610 7.191   -2.309  1.00 46.05 ? 375 HOH A O     1 
HETATM 1644 O  O     . HOH F 5 .   ? 10.207  -4.260  8.263   1.00 47.49 ? 376 HOH A O     1 
HETATM 1645 O  O     . HOH F 5 .   ? 9.130   16.716  11.929  1.00 62.53 ? 377 HOH A O     1 
# 
